data_1WI9
#
_entry.id   1WI9
#
_entity_poly.entity_id   1
_entity_poly.type   'polypeptide(L)'
_entity_poly.pdbx_seq_one_letter_code
;GSSGSSGFLTEFINYIKKSKVVLLEDLAFQMGLRTQDAINRIQDLLTEGTLTGVIDDRGKFIYITPSGPSSG
;
_entity_poly.pdbx_strand_id   A
#
# COMPACT_ATOMS: atom_id res chain seq x y z
N GLY A 1 9.16 17.80 3.11
CA GLY A 1 7.72 18.01 3.00
C GLY A 1 7.29 18.34 1.58
N SER A 2 6.72 17.36 0.90
CA SER A 2 6.26 17.56 -0.48
C SER A 2 5.22 18.66 -0.56
N SER A 3 5.20 19.38 -1.68
CA SER A 3 4.26 20.46 -1.89
C SER A 3 3.33 20.17 -3.06
N GLY A 4 2.32 21.01 -3.22
CA GLY A 4 1.36 20.83 -4.31
C GLY A 4 0.17 20.00 -3.90
N SER A 5 -0.44 19.30 -4.86
CA SER A 5 -1.60 18.47 -4.59
C SER A 5 -1.19 17.09 -4.09
N SER A 6 -0.31 17.08 -3.09
CA SER A 6 0.18 15.82 -2.53
C SER A 6 -0.64 15.44 -1.30
N GLY A 7 -1.37 14.33 -1.41
CA GLY A 7 -2.18 13.87 -0.29
C GLY A 7 -2.54 12.40 -0.41
N PHE A 8 -2.89 11.96 -1.61
CA PHE A 8 -3.26 10.58 -1.85
C PHE A 8 -2.10 9.64 -1.49
N LEU A 9 -0.88 10.10 -1.72
CA LEU A 9 0.31 9.31 -1.43
C LEU A 9 0.49 9.15 0.08
N THR A 10 0.37 10.25 0.80
CA THR A 10 0.52 10.22 2.26
C THR A 10 -0.59 9.42 2.91
N GLU A 11 -1.83 9.66 2.48
CA GLU A 11 -2.98 8.95 3.03
C GLU A 11 -2.93 7.47 2.65
N PHE A 12 -2.47 7.19 1.44
CA PHE A 12 -2.38 5.82 0.95
C PHE A 12 -1.39 5.01 1.78
N ILE A 13 -0.27 5.63 2.14
CA ILE A 13 0.75 4.97 2.93
C ILE A 13 0.26 4.71 4.36
N ASN A 14 -0.37 5.71 4.95
CA ASN A 14 -0.90 5.59 6.31
C ASN A 14 -1.91 4.46 6.40
N TYR A 15 -2.69 4.28 5.34
CA TYR A 15 -3.70 3.23 5.29
C TYR A 15 -3.05 1.84 5.32
N ILE A 16 -1.92 1.72 4.62
CA ILE A 16 -1.21 0.44 4.57
C ILE A 16 -0.66 0.06 5.94
N LYS A 17 -0.07 1.03 6.63
CA LYS A 17 0.49 0.79 7.95
C LYS A 17 -0.55 0.21 8.89
N LYS A 18 -1.72 0.85 8.94
CA LYS A 18 -2.81 0.40 9.79
C LYS A 18 -3.40 -0.92 9.28
N SER A 19 -3.56 -1.01 7.97
CA SER A 19 -4.11 -2.22 7.35
C SER A 19 -3.12 -3.37 7.44
N LYS A 20 -3.50 -4.42 8.17
CA LYS A 20 -2.65 -5.59 8.34
C LYS A 20 -2.41 -6.28 7.00
N VAL A 21 -3.50 -6.63 6.32
CA VAL A 21 -3.40 -7.30 5.02
C VAL A 21 -4.10 -6.49 3.94
N VAL A 22 -3.34 -6.05 2.94
CA VAL A 22 -3.89 -5.26 1.84
C VAL A 22 -3.65 -5.96 0.50
N LEU A 23 -4.72 -6.16 -0.25
CA LEU A 23 -4.63 -6.80 -1.55
C LEU A 23 -4.60 -5.77 -2.68
N LEU A 24 -3.83 -6.06 -3.73
CA LEU A 24 -3.72 -5.16 -4.86
C LEU A 24 -5.05 -5.05 -5.60
N GLU A 25 -5.72 -6.18 -5.77
CA GLU A 25 -7.02 -6.21 -6.46
C GLU A 25 -8.06 -5.43 -5.68
N ASP A 26 -8.07 -5.62 -4.36
CA ASP A 26 -9.03 -4.94 -3.50
C ASP A 26 -8.67 -3.46 -3.34
N LEU A 27 -7.37 -3.19 -3.32
CA LEU A 27 -6.89 -1.81 -3.18
C LEU A 27 -7.46 -0.92 -4.27
N ALA A 28 -7.39 -1.39 -5.50
CA ALA A 28 -7.90 -0.65 -6.65
C ALA A 28 -9.41 -0.46 -6.55
N PHE A 29 -10.09 -1.47 -6.03
CA PHE A 29 -11.54 -1.42 -5.89
C PHE A 29 -11.95 -0.38 -4.86
N GLN A 30 -11.32 -0.43 -3.69
CA GLN A 30 -11.62 0.51 -2.61
C GLN A 30 -11.24 1.93 -3.02
N MET A 31 -10.08 2.08 -3.64
CA MET A 31 -9.60 3.38 -4.08
C MET A 31 -10.15 3.72 -5.46
N GLY A 32 -10.83 2.76 -6.08
CA GLY A 32 -11.40 2.98 -7.40
C GLY A 32 -10.36 2.81 -8.50
N LEU A 33 -9.16 3.30 -8.26
CA LEU A 33 -8.07 3.21 -9.24
C LEU A 33 -8.00 1.81 -9.82
N ARG A 34 -7.17 1.64 -10.85
CA ARG A 34 -7.00 0.35 -11.51
C ARG A 34 -5.94 -0.48 -10.79
N THR A 35 -6.03 -1.80 -10.93
CA THR A 35 -5.08 -2.71 -10.30
C THR A 35 -3.64 -2.37 -10.71
N GLN A 36 -3.43 -2.20 -12.01
CA GLN A 36 -2.10 -1.88 -12.51
C GLN A 36 -1.59 -0.56 -11.93
N ASP A 37 -2.48 0.43 -11.88
CA ASP A 37 -2.12 1.74 -11.34
C ASP A 37 -1.72 1.63 -9.87
N ALA A 38 -2.54 0.92 -9.09
CA ALA A 38 -2.27 0.75 -7.67
C ALA A 38 -0.95 0.01 -7.45
N ILE A 39 -0.74 -1.06 -8.21
CA ILE A 39 0.49 -1.84 -8.09
C ILE A 39 1.71 -1.00 -8.42
N ASN A 40 1.62 -0.20 -9.48
CA ASN A 40 2.71 0.67 -9.90
C ASN A 40 3.14 1.58 -8.75
N ARG A 41 2.17 2.12 -8.03
CA ARG A 41 2.44 3.01 -6.91
C ARG A 41 3.13 2.26 -5.77
N ILE A 42 2.66 1.05 -5.50
CA ILE A 42 3.22 0.23 -4.43
C ILE A 42 4.65 -0.19 -4.77
N GLN A 43 4.87 -0.62 -6.00
CA GLN A 43 6.18 -1.06 -6.43
C GLN A 43 7.19 0.10 -6.37
N ASP A 44 6.72 1.28 -6.76
CA ASP A 44 7.58 2.47 -6.75
C ASP A 44 7.97 2.85 -5.32
N LEU A 45 6.99 2.84 -4.43
CA LEU A 45 7.23 3.19 -3.03
C LEU A 45 8.13 2.14 -2.36
N LEU A 46 7.91 0.88 -2.71
CA LEU A 46 8.70 -0.21 -2.15
C LEU A 46 10.13 -0.19 -2.68
N THR A 47 10.28 0.28 -3.92
CA THR A 47 11.60 0.36 -4.55
C THR A 47 12.47 1.40 -3.86
N GLU A 48 11.88 2.55 -3.53
CA GLU A 48 12.60 3.63 -2.87
C GLU A 48 12.85 3.30 -1.40
N GLY A 49 12.14 2.30 -0.90
CA GLY A 49 12.29 1.90 0.49
C GLY A 49 11.19 2.44 1.37
N THR A 50 10.53 3.50 0.92
CA THR A 50 9.45 4.11 1.67
C THR A 50 8.56 3.05 2.32
N LEU A 51 8.48 1.88 1.68
CA LEU A 51 7.67 0.79 2.20
C LEU A 51 8.38 -0.55 2.01
N THR A 52 8.15 -1.47 2.94
CA THR A 52 8.77 -2.78 2.88
C THR A 52 7.71 -3.89 2.85
N GLY A 53 7.76 -4.72 1.82
CA GLY A 53 6.80 -5.80 1.70
C GLY A 53 7.24 -6.86 0.70
N VAL A 54 6.49 -7.95 0.63
CA VAL A 54 6.81 -9.04 -0.29
C VAL A 54 5.59 -9.46 -1.09
N ILE A 55 5.82 -9.97 -2.30
CA ILE A 55 4.74 -10.40 -3.16
C ILE A 55 4.84 -11.90 -3.44
N ASP A 56 3.70 -12.60 -3.35
CA ASP A 56 3.66 -14.03 -3.60
C ASP A 56 3.20 -14.32 -5.03
N ASP A 57 3.19 -15.60 -5.38
CA ASP A 57 2.77 -16.01 -6.72
C ASP A 57 1.33 -15.59 -6.99
N ARG A 58 0.64 -15.15 -5.95
CA ARG A 58 -0.75 -14.72 -6.08
C ARG A 58 -0.83 -13.21 -6.22
N GLY A 59 0.25 -12.59 -6.64
CA GLY A 59 0.28 -11.15 -6.81
C GLY A 59 -0.38 -10.42 -5.66
N LYS A 60 -0.15 -10.90 -4.44
CA LYS A 60 -0.74 -10.29 -3.25
C LYS A 60 0.29 -9.44 -2.52
N PHE A 61 -0.19 -8.42 -1.81
CA PHE A 61 0.69 -7.52 -1.07
C PHE A 61 0.60 -7.81 0.44
N ILE A 62 1.75 -8.08 1.05
CA ILE A 62 1.80 -8.36 2.48
C ILE A 62 2.74 -7.41 3.19
N TYR A 63 2.19 -6.58 4.08
CA TYR A 63 2.99 -5.62 4.83
C TYR A 63 3.25 -6.12 6.25
N ILE A 64 4.50 -6.05 6.67
CA ILE A 64 4.88 -6.49 8.01
C ILE A 64 5.39 -5.32 8.85
N THR A 65 4.47 -4.66 9.54
CA THR A 65 4.81 -3.52 10.38
C THR A 65 4.78 -3.91 11.86
N PRO A 66 5.73 -3.37 12.63
CA PRO A 66 5.84 -3.64 14.07
C PRO A 66 4.70 -2.99 14.86
N SER A 67 3.89 -3.81 15.51
CA SER A 67 2.77 -3.31 16.30
C SER A 67 3.24 -2.79 17.65
N GLY A 68 2.87 -1.56 17.97
CA GLY A 68 3.26 -0.97 19.24
C GLY A 68 4.18 0.22 19.07
N PRO A 69 5.50 -0.02 19.13
CA PRO A 69 6.50 1.03 18.98
C PRO A 69 6.58 1.56 17.55
N SER A 70 5.98 2.72 17.33
CA SER A 70 5.97 3.34 16.01
C SER A 70 7.14 4.31 15.85
N SER A 71 8.32 3.89 16.31
CA SER A 71 9.52 4.72 16.23
C SER A 71 10.59 4.05 15.38
N GLY A 72 11.39 4.86 14.69
CA GLY A 72 12.43 4.34 13.84
C GLY A 72 13.12 5.41 13.01
N GLY A 1 -2.65 21.15 3.69
CA GLY A 1 -3.92 20.90 3.03
C GLY A 1 -4.47 19.52 3.35
N SER A 2 -3.64 18.49 3.17
CA SER A 2 -4.06 17.13 3.44
C SER A 2 -5.50 16.90 3.00
N SER A 3 -5.84 17.42 1.82
CA SER A 3 -7.19 17.27 1.28
C SER A 3 -7.15 16.95 -0.21
N GLY A 4 -8.30 16.61 -0.77
CA GLY A 4 -8.38 16.29 -2.18
C GLY A 4 -7.30 15.32 -2.60
N SER A 5 -6.66 15.60 -3.74
CA SER A 5 -5.61 14.73 -4.26
C SER A 5 -4.24 15.34 -3.99
N SER A 6 -4.05 15.86 -2.78
CA SER A 6 -2.78 16.48 -2.40
C SER A 6 -1.89 15.47 -1.68
N GLY A 7 -2.44 14.83 -0.66
CA GLY A 7 -1.68 13.84 0.10
C GLY A 7 -2.20 12.43 -0.10
N PHE A 8 -2.36 12.03 -1.36
CA PHE A 8 -2.85 10.69 -1.68
C PHE A 8 -1.86 9.62 -1.22
N LEU A 9 -0.57 9.92 -1.36
CA LEU A 9 0.48 8.98 -0.96
C LEU A 9 0.47 8.77 0.55
N THR A 10 0.40 9.87 1.29
CA THR A 10 0.39 9.80 2.76
C THR A 10 -0.83 9.04 3.25
N GLU A 11 -1.99 9.36 2.70
CA GLU A 11 -3.24 8.71 3.10
C GLU A 11 -3.24 7.24 2.68
N PHE A 12 -2.61 6.97 1.53
CA PHE A 12 -2.54 5.60 1.01
C PHE A 12 -1.64 4.73 1.89
N ILE A 13 -0.52 5.31 2.32
CA ILE A 13 0.42 4.58 3.17
C ILE A 13 -0.17 4.32 4.55
N ASN A 14 -0.77 5.36 5.13
CA ASN A 14 -1.38 5.23 6.46
C ASN A 14 -2.35 4.06 6.51
N TYR A 15 -3.14 3.91 5.45
CA TYR A 15 -4.11 2.82 5.38
C TYR A 15 -3.42 1.47 5.39
N ILE A 16 -2.29 1.38 4.69
CA ILE A 16 -1.53 0.14 4.62
C ILE A 16 -0.91 -0.20 5.97
N LYS A 17 -0.44 0.82 6.68
CA LYS A 17 0.17 0.62 7.99
C LYS A 17 -0.79 -0.08 8.94
N LYS A 18 -2.01 0.42 9.03
CA LYS A 18 -3.03 -0.17 9.90
C LYS A 18 -3.52 -1.49 9.34
N SER A 19 -3.74 -1.54 8.03
CA SER A 19 -4.22 -2.74 7.37
C SER A 19 -3.14 -3.82 7.35
N LYS A 20 -3.38 -4.91 8.06
CA LYS A 20 -2.44 -6.02 8.12
C LYS A 20 -2.30 -6.71 6.77
N VAL A 21 -3.44 -6.97 6.14
CA VAL A 21 -3.45 -7.63 4.84
C VAL A 21 -4.29 -6.85 3.84
N VAL A 22 -3.63 -6.33 2.80
CA VAL A 22 -4.33 -5.56 1.77
C VAL A 22 -4.23 -6.24 0.41
N LEU A 23 -5.34 -6.26 -0.32
CA LEU A 23 -5.38 -6.88 -1.63
C LEU A 23 -5.24 -5.84 -2.74
N LEU A 24 -4.52 -6.19 -3.79
CA LEU A 24 -4.31 -5.29 -4.92
C LEU A 24 -5.60 -5.05 -5.68
N GLU A 25 -6.37 -6.12 -5.87
CA GLU A 25 -7.65 -6.03 -6.58
C GLU A 25 -8.64 -5.18 -5.81
N ASP A 26 -8.70 -5.38 -4.50
CA ASP A 26 -9.61 -4.62 -3.64
C ASP A 26 -9.12 -3.18 -3.47
N LEU A 27 -7.81 -3.01 -3.34
CA LEU A 27 -7.22 -1.68 -3.18
C LEU A 27 -7.62 -0.77 -4.33
N ALA A 28 -7.61 -1.32 -5.55
CA ALA A 28 -7.97 -0.55 -6.73
C ALA A 28 -9.41 -0.08 -6.67
N PHE A 29 -10.31 -0.98 -6.24
CA PHE A 29 -11.73 -0.65 -6.13
C PHE A 29 -11.97 0.35 -5.01
N GLN A 30 -11.31 0.14 -3.88
CA GLN A 30 -11.46 1.02 -2.73
C GLN A 30 -11.18 2.48 -3.12
N MET A 31 -10.09 2.69 -3.85
CA MET A 31 -9.71 4.03 -4.29
C MET A 31 -10.16 4.26 -5.73
N GLY A 32 -10.70 3.23 -6.37
CA GLY A 32 -11.16 3.35 -7.73
C GLY A 32 -10.06 3.08 -8.74
N LEU A 33 -8.86 3.58 -8.46
CA LEU A 33 -7.72 3.39 -9.36
C LEU A 33 -7.67 1.95 -9.88
N ARG A 34 -7.02 1.77 -11.02
CA ARG A 34 -6.92 0.45 -11.62
C ARG A 34 -5.94 -0.42 -10.84
N THR A 35 -6.07 -1.74 -11.00
CA THR A 35 -5.21 -2.69 -10.30
C THR A 35 -3.74 -2.43 -10.63
N GLN A 36 -3.45 -2.27 -11.91
CA GLN A 36 -2.08 -2.02 -12.36
C GLN A 36 -1.58 -0.68 -11.85
N ASP A 37 -2.48 0.31 -11.80
CA ASP A 37 -2.11 1.64 -11.33
C ASP A 37 -1.66 1.60 -9.87
N ALA A 38 -2.44 0.92 -9.03
CA ALA A 38 -2.11 0.80 -7.62
C ALA A 38 -0.78 0.09 -7.41
N ILE A 39 -0.59 -1.00 -8.15
CA ILE A 39 0.65 -1.78 -8.05
C ILE A 39 1.86 -0.93 -8.43
N ASN A 40 1.72 -0.13 -9.49
CA ASN A 40 2.80 0.73 -9.95
C ASN A 40 3.27 1.66 -8.83
N ARG A 41 2.32 2.22 -8.10
CA ARG A 41 2.64 3.13 -7.00
C ARG A 41 3.38 2.40 -5.88
N ILE A 42 2.93 1.18 -5.59
CA ILE A 42 3.54 0.37 -4.55
C ILE A 42 4.95 -0.06 -4.94
N GLN A 43 5.11 -0.47 -6.20
CA GLN A 43 6.40 -0.90 -6.71
C GLN A 43 7.42 0.22 -6.63
N ASP A 44 6.99 1.44 -6.96
CA ASP A 44 7.87 2.61 -6.93
C ASP A 44 8.25 2.95 -5.50
N LEU A 45 7.27 2.95 -4.60
CA LEU A 45 7.51 3.27 -3.20
C LEU A 45 8.38 2.22 -2.54
N LEU A 46 8.10 0.95 -2.86
CA LEU A 46 8.87 -0.16 -2.30
C LEU A 46 10.32 -0.11 -2.75
N THR A 47 10.54 0.36 -3.98
CA THR A 47 11.88 0.47 -4.53
C THR A 47 12.70 1.53 -3.80
N GLU A 48 12.06 2.65 -3.48
CA GLU A 48 12.72 3.74 -2.78
C GLU A 48 12.97 3.38 -1.32
N GLY A 49 12.22 2.41 -0.82
CA GLY A 49 12.37 1.98 0.56
C GLY A 49 11.24 2.46 1.44
N THR A 50 10.63 3.58 1.07
CA THR A 50 9.53 4.15 1.83
C THR A 50 8.66 3.06 2.43
N LEU A 51 8.52 1.95 1.71
CA LEU A 51 7.71 0.83 2.17
C LEU A 51 8.43 -0.50 1.94
N THR A 52 8.34 -1.41 2.91
CA THR A 52 8.98 -2.70 2.80
C THR A 52 7.95 -3.82 2.75
N GLY A 53 8.00 -4.62 1.69
CA GLY A 53 7.07 -5.71 1.53
C GLY A 53 7.46 -6.67 0.42
N VAL A 54 6.74 -7.78 0.31
CA VAL A 54 7.03 -8.77 -0.72
C VAL A 54 5.74 -9.28 -1.38
N ILE A 55 5.88 -9.82 -2.57
CA ILE A 55 4.72 -10.33 -3.31
C ILE A 55 4.89 -11.82 -3.61
N ASP A 56 3.87 -12.60 -3.25
CA ASP A 56 3.90 -14.05 -3.48
C ASP A 56 3.41 -14.38 -4.89
N ASP A 57 3.46 -15.66 -5.23
CA ASP A 57 3.02 -16.11 -6.55
C ASP A 57 1.51 -16.01 -6.69
N ARG A 58 0.85 -15.59 -5.61
CA ARG A 58 -0.61 -15.46 -5.60
C ARG A 58 -1.02 -14.01 -5.86
N GLY A 59 -0.03 -13.12 -5.96
CA GLY A 59 -0.31 -11.72 -6.20
C GLY A 59 -0.87 -11.02 -4.99
N LYS A 60 -0.51 -11.52 -3.80
CA LYS A 60 -0.98 -10.93 -2.55
C LYS A 60 0.03 -9.92 -2.01
N PHE A 61 -0.45 -8.99 -1.20
CA PHE A 61 0.41 -7.96 -0.62
C PHE A 61 0.64 -8.23 0.86
N ILE A 62 1.90 -8.29 1.26
CA ILE A 62 2.25 -8.54 2.66
C ILE A 62 3.17 -7.45 3.20
N TYR A 63 2.67 -6.67 4.15
CA TYR A 63 3.46 -5.59 4.74
C TYR A 63 3.85 -5.94 6.18
N ILE A 64 5.05 -5.53 6.56
CA ILE A 64 5.55 -5.79 7.91
C ILE A 64 5.79 -4.48 8.67
N THR A 65 4.71 -3.91 9.20
CA THR A 65 4.80 -2.66 9.95
C THR A 65 5.17 -2.92 11.41
N PRO A 66 6.02 -2.05 11.97
CA PRO A 66 6.47 -2.17 13.36
C PRO A 66 5.35 -1.88 14.35
N SER A 67 5.43 -2.49 15.53
CA SER A 67 4.42 -2.29 16.57
C SER A 67 3.04 -2.69 16.06
N GLY A 68 3.01 -3.68 15.17
CA GLY A 68 1.75 -4.14 14.63
C GLY A 68 1.74 -5.63 14.36
N PRO A 69 0.56 -6.26 14.55
CA PRO A 69 0.40 -7.70 14.33
C PRO A 69 0.49 -8.09 12.85
N SER A 70 1.68 -8.45 12.40
CA SER A 70 1.89 -8.83 11.01
C SER A 70 0.75 -9.69 10.50
N SER A 71 0.38 -10.70 11.28
CA SER A 71 -0.70 -11.61 10.91
C SER A 71 -1.79 -11.63 11.97
N GLY A 72 -3.02 -11.88 11.56
CA GLY A 72 -4.14 -11.92 12.49
C GLY A 72 -5.44 -11.51 11.85
N GLY A 1 6.02 11.69 8.89
CA GLY A 1 5.84 12.00 7.49
C GLY A 1 6.68 13.19 7.04
N SER A 2 6.94 13.27 5.74
CA SER A 2 7.73 14.36 5.20
C SER A 2 6.84 15.52 4.76
N SER A 3 5.87 15.21 3.91
CA SER A 3 4.95 16.23 3.40
C SER A 3 3.84 15.60 2.57
N GLY A 4 2.60 15.92 2.89
CA GLY A 4 1.47 15.37 2.16
C GLY A 4 0.93 16.33 1.12
N SER A 5 1.84 16.94 0.35
CA SER A 5 1.44 17.90 -0.67
C SER A 5 0.23 17.39 -1.44
N SER A 6 0.31 16.16 -1.93
CA SER A 6 -0.78 15.56 -2.70
C SER A 6 -1.87 15.05 -1.77
N GLY A 7 -1.51 14.15 -0.86
CA GLY A 7 -2.46 13.60 0.09
C GLY A 7 -2.77 12.14 -0.20
N PHE A 8 -2.87 11.79 -1.47
CA PHE A 8 -3.16 10.42 -1.87
C PHE A 8 -2.09 9.46 -1.37
N LEU A 9 -0.84 9.92 -1.43
CA LEU A 9 0.30 9.10 -0.99
C LEU A 9 0.28 8.92 0.52
N THR A 10 0.08 10.02 1.25
CA THR A 10 0.03 9.97 2.70
C THR A 10 -1.15 9.15 3.19
N GLU A 11 -2.33 9.40 2.61
CA GLU A 11 -3.54 8.68 2.98
C GLU A 11 -3.44 7.21 2.63
N PHE A 12 -2.79 6.93 1.49
CA PHE A 12 -2.62 5.55 1.04
C PHE A 12 -1.70 4.77 1.98
N ILE A 13 -0.55 5.37 2.29
CA ILE A 13 0.41 4.73 3.18
C ILE A 13 -0.20 4.46 4.55
N ASN A 14 -0.85 5.47 5.11
CA ASN A 14 -1.49 5.34 6.42
C ASN A 14 -2.43 4.14 6.46
N TYR A 15 -3.22 3.99 5.41
CA TYR A 15 -4.17 2.88 5.32
C TYR A 15 -3.44 1.54 5.34
N ILE A 16 -2.29 1.50 4.68
CA ILE A 16 -1.49 0.27 4.61
C ILE A 16 -0.97 -0.11 5.99
N LYS A 17 -0.49 0.88 6.73
CA LYS A 17 0.03 0.65 8.07
C LYS A 17 -1.02 -0.01 8.97
N LYS A 18 -2.22 0.57 8.98
CA LYS A 18 -3.31 0.03 9.78
C LYS A 18 -3.84 -1.28 9.19
N SER A 19 -3.97 -1.32 7.87
CA SER A 19 -4.46 -2.50 7.19
C SER A 19 -3.44 -3.64 7.25
N LYS A 20 -3.65 -4.58 8.16
CA LYS A 20 -2.75 -5.70 8.32
C LYS A 20 -2.51 -6.41 6.99
N VAL A 21 -3.58 -6.68 6.26
CA VAL A 21 -3.49 -7.34 4.97
C VAL A 21 -4.23 -6.56 3.89
N VAL A 22 -3.50 -6.08 2.90
CA VAL A 22 -4.09 -5.31 1.81
C VAL A 22 -3.91 -6.02 0.47
N LEU A 23 -4.99 -6.16 -0.27
CA LEU A 23 -4.95 -6.82 -1.57
C LEU A 23 -4.85 -5.80 -2.71
N LEU A 24 -4.04 -6.11 -3.71
CA LEU A 24 -3.87 -5.22 -4.85
C LEU A 24 -5.17 -5.08 -5.64
N GLU A 25 -5.86 -6.19 -5.83
CA GLU A 25 -7.12 -6.19 -6.56
C GLU A 25 -8.18 -5.37 -5.82
N ASP A 26 -8.25 -5.56 -4.51
CA ASP A 26 -9.22 -4.85 -3.68
C ASP A 26 -8.83 -3.38 -3.54
N LEU A 27 -7.53 -3.12 -3.53
CA LEU A 27 -7.02 -1.75 -3.38
C LEU A 27 -7.47 -0.88 -4.56
N ALA A 28 -7.50 -1.48 -5.75
CA ALA A 28 -7.92 -0.77 -6.95
C ALA A 28 -9.37 -0.31 -6.84
N PHE A 29 -10.24 -1.22 -6.41
CA PHE A 29 -11.66 -0.91 -6.27
C PHE A 29 -11.89 0.04 -5.10
N GLN A 30 -11.17 -0.18 -4.01
CA GLN A 30 -11.29 0.67 -2.83
C GLN A 30 -11.10 2.13 -3.18
N MET A 31 -10.05 2.42 -3.94
CA MET A 31 -9.75 3.79 -4.37
C MET A 31 -10.17 4.02 -5.81
N GLY A 32 -10.68 2.98 -6.46
CA GLY A 32 -11.10 3.09 -7.84
C GLY A 32 -9.96 2.87 -8.81
N LEU A 33 -8.81 3.47 -8.52
CA LEU A 33 -7.63 3.35 -9.38
C LEU A 33 -7.54 1.94 -9.96
N ARG A 34 -7.08 1.85 -11.20
CA ARG A 34 -6.94 0.56 -11.87
C ARG A 34 -5.92 -0.32 -11.14
N THR A 35 -6.03 -1.63 -11.35
CA THR A 35 -5.13 -2.57 -10.71
C THR A 35 -3.68 -2.29 -11.08
N GLN A 36 -3.44 -1.98 -12.35
CA GLN A 36 -2.10 -1.69 -12.83
C GLN A 36 -1.58 -0.37 -12.24
N ASP A 37 -2.47 0.62 -12.18
CA ASP A 37 -2.10 1.93 -11.63
C ASP A 37 -1.64 1.81 -10.18
N ALA A 38 -2.41 1.07 -9.38
CA ALA A 38 -2.08 0.87 -7.97
C ALA A 38 -0.74 0.15 -7.82
N ILE A 39 -0.53 -0.87 -8.64
CA ILE A 39 0.71 -1.64 -8.59
C ILE A 39 1.91 -0.75 -8.91
N ASN A 40 1.78 0.08 -9.94
CA ASN A 40 2.85 0.98 -10.34
C ASN A 40 3.27 1.89 -9.18
N ARG A 41 2.28 2.43 -8.48
CA ARG A 41 2.55 3.31 -7.35
C ARG A 41 3.18 2.54 -6.20
N ILE A 42 2.65 1.36 -5.93
CA ILE A 42 3.16 0.52 -4.84
C ILE A 42 4.60 0.11 -5.10
N GLN A 43 4.88 -0.32 -6.34
CA GLN A 43 6.22 -0.74 -6.71
C GLN A 43 7.23 0.36 -6.45
N ASP A 44 6.82 1.61 -6.68
CA ASP A 44 7.70 2.75 -6.47
C ASP A 44 8.02 2.93 -4.98
N LEU A 45 7.04 2.62 -4.14
CA LEU A 45 7.20 2.75 -2.69
C LEU A 45 8.18 1.71 -2.17
N LEU A 46 8.06 0.49 -2.67
CA LEU A 46 8.93 -0.60 -2.25
C LEU A 46 10.34 -0.42 -2.81
N THR A 47 10.43 0.18 -3.99
CA THR A 47 11.72 0.42 -4.63
C THR A 47 12.51 1.48 -3.88
N GLU A 48 11.83 2.52 -3.43
CA GLU A 48 12.48 3.60 -2.70
C GLU A 48 12.75 3.19 -1.25
N GLY A 49 12.04 2.17 -0.79
CA GLY A 49 12.21 1.70 0.58
C GLY A 49 11.12 2.19 1.50
N THR A 50 10.46 3.27 1.11
CA THR A 50 9.39 3.84 1.91
C THR A 50 8.53 2.75 2.54
N LEU A 51 8.25 1.71 1.77
CA LEU A 51 7.43 0.59 2.24
C LEU A 51 8.15 -0.74 2.04
N THR A 52 8.06 -1.61 3.03
CA THR A 52 8.70 -2.93 2.96
C THR A 52 7.66 -4.04 2.95
N GLY A 53 7.73 -4.90 1.93
CA GLY A 53 6.78 -6.00 1.82
C GLY A 53 7.21 -7.04 0.81
N VAL A 54 6.47 -8.13 0.72
CA VAL A 54 6.78 -9.20 -0.21
C VAL A 54 5.56 -9.60 -1.02
N ILE A 55 5.77 -9.96 -2.28
CA ILE A 55 4.68 -10.36 -3.17
C ILE A 55 4.70 -11.87 -3.42
N ASP A 56 3.55 -12.50 -3.32
CA ASP A 56 3.44 -13.94 -3.54
C ASP A 56 2.91 -14.23 -4.94
N ASP A 57 2.93 -15.51 -5.31
CA ASP A 57 2.45 -15.92 -6.63
C ASP A 57 1.00 -15.50 -6.84
N ARG A 58 0.28 -15.31 -5.73
CA ARG A 58 -1.12 -14.91 -5.80
C ARG A 58 -1.26 -13.40 -5.96
N GLY A 59 -0.14 -12.69 -5.77
CA GLY A 59 -0.16 -11.24 -5.90
C GLY A 59 -0.70 -10.56 -4.66
N LYS A 60 -0.35 -11.09 -3.49
CA LYS A 60 -0.80 -10.53 -2.23
C LYS A 60 0.25 -9.60 -1.64
N PHE A 61 -0.20 -8.55 -0.96
CA PHE A 61 0.71 -7.59 -0.34
C PHE A 61 0.77 -7.79 1.17
N ILE A 62 1.97 -8.03 1.68
CA ILE A 62 2.17 -8.24 3.10
C ILE A 62 3.13 -7.22 3.68
N TYR A 63 2.61 -6.35 4.54
CA TYR A 63 3.43 -5.32 5.17
C TYR A 63 3.92 -5.77 6.54
N ILE A 64 5.24 -5.75 6.73
CA ILE A 64 5.84 -6.15 7.99
C ILE A 64 6.56 -4.99 8.65
N THR A 65 5.84 -4.27 9.52
CA THR A 65 6.40 -3.13 10.23
C THR A 65 6.62 -3.45 11.70
N PRO A 66 7.75 -2.96 12.26
CA PRO A 66 8.09 -3.18 13.66
C PRO A 66 7.17 -2.43 14.61
N SER A 67 6.70 -3.11 15.64
CA SER A 67 5.81 -2.50 16.62
C SER A 67 6.40 -2.63 18.03
N GLY A 68 6.36 -1.51 18.77
CA GLY A 68 6.89 -1.51 20.12
C GLY A 68 6.28 -2.60 20.99
N PRO A 69 4.99 -2.44 21.32
CA PRO A 69 4.26 -3.40 22.16
C PRO A 69 4.00 -4.71 21.43
N SER A 70 4.97 -5.63 21.52
CA SER A 70 4.85 -6.92 20.86
C SER A 70 3.58 -7.63 21.30
N SER A 71 3.47 -7.92 22.59
CA SER A 71 2.30 -8.60 23.14
C SER A 71 2.13 -9.98 22.51
N GLY A 72 3.25 -10.69 22.35
CA GLY A 72 3.21 -12.01 21.77
C GLY A 72 3.99 -13.03 22.56
N GLY A 1 -4.03 30.92 1.52
CA GLY A 1 -4.87 29.94 2.17
C GLY A 1 -5.53 29.00 1.18
N SER A 2 -6.59 29.47 0.54
CA SER A 2 -7.32 28.66 -0.43
C SER A 2 -6.36 27.97 -1.40
N SER A 3 -6.46 26.65 -1.48
CA SER A 3 -5.61 25.87 -2.36
C SER A 3 -6.19 24.49 -2.63
N GLY A 4 -5.57 23.75 -3.53
CA GLY A 4 -6.06 22.41 -3.85
C GLY A 4 -4.99 21.36 -3.70
N SER A 5 -4.72 20.96 -2.46
CA SER A 5 -3.70 19.95 -2.18
C SER A 5 -4.33 18.58 -2.02
N SER A 6 -3.57 17.54 -2.34
CA SER A 6 -4.05 16.16 -2.23
C SER A 6 -2.98 15.26 -1.65
N GLY A 7 -3.28 14.65 -0.50
CA GLY A 7 -2.33 13.76 0.15
C GLY A 7 -2.62 12.30 -0.14
N PHE A 8 -2.72 11.96 -1.42
CA PHE A 8 -3.00 10.60 -1.84
C PHE A 8 -1.89 9.66 -1.36
N LEU A 9 -0.66 10.14 -1.39
CA LEU A 9 0.49 9.35 -0.97
C LEU A 9 0.48 9.13 0.54
N THR A 10 0.26 10.21 1.29
CA THR A 10 0.22 10.13 2.75
C THR A 10 -0.96 9.29 3.22
N GLU A 11 -2.13 9.55 2.64
CA GLU A 11 -3.34 8.81 3.00
C GLU A 11 -3.24 7.35 2.57
N PHE A 12 -2.57 7.12 1.44
CA PHE A 12 -2.41 5.77 0.92
C PHE A 12 -1.46 4.96 1.80
N ILE A 13 -0.33 5.55 2.17
CA ILE A 13 0.64 4.88 3.01
C ILE A 13 0.09 4.63 4.40
N ASN A 14 -0.60 5.61 4.95
CA ASN A 14 -1.19 5.50 6.28
C ASN A 14 -2.10 4.28 6.36
N TYR A 15 -2.94 4.10 5.34
CA TYR A 15 -3.87 2.97 5.30
C TYR A 15 -3.12 1.65 5.18
N ILE A 16 -2.03 1.66 4.41
CA ILE A 16 -1.22 0.47 4.22
C ILE A 16 -0.53 0.05 5.51
N LYS A 17 -0.09 1.04 6.28
CA LYS A 17 0.59 0.77 7.54
C LYS A 17 -0.35 0.10 8.54
N LYS A 18 -1.53 0.66 8.71
CA LYS A 18 -2.53 0.11 9.62
C LYS A 18 -3.12 -1.18 9.06
N SER A 19 -3.41 -1.18 7.77
CA SER A 19 -3.98 -2.35 7.11
C SER A 19 -2.97 -3.48 7.01
N LYS A 20 -2.69 -4.12 8.14
CA LYS A 20 -1.74 -5.21 8.18
C LYS A 20 -1.78 -6.03 6.90
N VAL A 21 -2.96 -6.12 6.29
CA VAL A 21 -3.13 -6.86 5.04
C VAL A 21 -3.82 -6.00 3.98
N VAL A 22 -3.12 -5.78 2.88
CA VAL A 22 -3.67 -4.99 1.79
C VAL A 22 -3.69 -5.78 0.49
N LEU A 23 -4.87 -5.88 -0.12
CA LEU A 23 -5.04 -6.61 -1.36
C LEU A 23 -5.03 -5.66 -2.56
N LEU A 24 -4.35 -6.07 -3.63
CA LEU A 24 -4.26 -5.25 -4.84
C LEU A 24 -5.62 -5.14 -5.52
N GLU A 25 -6.33 -6.26 -5.58
CA GLU A 25 -7.65 -6.29 -6.20
C GLU A 25 -8.64 -5.43 -5.43
N ASP A 26 -8.60 -5.52 -4.11
CA ASP A 26 -9.49 -4.75 -3.25
C ASP A 26 -9.05 -3.28 -3.20
N LEU A 27 -7.75 -3.06 -3.13
CA LEU A 27 -7.21 -1.71 -3.08
C LEU A 27 -7.68 -0.88 -4.26
N ALA A 28 -7.70 -1.50 -5.44
CA ALA A 28 -8.14 -0.82 -6.65
C ALA A 28 -9.58 -0.33 -6.52
N PHE A 29 -10.45 -1.20 -6.02
CA PHE A 29 -11.86 -0.86 -5.85
C PHE A 29 -12.03 0.15 -4.72
N GLN A 30 -11.29 -0.03 -3.64
CA GLN A 30 -11.36 0.86 -2.49
C GLN A 30 -11.13 2.31 -2.91
N MET A 31 -10.09 2.52 -3.72
CA MET A 31 -9.77 3.86 -4.20
C MET A 31 -10.16 4.03 -5.66
N GLY A 32 -10.82 3.01 -6.21
CA GLY A 32 -11.24 3.07 -7.59
C GLY A 32 -10.12 2.75 -8.56
N LEU A 33 -8.94 3.32 -8.31
CA LEU A 33 -7.78 3.08 -9.16
C LEU A 33 -7.75 1.64 -9.66
N ARG A 34 -7.09 1.42 -10.79
CA ARG A 34 -6.99 0.10 -11.38
C ARG A 34 -5.98 -0.77 -10.59
N THR A 35 -6.18 -2.07 -10.63
CA THR A 35 -5.29 -3.00 -9.93
C THR A 35 -3.85 -2.80 -10.35
N GLN A 36 -3.62 -2.67 -11.66
CA GLN A 36 -2.28 -2.48 -12.19
C GLN A 36 -1.74 -1.10 -11.80
N ASP A 37 -2.59 -0.09 -11.92
CA ASP A 37 -2.19 1.27 -11.57
C ASP A 37 -1.73 1.36 -10.12
N ALA A 38 -2.48 0.74 -9.22
CA ALA A 38 -2.13 0.74 -7.81
C ALA A 38 -0.78 0.09 -7.56
N ILE A 39 -0.52 -1.01 -8.27
CA ILE A 39 0.74 -1.73 -8.14
C ILE A 39 1.92 -0.84 -8.50
N ASN A 40 1.77 -0.07 -9.56
CA ASN A 40 2.83 0.83 -10.02
C ASN A 40 3.24 1.78 -8.90
N ARG A 41 2.27 2.29 -8.16
CA ARG A 41 2.53 3.21 -7.07
C ARG A 41 3.27 2.50 -5.93
N ILE A 42 2.77 1.34 -5.54
CA ILE A 42 3.39 0.57 -4.47
C ILE A 42 4.81 0.16 -4.83
N GLN A 43 5.00 -0.26 -6.07
CA GLN A 43 6.31 -0.68 -6.55
C GLN A 43 7.32 0.45 -6.42
N ASP A 44 6.89 1.67 -6.72
CA ASP A 44 7.76 2.83 -6.64
C ASP A 44 8.14 3.12 -5.18
N LEU A 45 7.16 3.02 -4.29
CA LEU A 45 7.39 3.27 -2.88
C LEU A 45 8.31 2.21 -2.28
N LEU A 46 8.11 0.96 -2.69
CA LEU A 46 8.92 -0.15 -2.19
C LEU A 46 10.35 -0.05 -2.72
N THR A 47 10.49 0.40 -3.97
CA THR A 47 11.79 0.54 -4.59
C THR A 47 12.59 1.69 -3.96
N GLU A 48 11.88 2.77 -3.64
CA GLU A 48 12.52 3.94 -3.04
C GLU A 48 12.90 3.66 -1.58
N GLY A 49 12.27 2.65 -1.00
CA GLY A 49 12.57 2.29 0.38
C GLY A 49 11.47 2.72 1.33
N THR A 50 10.73 3.75 0.95
CA THR A 50 9.64 4.26 1.79
C THR A 50 8.84 3.12 2.41
N LEU A 51 8.82 1.97 1.73
CA LEU A 51 8.09 0.80 2.21
C LEU A 51 8.87 -0.47 1.92
N THR A 52 8.68 -1.48 2.76
CA THR A 52 9.36 -2.77 2.60
C THR A 52 8.38 -3.93 2.78
N GLY A 53 8.35 -4.81 1.78
CA GLY A 53 7.46 -5.96 1.86
C GLY A 53 7.76 -7.00 0.78
N VAL A 54 7.07 -8.13 0.84
CA VAL A 54 7.27 -9.19 -0.14
C VAL A 54 5.97 -9.53 -0.85
N ILE A 55 6.08 -10.03 -2.08
CA ILE A 55 4.91 -10.39 -2.87
C ILE A 55 4.97 -11.85 -3.29
N ASP A 56 3.99 -12.63 -2.86
CA ASP A 56 3.92 -14.05 -3.19
C ASP A 56 3.41 -14.25 -4.62
N ASP A 57 3.43 -15.49 -5.08
CA ASP A 57 2.98 -15.82 -6.43
C ASP A 57 1.45 -15.84 -6.49
N ARG A 58 0.81 -15.41 -5.40
CA ARG A 58 -0.64 -15.39 -5.33
C ARG A 58 -1.19 -14.03 -5.76
N GLY A 59 -0.30 -13.19 -6.31
CA GLY A 59 -0.70 -11.87 -6.76
C GLY A 59 -1.29 -11.03 -5.63
N LYS A 60 -0.67 -11.13 -4.45
CA LYS A 60 -1.13 -10.37 -3.30
C LYS A 60 0.01 -9.57 -2.68
N PHE A 61 -0.33 -8.50 -1.98
CA PHE A 61 0.67 -7.65 -1.34
C PHE A 61 0.67 -7.86 0.18
N ILE A 62 1.86 -8.08 0.73
CA ILE A 62 2.01 -8.30 2.16
C ILE A 62 3.02 -7.32 2.77
N TYR A 63 2.53 -6.44 3.63
CA TYR A 63 3.39 -5.45 4.27
C TYR A 63 3.81 -5.93 5.67
N ILE A 64 5.06 -5.63 6.03
CA ILE A 64 5.57 -6.02 7.33
C ILE A 64 5.46 -4.88 8.34
N THR A 65 4.67 -5.10 9.39
CA THR A 65 4.47 -4.10 10.43
C THR A 65 3.63 -4.64 11.57
N PRO A 66 3.99 -4.27 12.80
CA PRO A 66 3.27 -4.71 14.01
C PRO A 66 1.89 -4.09 14.11
N SER A 67 0.88 -4.93 14.30
CA SER A 67 -0.51 -4.46 14.41
C SER A 67 -1.20 -5.11 15.61
N GLY A 68 -0.95 -6.41 15.80
CA GLY A 68 -1.56 -7.12 16.90
C GLY A 68 -1.66 -8.61 16.65
N PRO A 69 -2.55 -9.29 17.38
CA PRO A 69 -2.76 -10.73 17.25
C PRO A 69 -3.42 -11.11 15.92
N SER A 70 -2.62 -11.25 14.88
CA SER A 70 -3.13 -11.60 13.56
C SER A 70 -2.24 -12.63 12.89
N SER A 71 -2.86 -13.49 12.07
CA SER A 71 -2.13 -14.53 11.37
C SER A 71 -2.53 -14.59 9.89
N GLY A 72 -1.57 -14.91 9.04
CA GLY A 72 -1.85 -14.99 7.61
C GLY A 72 -1.40 -16.31 7.01
N GLY A 1 4.71 23.20 -5.46
CA GLY A 1 3.35 23.65 -5.65
C GLY A 1 2.44 22.55 -6.17
N SER A 2 1.66 22.86 -7.21
CA SER A 2 0.75 21.90 -7.79
C SER A 2 0.02 21.11 -6.70
N SER A 3 -0.40 21.81 -5.65
CA SER A 3 -1.10 21.18 -4.54
C SER A 3 -2.58 21.56 -4.54
N GLY A 4 -3.34 20.95 -3.65
CA GLY A 4 -4.76 21.22 -3.57
C GLY A 4 -5.51 20.21 -2.72
N SER A 5 -5.23 20.21 -1.42
CA SER A 5 -5.89 19.29 -0.50
C SER A 5 -5.87 17.87 -1.06
N SER A 6 -4.76 17.49 -1.67
CA SER A 6 -4.61 16.16 -2.26
C SER A 6 -3.54 15.36 -1.53
N GLY A 7 -3.96 14.52 -0.60
CA GLY A 7 -3.02 13.70 0.14
C GLY A 7 -3.22 12.21 -0.09
N PHE A 8 -3.43 11.84 -1.35
CA PHE A 8 -3.64 10.44 -1.71
C PHE A 8 -2.40 9.61 -1.40
N LEU A 9 -1.23 10.20 -1.58
CA LEU A 9 0.02 9.52 -1.31
C LEU A 9 0.23 9.31 0.18
N THR A 10 0.02 10.38 0.95
CA THR A 10 0.18 10.32 2.40
C THR A 10 -0.87 9.41 3.03
N GLU A 11 -2.12 9.59 2.61
CA GLU A 11 -3.22 8.78 3.15
C GLU A 11 -3.09 7.33 2.70
N PHE A 12 -2.59 7.12 1.48
CA PHE A 12 -2.42 5.78 0.94
C PHE A 12 -1.39 5.00 1.76
N ILE A 13 -0.27 5.65 2.07
CA ILE A 13 0.78 5.01 2.85
C ILE A 13 0.32 4.69 4.26
N ASN A 14 -0.36 5.66 4.88
CA ASN A 14 -0.86 5.47 6.24
C ASN A 14 -1.85 4.31 6.30
N TYR A 15 -2.63 4.15 5.25
CA TYR A 15 -3.62 3.07 5.19
C TYR A 15 -2.94 1.71 5.18
N ILE A 16 -1.79 1.62 4.51
CA ILE A 16 -1.04 0.38 4.43
C ILE A 16 -0.47 -0.01 5.79
N LYS A 17 0.11 0.96 6.48
CA LYS A 17 0.69 0.72 7.80
C LYS A 17 -0.33 0.10 8.73
N LYS A 18 -1.51 0.70 8.81
CA LYS A 18 -2.58 0.20 9.67
C LYS A 18 -3.18 -1.08 9.10
N SER A 19 -3.38 -1.11 7.79
CA SER A 19 -3.95 -2.27 7.13
C SER A 19 -2.96 -3.43 7.13
N LYS A 20 -3.23 -4.44 7.95
CA LYS A 20 -2.36 -5.61 8.04
C LYS A 20 -2.29 -6.35 6.71
N VAL A 21 -3.44 -6.55 6.08
CA VAL A 21 -3.50 -7.23 4.80
C VAL A 21 -4.26 -6.39 3.77
N VAL A 22 -3.54 -5.97 2.72
CA VAL A 22 -4.15 -5.16 1.67
C VAL A 22 -4.09 -5.89 0.33
N LEU A 23 -5.26 -6.05 -0.29
CA LEU A 23 -5.35 -6.73 -1.58
C LEU A 23 -5.28 -5.73 -2.73
N LEU A 24 -4.59 -6.11 -3.80
CA LEU A 24 -4.46 -5.25 -4.97
C LEU A 24 -5.80 -5.07 -5.68
N GLU A 25 -6.55 -6.16 -5.80
CA GLU A 25 -7.85 -6.12 -6.45
C GLU A 25 -8.83 -5.25 -5.66
N ASP A 26 -8.81 -5.40 -4.35
CA ASP A 26 -9.70 -4.64 -3.48
C ASP A 26 -9.22 -3.20 -3.34
N LEU A 27 -7.90 -3.02 -3.36
CA LEU A 27 -7.30 -1.70 -3.24
C LEU A 27 -7.69 -0.82 -4.41
N ALA A 28 -7.75 -1.41 -5.60
CA ALA A 28 -8.12 -0.67 -6.81
C ALA A 28 -9.56 -0.18 -6.74
N PHE A 29 -10.46 -1.06 -6.31
CA PHE A 29 -11.87 -0.72 -6.20
C PHE A 29 -12.09 0.30 -5.08
N GLN A 30 -11.55 0.01 -3.90
CA GLN A 30 -11.68 0.89 -2.75
C GLN A 30 -11.19 2.29 -3.08
N MET A 31 -10.03 2.37 -3.72
CA MET A 31 -9.45 3.65 -4.10
C MET A 31 -9.90 4.08 -5.49
N GLY A 32 -10.60 3.17 -6.18
CA GLY A 32 -11.08 3.48 -7.51
C GLY A 32 -10.01 3.29 -8.57
N LEU A 33 -8.79 3.69 -8.25
CA LEU A 33 -7.67 3.57 -9.18
C LEU A 33 -7.67 2.21 -9.86
N ARG A 34 -6.95 2.10 -10.97
CA ARG A 34 -6.87 0.86 -11.73
C ARG A 34 -6.05 -0.18 -10.97
N THR A 35 -6.24 -1.45 -11.32
CA THR A 35 -5.51 -2.53 -10.67
C THR A 35 -4.01 -2.39 -10.87
N GLN A 36 -3.61 -2.13 -12.10
CA GLN A 36 -2.19 -1.97 -12.43
C GLN A 36 -1.64 -0.69 -11.82
N ASP A 37 -2.36 0.41 -11.99
CA ASP A 37 -1.94 1.69 -11.46
C ASP A 37 -1.76 1.62 -9.94
N ALA A 38 -2.72 1.00 -9.26
CA ALA A 38 -2.67 0.85 -7.82
C ALA A 38 -1.45 0.04 -7.39
N ILE A 39 -1.22 -1.08 -8.07
CA ILE A 39 -0.10 -1.95 -7.76
C ILE A 39 1.23 -1.21 -7.93
N ASN A 40 1.32 -0.42 -9.00
CA ASN A 40 2.54 0.34 -9.28
C ASN A 40 2.90 1.24 -8.10
N ARG A 41 1.89 1.71 -7.39
CA ARG A 41 2.10 2.58 -6.25
C ARG A 41 2.92 1.87 -5.17
N ILE A 42 2.57 0.62 -4.88
CA ILE A 42 3.28 -0.15 -3.88
C ILE A 42 4.68 -0.52 -4.36
N GLN A 43 4.77 -1.01 -5.59
CA GLN A 43 6.05 -1.40 -6.16
C GLN A 43 7.00 -0.20 -6.24
N ASP A 44 6.46 0.95 -6.62
CA ASP A 44 7.25 2.17 -6.74
C ASP A 44 7.80 2.59 -5.38
N LEU A 45 6.95 2.51 -4.36
CA LEU A 45 7.35 2.89 -3.01
C LEU A 45 8.38 1.91 -2.45
N LEU A 46 8.22 0.63 -2.78
CA LEU A 46 9.14 -0.40 -2.33
C LEU A 46 10.52 -0.22 -2.95
N THR A 47 10.53 0.22 -4.20
CA THR A 47 11.79 0.43 -4.91
C THR A 47 12.59 1.58 -4.29
N GLU A 48 11.90 2.65 -3.93
CA GLU A 48 12.55 3.80 -3.32
C GLU A 48 12.92 3.52 -1.87
N GLY A 49 12.37 2.44 -1.33
CA GLY A 49 12.65 2.08 0.05
C GLY A 49 11.60 2.59 1.02
N THR A 50 10.88 3.64 0.61
CA THR A 50 9.85 4.23 1.45
C THR A 50 9.13 3.16 2.26
N LEU A 51 8.80 2.05 1.61
CA LEU A 51 8.11 0.94 2.27
C LEU A 51 8.85 -0.37 2.06
N THR A 52 8.73 -1.28 3.02
CA THR A 52 9.37 -2.58 2.93
C THR A 52 8.37 -3.71 3.12
N GLY A 53 8.30 -4.60 2.14
CA GLY A 53 7.36 -5.72 2.22
C GLY A 53 7.76 -6.86 1.30
N VAL A 54 7.04 -7.97 1.40
CA VAL A 54 7.31 -9.14 0.57
C VAL A 54 6.06 -9.56 -0.20
N ILE A 55 6.25 -9.96 -1.46
CA ILE A 55 5.14 -10.39 -2.29
C ILE A 55 5.36 -11.82 -2.79
N ASP A 56 4.37 -12.68 -2.56
CA ASP A 56 4.46 -14.08 -2.98
C ASP A 56 4.13 -14.20 -4.47
N ASP A 57 4.22 -15.43 -4.98
CA ASP A 57 3.93 -15.68 -6.39
C ASP A 57 2.43 -15.89 -6.61
N ARG A 58 1.63 -15.25 -5.77
CA ARG A 58 0.18 -15.36 -5.87
C ARG A 58 -0.42 -14.08 -6.43
N GLY A 59 0.37 -13.00 -6.40
CA GLY A 59 -0.11 -11.72 -6.90
C GLY A 59 -0.83 -10.91 -5.84
N LYS A 60 -0.30 -10.92 -4.62
CA LYS A 60 -0.90 -10.19 -3.52
C LYS A 60 0.14 -9.35 -2.79
N PHE A 61 -0.32 -8.30 -2.11
CA PHE A 61 0.58 -7.42 -1.37
C PHE A 61 0.49 -7.69 0.13
N ILE A 62 1.63 -7.97 0.74
CA ILE A 62 1.69 -8.25 2.17
C ILE A 62 2.71 -7.35 2.86
N TYR A 63 2.23 -6.47 3.73
CA TYR A 63 3.10 -5.56 4.45
C TYR A 63 3.29 -6.01 5.89
N ILE A 64 4.53 -6.01 6.35
CA ILE A 64 4.85 -6.42 7.71
C ILE A 64 5.06 -5.22 8.62
N THR A 65 4.13 -5.03 9.55
CA THR A 65 4.20 -3.91 10.49
C THR A 65 4.60 -4.38 11.88
N PRO A 66 5.46 -3.61 12.54
CA PRO A 66 5.94 -3.93 13.90
C PRO A 66 4.85 -3.78 14.95
N SER A 67 4.82 -4.70 15.91
CA SER A 67 3.83 -4.66 16.98
C SER A 67 4.24 -5.57 18.13
N GLY A 68 4.22 -5.03 19.34
CA GLY A 68 4.59 -5.80 20.50
C GLY A 68 3.61 -5.64 21.65
N PRO A 69 3.67 -4.47 22.31
CA PRO A 69 2.78 -4.16 23.44
C PRO A 69 1.33 -3.95 23.00
N SER A 70 0.55 -5.04 23.05
CA SER A 70 -0.85 -4.97 22.65
C SER A 70 -1.73 -4.60 23.84
N SER A 71 -2.55 -3.56 23.66
CA SER A 71 -3.45 -3.10 24.71
C SER A 71 -4.78 -2.62 24.13
N GLY A 72 -5.87 -3.05 24.76
CA GLY A 72 -7.18 -2.65 24.29
C GLY A 72 -7.63 -1.32 24.84
N GLY A 1 -6.94 10.07 -16.14
CA GLY A 1 -6.03 11.17 -16.39
C GLY A 1 -5.43 11.73 -15.12
N SER A 2 -4.64 12.79 -15.26
CA SER A 2 -4.00 13.42 -14.11
C SER A 2 -5.02 13.72 -13.01
N SER A 3 -4.97 12.94 -11.93
CA SER A 3 -5.88 13.11 -10.81
C SER A 3 -5.13 13.19 -9.50
N GLY A 4 -5.08 14.38 -8.92
CA GLY A 4 -4.38 14.56 -7.65
C GLY A 4 -5.33 14.76 -6.49
N SER A 5 -5.40 13.76 -5.61
CA SER A 5 -6.28 13.83 -4.44
C SER A 5 -5.53 14.36 -3.22
N SER A 6 -6.28 14.86 -2.26
CA SER A 6 -5.69 15.40 -1.03
C SER A 6 -4.81 14.36 -0.36
N GLY A 7 -3.50 14.62 -0.33
CA GLY A 7 -2.57 13.70 0.29
C GLY A 7 -2.91 12.25 0.01
N PHE A 8 -2.86 11.87 -1.27
CA PHE A 8 -3.16 10.51 -1.67
C PHE A 8 -2.03 9.57 -1.30
N LEU A 9 -0.79 10.06 -1.40
CA LEU A 9 0.38 9.25 -1.08
C LEU A 9 0.47 9.00 0.42
N THR A 10 0.30 10.06 1.20
CA THR A 10 0.36 9.95 2.67
C THR A 10 -0.80 9.12 3.20
N GLU A 11 -2.00 9.41 2.71
CA GLU A 11 -3.19 8.68 3.15
C GLU A 11 -3.13 7.22 2.69
N PHE A 12 -2.58 7.01 1.51
CA PHE A 12 -2.46 5.66 0.96
C PHE A 12 -1.45 4.83 1.75
N ILE A 13 -0.30 5.43 2.03
CA ILE A 13 0.75 4.76 2.79
C ILE A 13 0.31 4.48 4.22
N ASN A 14 -0.34 5.45 4.83
CA ASN A 14 -0.82 5.30 6.21
C ASN A 14 -1.85 4.18 6.30
N TYR A 15 -2.62 3.99 5.25
CA TYR A 15 -3.64 2.95 5.21
C TYR A 15 -3.00 1.56 5.16
N ILE A 16 -1.87 1.47 4.49
CA ILE A 16 -1.16 0.20 4.37
C ILE A 16 -0.66 -0.28 5.73
N LYS A 17 -0.04 0.62 6.47
CA LYS A 17 0.49 0.30 7.79
C LYS A 17 -0.59 -0.31 8.68
N LYS A 18 -1.75 0.35 8.73
CA LYS A 18 -2.86 -0.12 9.54
C LYS A 18 -3.50 -1.37 8.92
N SER A 19 -3.64 -1.34 7.60
CA SER A 19 -4.23 -2.46 6.88
C SER A 19 -3.30 -3.67 6.88
N LYS A 20 -3.49 -4.56 7.85
CA LYS A 20 -2.67 -5.76 7.96
C LYS A 20 -2.48 -6.42 6.60
N VAL A 21 -3.58 -6.81 5.98
CA VAL A 21 -3.54 -7.46 4.67
C VAL A 21 -4.30 -6.64 3.63
N VAL A 22 -3.58 -6.19 2.61
CA VAL A 22 -4.19 -5.40 1.55
C VAL A 22 -4.08 -6.11 0.20
N LEU A 23 -5.23 -6.31 -0.44
CA LEU A 23 -5.27 -6.99 -1.73
C LEU A 23 -5.21 -5.98 -2.87
N LEU A 24 -4.50 -6.34 -3.94
CA LEU A 24 -4.37 -5.48 -5.10
C LEU A 24 -5.72 -5.21 -5.75
N GLU A 25 -6.53 -6.26 -5.86
CA GLU A 25 -7.85 -6.15 -6.46
C GLU A 25 -8.75 -5.24 -5.62
N ASP A 26 -8.70 -5.42 -4.31
CA ASP A 26 -9.51 -4.61 -3.40
C ASP A 26 -8.95 -3.20 -3.27
N LEU A 27 -7.62 -3.07 -3.40
CA LEU A 27 -6.97 -1.79 -3.29
C LEU A 27 -7.42 -0.85 -4.41
N ALA A 28 -7.45 -1.36 -5.64
CA ALA A 28 -7.87 -0.58 -6.78
C ALA A 28 -9.31 -0.09 -6.62
N PHE A 29 -10.18 -0.99 -6.18
CA PHE A 29 -11.59 -0.66 -5.99
C PHE A 29 -11.76 0.29 -4.80
N GLN A 30 -11.02 0.03 -3.74
CA GLN A 30 -11.09 0.87 -2.54
C GLN A 30 -10.82 2.33 -2.88
N MET A 31 -9.77 2.57 -3.66
CA MET A 31 -9.41 3.93 -4.05
C MET A 31 -9.93 4.24 -5.46
N GLY A 32 -10.51 3.23 -6.11
CA GLY A 32 -11.04 3.42 -7.44
C GLY A 32 -9.99 3.19 -8.51
N LEU A 33 -8.78 3.70 -8.29
CA LEU A 33 -7.69 3.54 -9.24
C LEU A 33 -7.68 2.12 -9.83
N ARG A 34 -7.17 2.00 -11.05
CA ARG A 34 -7.10 0.71 -11.72
C ARG A 34 -6.13 -0.22 -11.00
N THR A 35 -6.31 -1.52 -11.20
CA THR A 35 -5.46 -2.52 -10.57
C THR A 35 -3.99 -2.28 -10.91
N GLN A 36 -3.72 -1.98 -12.18
CA GLN A 36 -2.36 -1.72 -12.63
C GLN A 36 -1.84 -0.41 -12.06
N ASP A 37 -2.66 0.63 -12.12
CA ASP A 37 -2.26 1.93 -11.60
C ASP A 37 -1.92 1.86 -10.12
N ALA A 38 -2.77 1.18 -9.35
CA ALA A 38 -2.55 1.02 -7.92
C ALA A 38 -1.26 0.26 -7.65
N ILE A 39 -1.05 -0.83 -8.37
CA ILE A 39 0.14 -1.65 -8.20
C ILE A 39 1.40 -0.86 -8.52
N ASN A 40 1.35 -0.06 -9.58
CA ASN A 40 2.48 0.75 -9.99
C ASN A 40 2.94 1.66 -8.85
N ARG A 41 1.97 2.22 -8.13
CA ARG A 41 2.28 3.11 -7.01
C ARG A 41 3.05 2.37 -5.92
N ILE A 42 2.58 1.17 -5.58
CA ILE A 42 3.23 0.36 -4.55
C ILE A 42 4.66 0.01 -4.95
N GLN A 43 4.83 -0.40 -6.20
CA GLN A 43 6.14 -0.76 -6.71
C GLN A 43 7.13 0.38 -6.53
N ASP A 44 6.66 1.61 -6.71
CA ASP A 44 7.50 2.79 -6.57
C ASP A 44 7.92 2.99 -5.11
N LEU A 45 7.00 2.69 -4.19
CA LEU A 45 7.29 2.83 -2.77
C LEU A 45 8.29 1.79 -2.30
N LEU A 46 8.04 0.53 -2.66
CA LEU A 46 8.91 -0.57 -2.27
C LEU A 46 10.29 -0.41 -2.91
N THR A 47 10.31 0.05 -4.16
CA THR A 47 11.56 0.25 -4.88
C THR A 47 12.34 1.43 -4.32
N GLU A 48 11.62 2.51 -4.01
CA GLU A 48 12.25 3.70 -3.47
C GLU A 48 12.67 3.49 -2.01
N GLY A 49 12.11 2.46 -1.39
CA GLY A 49 12.44 2.15 0.00
C GLY A 49 11.42 2.72 0.96
N THR A 50 10.47 3.50 0.44
CA THR A 50 9.44 4.11 1.27
C THR A 50 8.69 3.06 2.07
N LEU A 51 8.51 1.88 1.48
CA LEU A 51 7.81 0.78 2.13
C LEU A 51 8.57 -0.53 1.98
N THR A 52 8.23 -1.51 2.81
CA THR A 52 8.88 -2.82 2.75
C THR A 52 7.85 -3.95 2.81
N GLY A 53 7.92 -4.84 1.83
CA GLY A 53 6.99 -5.96 1.79
C GLY A 53 7.47 -7.07 0.88
N VAL A 54 6.72 -8.17 0.86
CA VAL A 54 7.08 -9.32 0.03
C VAL A 54 5.92 -9.73 -0.87
N ILE A 55 6.25 -10.26 -2.05
CA ILE A 55 5.23 -10.68 -3.00
C ILE A 55 5.32 -12.18 -3.26
N ASP A 56 4.18 -12.84 -3.25
CA ASP A 56 4.13 -14.29 -3.49
C ASP A 56 3.50 -14.58 -4.85
N ASP A 57 3.56 -15.86 -5.25
CA ASP A 57 3.00 -16.27 -6.53
C ASP A 57 1.55 -15.79 -6.67
N ARG A 58 0.94 -15.44 -5.55
CA ARG A 58 -0.45 -14.98 -5.55
C ARG A 58 -0.51 -13.46 -5.66
N GLY A 59 0.59 -12.86 -6.11
CA GLY A 59 0.64 -11.41 -6.25
C GLY A 59 0.05 -10.69 -5.06
N LYS A 60 0.28 -11.24 -3.87
CA LYS A 60 -0.24 -10.63 -2.65
C LYS A 60 0.82 -9.75 -1.98
N PHE A 61 0.38 -8.69 -1.33
CA PHE A 61 1.28 -7.77 -0.65
C PHE A 61 1.14 -7.88 0.86
N ILE A 62 2.27 -8.07 1.54
CA ILE A 62 2.27 -8.19 2.99
C ILE A 62 3.15 -7.13 3.64
N TYR A 63 2.55 -6.25 4.41
CA TYR A 63 3.29 -5.18 5.08
C TYR A 63 3.52 -5.51 6.54
N ILE A 64 4.79 -5.53 6.94
CA ILE A 64 5.15 -5.85 8.32
C ILE A 64 5.28 -4.58 9.16
N THR A 65 4.47 -4.50 10.22
CA THR A 65 4.49 -3.34 11.10
C THR A 65 4.55 -3.75 12.56
N PRO A 66 5.36 -3.03 13.35
CA PRO A 66 5.53 -3.31 14.78
C PRO A 66 4.27 -2.98 15.59
N SER A 67 3.67 -4.00 16.19
CA SER A 67 2.47 -3.81 16.98
C SER A 67 2.25 -5.00 17.92
N GLY A 68 2.11 -4.71 19.20
CA GLY A 68 1.90 -5.75 20.19
C GLY A 68 0.85 -6.76 19.75
N PRO A 69 -0.43 -6.40 19.92
CA PRO A 69 -1.55 -7.27 19.55
C PRO A 69 -1.69 -7.41 18.03
N SER A 70 -2.24 -8.54 17.60
CA SER A 70 -2.43 -8.80 16.18
C SER A 70 -3.74 -9.56 15.94
N SER A 71 -4.63 -8.94 15.17
CA SER A 71 -5.92 -9.54 14.86
C SER A 71 -5.84 -10.38 13.59
N GLY A 72 -5.17 -9.84 12.58
CA GLY A 72 -5.03 -10.55 11.32
C GLY A 72 -4.43 -11.93 11.49
N GLY A 1 -7.88 24.72 3.23
CA GLY A 1 -7.52 25.68 2.21
C GLY A 1 -6.12 25.45 1.66
N SER A 2 -5.95 24.36 0.91
CA SER A 2 -4.66 24.03 0.33
C SER A 2 -4.66 24.27 -1.17
N SER A 3 -3.64 24.98 -1.66
CA SER A 3 -3.52 25.29 -3.07
C SER A 3 -3.29 24.02 -3.89
N GLY A 4 -2.18 23.34 -3.61
CA GLY A 4 -1.86 22.12 -4.32
C GLY A 4 -0.65 21.42 -3.75
N SER A 5 -0.87 20.27 -3.12
CA SER A 5 0.22 19.50 -2.52
C SER A 5 -0.14 18.01 -2.47
N SER A 6 0.83 17.20 -2.05
CA SER A 6 0.63 15.75 -1.96
C SER A 6 -0.52 15.43 -1.00
N GLY A 7 -0.93 14.16 -0.98
CA GLY A 7 -2.00 13.74 -0.11
C GLY A 7 -2.41 12.30 -0.34
N PHE A 8 -2.52 11.91 -1.60
CA PHE A 8 -2.91 10.56 -1.95
C PHE A 8 -1.83 9.56 -1.54
N LEU A 9 -0.57 9.95 -1.71
CA LEU A 9 0.56 9.09 -1.35
C LEU A 9 0.65 8.92 0.16
N THR A 10 0.52 10.03 0.88
CA THR A 10 0.59 10.00 2.34
C THR A 10 -0.59 9.23 2.93
N GLU A 11 -1.78 9.53 2.44
CA GLU A 11 -3.00 8.87 2.91
C GLU A 11 -3.00 7.39 2.52
N PHE A 12 -2.50 7.10 1.33
CA PHE A 12 -2.45 5.73 0.84
C PHE A 12 -1.53 4.87 1.70
N ILE A 13 -0.38 5.45 2.07
CA ILE A 13 0.59 4.73 2.89
C ILE A 13 0.05 4.52 4.30
N ASN A 14 -0.60 5.54 4.84
CA ASN A 14 -1.17 5.46 6.19
C ASN A 14 -2.08 4.25 6.32
N TYR A 15 -2.92 4.03 5.32
CA TYR A 15 -3.85 2.90 5.33
C TYR A 15 -3.10 1.58 5.37
N ILE A 16 -1.97 1.53 4.68
CA ILE A 16 -1.15 0.33 4.63
C ILE A 16 -0.57 0.00 6.01
N LYS A 17 -0.13 1.03 6.71
CA LYS A 17 0.44 0.85 8.05
C LYS A 17 -0.58 0.23 9.00
N LYS A 18 -1.78 0.80 9.04
CA LYS A 18 -2.84 0.30 9.89
C LYS A 18 -3.38 -1.04 9.39
N SER A 19 -3.55 -1.13 8.07
CA SER A 19 -4.06 -2.35 7.45
C SER A 19 -3.02 -3.47 7.52
N LYS A 20 -3.36 -4.52 8.27
CA LYS A 20 -2.46 -5.65 8.42
C LYS A 20 -2.27 -6.38 7.10
N VAL A 21 -3.37 -6.62 6.39
CA VAL A 21 -3.31 -7.30 5.10
C VAL A 21 -4.05 -6.51 4.03
N VAL A 22 -3.30 -6.03 3.04
CA VAL A 22 -3.87 -5.25 1.95
C VAL A 22 -3.67 -5.94 0.61
N LEU A 23 -4.77 -6.18 -0.10
CA LEU A 23 -4.70 -6.84 -1.40
C LEU A 23 -4.77 -5.82 -2.53
N LEU A 24 -4.01 -6.08 -3.60
CA LEU A 24 -3.99 -5.18 -4.75
C LEU A 24 -5.35 -5.11 -5.42
N GLU A 25 -6.03 -6.25 -5.47
CA GLU A 25 -7.36 -6.32 -6.09
C GLU A 25 -8.36 -5.48 -5.31
N ASP A 26 -8.30 -5.58 -3.98
CA ASP A 26 -9.21 -4.82 -3.13
C ASP A 26 -8.81 -3.35 -3.08
N LEU A 27 -7.52 -3.09 -3.06
CA LEU A 27 -7.01 -1.72 -3.01
C LEU A 27 -7.52 -0.91 -4.19
N ALA A 28 -7.57 -1.55 -5.36
CA ALA A 28 -8.04 -0.89 -6.57
C ALA A 28 -9.49 -0.45 -6.43
N PHE A 29 -10.33 -1.35 -5.93
CA PHE A 29 -11.75 -1.06 -5.74
C PHE A 29 -11.95 -0.05 -4.61
N GLN A 30 -11.18 -0.21 -3.55
CA GLN A 30 -11.28 0.69 -2.40
C GLN A 30 -11.09 2.14 -2.82
N MET A 31 -10.07 2.40 -3.64
CA MET A 31 -9.79 3.74 -4.11
C MET A 31 -10.31 3.93 -5.54
N GLY A 32 -10.80 2.84 -6.13
CA GLY A 32 -11.32 2.92 -7.49
C GLY A 32 -10.25 2.71 -8.54
N LEU A 33 -9.06 3.25 -8.28
CA LEU A 33 -7.94 3.12 -9.21
C LEU A 33 -7.87 1.71 -9.77
N ARG A 34 -7.18 1.57 -10.90
CA ARG A 34 -7.02 0.27 -11.55
C ARG A 34 -6.04 -0.61 -10.77
N THR A 35 -6.15 -1.92 -10.97
CA THR A 35 -5.26 -2.86 -10.29
C THR A 35 -3.80 -2.59 -10.63
N GLN A 36 -3.52 -2.43 -11.92
CA GLN A 36 -2.16 -2.17 -12.37
C GLN A 36 -1.65 -0.83 -11.84
N ASP A 37 -2.52 0.18 -11.87
CA ASP A 37 -2.17 1.50 -11.39
C ASP A 37 -1.74 1.46 -9.93
N ALA A 38 -2.50 0.74 -9.12
CA ALA A 38 -2.20 0.62 -7.70
C ALA A 38 -0.88 -0.13 -7.48
N ILE A 39 -0.72 -1.24 -8.20
CA ILE A 39 0.49 -2.05 -8.09
C ILE A 39 1.73 -1.25 -8.46
N ASN A 40 1.63 -0.52 -9.58
CA ASN A 40 2.74 0.30 -10.05
C ASN A 40 3.18 1.30 -9.00
N ARG A 41 2.21 1.86 -8.29
CA ARG A 41 2.49 2.83 -7.23
C ARG A 41 3.28 2.19 -6.10
N ILE A 42 2.80 1.05 -5.63
CA ILE A 42 3.45 0.33 -4.54
C ILE A 42 4.88 -0.06 -4.92
N GLN A 43 5.05 -0.55 -6.14
CA GLN A 43 6.36 -0.97 -6.62
C GLN A 43 7.35 0.19 -6.56
N ASP A 44 6.89 1.38 -6.93
CA ASP A 44 7.74 2.57 -6.92
C ASP A 44 8.14 2.93 -5.49
N LEU A 45 7.18 2.84 -4.57
CA LEU A 45 7.44 3.16 -3.17
C LEU A 45 8.34 2.12 -2.53
N LEU A 46 8.14 0.85 -2.91
CA LEU A 46 8.94 -0.24 -2.36
C LEU A 46 10.38 -0.17 -2.89
N THR A 47 10.53 0.30 -4.13
CA THR A 47 11.84 0.41 -4.75
C THR A 47 12.66 1.52 -4.11
N GLU A 48 12.00 2.65 -3.85
CA GLU A 48 12.68 3.80 -3.24
C GLU A 48 13.02 3.51 -1.79
N GLY A 49 12.34 2.53 -1.20
CA GLY A 49 12.58 2.16 0.18
C GLY A 49 11.49 2.65 1.11
N THR A 50 10.77 3.68 0.68
CA THR A 50 9.69 4.25 1.49
C THR A 50 8.92 3.15 2.21
N LEU A 51 8.61 2.08 1.50
CA LEU A 51 7.88 0.95 2.08
C LEU A 51 8.62 -0.36 1.86
N THR A 52 8.43 -1.30 2.78
CA THR A 52 9.09 -2.60 2.69
C THR A 52 8.07 -3.73 2.76
N GLY A 53 8.05 -4.57 1.72
CA GLY A 53 7.12 -5.69 1.69
C GLY A 53 7.51 -6.74 0.68
N VAL A 54 6.78 -7.85 0.67
CA VAL A 54 7.06 -8.94 -0.26
C VAL A 54 5.83 -9.29 -1.07
N ILE A 55 6.03 -9.72 -2.31
CA ILE A 55 4.94 -10.08 -3.20
C ILE A 55 5.03 -11.55 -3.61
N ASP A 56 3.91 -12.25 -3.54
CA ASP A 56 3.87 -13.66 -3.90
C ASP A 56 3.31 -13.84 -5.31
N ASP A 57 3.38 -15.07 -5.82
CA ASP A 57 2.89 -15.37 -7.16
C ASP A 57 1.38 -15.13 -7.25
N ARG A 58 0.75 -14.93 -6.10
CA ARG A 58 -0.69 -14.70 -6.05
C ARG A 58 -0.99 -13.20 -6.14
N GLY A 59 -0.04 -12.44 -6.67
CA GLY A 59 -0.23 -11.01 -6.81
C GLY A 59 -0.85 -10.38 -5.58
N LYS A 60 -0.25 -10.65 -4.41
CA LYS A 60 -0.76 -10.12 -3.16
C LYS A 60 0.33 -9.30 -2.45
N PHE A 61 -0.10 -8.25 -1.75
CA PHE A 61 0.83 -7.39 -1.03
C PHE A 61 0.76 -7.65 0.48
N ILE A 62 1.90 -8.01 1.07
CA ILE A 62 1.96 -8.27 2.50
C ILE A 62 2.90 -7.30 3.20
N TYR A 63 2.35 -6.49 4.09
CA TYR A 63 3.14 -5.51 4.84
C TYR A 63 3.34 -5.97 6.27
N ILE A 64 4.58 -5.83 6.76
CA ILE A 64 4.91 -6.22 8.12
C ILE A 64 4.96 -5.01 9.04
N THR A 65 4.08 -4.99 10.04
CA THR A 65 4.03 -3.88 10.98
C THR A 65 3.65 -4.37 12.38
N PRO A 66 4.32 -3.82 13.40
CA PRO A 66 4.06 -4.19 14.79
C PRO A 66 2.70 -3.69 15.29
N SER A 67 2.07 -4.48 16.15
CA SER A 67 0.76 -4.12 16.68
C SER A 67 0.82 -2.80 17.43
N GLY A 68 -0.16 -1.94 17.18
CA GLY A 68 -0.19 -0.64 17.85
C GLY A 68 0.71 0.37 17.18
N PRO A 69 0.40 1.66 17.37
CA PRO A 69 1.19 2.75 16.79
C PRO A 69 2.56 2.89 17.43
N SER A 70 2.59 2.94 18.77
CA SER A 70 3.83 3.07 19.51
C SER A 70 4.89 2.12 18.96
N SER A 71 6.15 2.43 19.24
CA SER A 71 7.25 1.60 18.78
C SER A 71 7.37 0.32 19.60
N GLY A 72 7.59 0.47 20.89
CA GLY A 72 7.71 -0.68 21.77
C GLY A 72 8.80 -0.52 22.81
N GLY A 1 -5.01 18.82 -8.55
CA GLY A 1 -5.97 19.60 -7.79
C GLY A 1 -5.73 21.09 -7.91
N SER A 2 -6.67 21.80 -8.53
CA SER A 2 -6.54 23.24 -8.72
C SER A 2 -6.55 23.97 -7.37
N SER A 3 -5.36 24.23 -6.85
CA SER A 3 -5.23 24.91 -5.57
C SER A 3 -5.66 24.00 -4.42
N GLY A 4 -5.26 22.75 -4.50
CA GLY A 4 -5.61 21.79 -3.45
C GLY A 4 -4.46 20.87 -3.09
N SER A 5 -4.36 20.52 -1.81
CA SER A 5 -3.29 19.65 -1.35
C SER A 5 -3.51 18.22 -1.83
N SER A 6 -2.47 17.64 -2.44
CA SER A 6 -2.55 16.29 -2.95
C SER A 6 -1.66 15.35 -2.14
N GLY A 7 -2.27 14.65 -1.19
CA GLY A 7 -1.53 13.72 -0.35
C GLY A 7 -2.03 12.29 -0.48
N PHE A 8 -2.34 11.88 -1.70
CA PHE A 8 -2.82 10.54 -1.97
C PHE A 8 -1.78 9.49 -1.56
N LEU A 9 -0.53 9.76 -1.91
CA LEU A 9 0.56 8.84 -1.59
C LEU A 9 0.73 8.71 -0.08
N THR A 10 0.64 9.83 0.63
CA THR A 10 0.78 9.84 2.08
C THR A 10 -0.38 9.11 2.74
N GLU A 11 -1.60 9.40 2.30
CA GLU A 11 -2.78 8.76 2.86
C GLU A 11 -2.82 7.28 2.50
N PHE A 12 -2.30 6.94 1.33
CA PHE A 12 -2.28 5.56 0.87
C PHE A 12 -1.36 4.71 1.73
N ILE A 13 -0.18 5.26 2.03
CA ILE A 13 0.80 4.55 2.86
C ILE A 13 0.30 4.39 4.28
N ASN A 14 -0.24 5.47 4.84
CA ASN A 14 -0.76 5.43 6.21
C ASN A 14 -1.79 4.31 6.38
N TYR A 15 -2.65 4.15 5.39
CA TYR A 15 -3.68 3.12 5.43
C TYR A 15 -3.05 1.73 5.44
N ILE A 16 -1.99 1.54 4.66
CA ILE A 16 -1.30 0.27 4.59
C ILE A 16 -0.62 -0.06 5.92
N LYS A 17 -0.04 0.96 6.54
CA LYS A 17 0.64 0.78 7.81
C LYS A 17 -0.28 0.15 8.85
N LYS A 18 -1.48 0.73 8.99
CA LYS A 18 -2.46 0.22 9.94
C LYS A 18 -3.05 -1.11 9.46
N SER A 19 -3.35 -1.17 8.17
CA SER A 19 -3.93 -2.38 7.58
C SER A 19 -2.90 -3.51 7.54
N LYS A 20 -3.20 -4.59 8.25
CA LYS A 20 -2.30 -5.74 8.30
C LYS A 20 -2.19 -6.41 6.93
N VAL A 21 -3.34 -6.79 6.37
CA VAL A 21 -3.37 -7.43 5.06
C VAL A 21 -4.19 -6.61 4.06
N VAL A 22 -3.55 -6.19 2.98
CA VAL A 22 -4.23 -5.41 1.95
C VAL A 22 -4.11 -6.07 0.59
N LEU A 23 -5.25 -6.28 -0.06
CA LEU A 23 -5.28 -6.91 -1.38
C LEU A 23 -5.33 -5.86 -2.48
N LEU A 24 -4.66 -6.14 -3.59
CA LEU A 24 -4.63 -5.22 -4.72
C LEU A 24 -6.00 -5.11 -5.37
N GLU A 25 -6.74 -6.21 -5.38
CA GLU A 25 -8.07 -6.24 -5.97
C GLU A 25 -9.03 -5.35 -5.19
N ASP A 26 -8.95 -5.42 -3.86
CA ASP A 26 -9.80 -4.63 -3.00
C ASP A 26 -9.34 -3.17 -2.97
N LEU A 27 -8.03 -2.97 -3.00
CA LEU A 27 -7.46 -1.63 -2.97
C LEU A 27 -7.91 -0.82 -4.18
N ALA A 28 -7.94 -1.47 -5.34
CA ALA A 28 -8.35 -0.81 -6.57
C ALA A 28 -9.81 -0.35 -6.49
N PHE A 29 -10.68 -1.25 -6.03
CA PHE A 29 -12.09 -0.94 -5.89
C PHE A 29 -12.32 0.10 -4.79
N GLN A 30 -11.61 -0.05 -3.68
CA GLN A 30 -11.74 0.86 -2.55
C GLN A 30 -11.41 2.29 -2.97
N MET A 31 -10.31 2.45 -3.70
CA MET A 31 -9.89 3.77 -4.17
C MET A 31 -10.33 4.00 -5.61
N GLY A 32 -10.97 2.99 -6.20
CA GLY A 32 -11.43 3.09 -7.57
C GLY A 32 -10.33 2.78 -8.57
N LEU A 33 -9.14 3.29 -8.31
CA LEU A 33 -8.00 3.07 -9.20
C LEU A 33 -7.92 1.60 -9.63
N ARG A 34 -7.19 1.34 -10.70
CA ARG A 34 -7.04 -0.02 -11.21
C ARG A 34 -5.96 -0.77 -10.44
N THR A 35 -6.07 -2.09 -10.43
CA THR A 35 -5.10 -2.93 -9.72
C THR A 35 -3.69 -2.69 -10.23
N GLN A 36 -3.52 -2.69 -11.55
CA GLN A 36 -2.22 -2.47 -12.15
C GLN A 36 -1.68 -1.09 -11.79
N ASP A 37 -2.54 -0.08 -11.88
CA ASP A 37 -2.16 1.30 -11.56
C ASP A 37 -1.64 1.40 -10.13
N ALA A 38 -2.37 0.78 -9.20
CA ALA A 38 -2.00 0.80 -7.79
C ALA A 38 -0.63 0.13 -7.58
N ILE A 39 -0.43 -1.01 -8.23
CA ILE A 39 0.82 -1.74 -8.12
C ILE A 39 2.00 -0.89 -8.58
N ASN A 40 1.80 -0.18 -9.69
CA ASN A 40 2.85 0.68 -10.24
C ASN A 40 3.34 1.69 -9.20
N ARG A 41 2.39 2.26 -8.45
CA ARG A 41 2.73 3.24 -7.43
C ARG A 41 3.43 2.57 -6.25
N ILE A 42 2.87 1.45 -5.80
CA ILE A 42 3.44 0.71 -4.67
C ILE A 42 4.86 0.25 -4.98
N GLN A 43 5.08 -0.18 -6.22
CA GLN A 43 6.39 -0.65 -6.64
C GLN A 43 7.44 0.45 -6.48
N ASP A 44 7.07 1.67 -6.86
CA ASP A 44 7.98 2.81 -6.77
C ASP A 44 8.29 3.13 -5.31
N LEU A 45 7.30 2.95 -4.44
CA LEU A 45 7.48 3.23 -3.02
C LEU A 45 8.44 2.23 -2.39
N LEU A 46 8.30 0.96 -2.78
CA LEU A 46 9.15 -0.10 -2.24
C LEU A 46 10.57 0.04 -2.78
N THR A 47 10.70 0.42 -4.04
CA THR A 47 12.00 0.59 -4.68
C THR A 47 12.79 1.72 -4.02
N GLU A 48 12.08 2.78 -3.65
CA GLU A 48 12.71 3.93 -3.02
C GLU A 48 13.02 3.65 -1.55
N GLY A 49 12.36 2.63 -1.01
CA GLY A 49 12.57 2.27 0.39
C GLY A 49 11.45 2.75 1.28
N THR A 50 10.75 3.79 0.86
CA THR A 50 9.65 4.35 1.63
C THR A 50 8.83 3.25 2.28
N LEU A 51 8.70 2.12 1.58
CA LEU A 51 7.94 0.99 2.10
C LEU A 51 8.69 -0.32 1.89
N THR A 52 8.43 -1.29 2.75
CA THR A 52 9.09 -2.59 2.67
C THR A 52 8.07 -3.72 2.82
N GLY A 53 8.11 -4.67 1.88
CA GLY A 53 7.20 -5.80 1.93
C GLY A 53 7.57 -6.89 0.96
N VAL A 54 6.84 -8.01 1.01
CA VAL A 54 7.11 -9.14 0.13
C VAL A 54 5.86 -9.50 -0.67
N ILE A 55 6.06 -9.81 -1.95
CA ILE A 55 4.94 -10.19 -2.81
C ILE A 55 5.13 -11.60 -3.37
N ASP A 56 4.19 -12.48 -3.05
CA ASP A 56 4.24 -13.86 -3.52
C ASP A 56 3.90 -13.95 -4.99
N ASP A 57 3.96 -15.15 -5.54
CA ASP A 57 3.65 -15.38 -6.95
C ASP A 57 2.16 -15.54 -7.16
N ARG A 58 1.37 -15.03 -6.22
CA ARG A 58 -0.08 -15.12 -6.31
C ARG A 58 -0.68 -13.78 -6.74
N GLY A 59 0.12 -12.72 -6.66
CA GLY A 59 -0.35 -11.41 -7.05
C GLY A 59 -1.04 -10.67 -5.91
N LYS A 60 -0.49 -10.81 -4.71
CA LYS A 60 -1.06 -10.15 -3.53
C LYS A 60 0.00 -9.33 -2.81
N PHE A 61 -0.44 -8.35 -2.04
CA PHE A 61 0.47 -7.49 -1.28
C PHE A 61 0.44 -7.83 0.20
N ILE A 62 1.60 -8.04 0.78
CA ILE A 62 1.71 -8.37 2.20
C ILE A 62 2.70 -7.47 2.91
N TYR A 63 2.20 -6.64 3.82
CA TYR A 63 3.05 -5.72 4.57
C TYR A 63 3.17 -6.16 6.03
N ILE A 64 4.34 -5.93 6.61
CA ILE A 64 4.59 -6.29 8.00
C ILE A 64 4.84 -5.05 8.86
N THR A 65 4.11 -4.96 9.96
CA THR A 65 4.25 -3.83 10.87
C THR A 65 3.78 -4.19 12.28
N PRO A 66 4.53 -3.73 13.29
CA PRO A 66 4.22 -3.99 14.69
C PRO A 66 2.97 -3.24 15.16
N SER A 67 2.26 -3.83 16.12
CA SER A 67 1.04 -3.23 16.64
C SER A 67 1.02 -3.28 18.17
N GLY A 68 1.23 -4.48 18.72
CA GLY A 68 1.23 -4.64 20.16
C GLY A 68 0.89 -6.06 20.58
N PRO A 69 -0.42 -6.37 20.61
CA PRO A 69 -0.92 -7.69 21.00
C PRO A 69 -0.59 -8.75 19.96
N SER A 70 -0.04 -8.32 18.82
CA SER A 70 0.32 -9.25 17.75
C SER A 70 0.88 -10.55 18.32
N SER A 71 0.72 -11.63 17.57
CA SER A 71 1.20 -12.94 18.00
C SER A 71 1.48 -13.83 16.79
N GLY A 72 2.67 -14.41 16.74
CA GLY A 72 3.03 -15.29 15.64
C GLY A 72 2.42 -16.67 15.79
N GLY A 1 -14.65 10.81 -10.09
CA GLY A 1 -13.30 11.33 -10.16
C GLY A 1 -12.58 11.25 -8.82
N SER A 2 -12.29 10.03 -8.39
CA SER A 2 -11.61 9.80 -7.12
C SER A 2 -10.36 10.68 -7.02
N SER A 3 -9.52 10.62 -8.04
CA SER A 3 -8.29 11.41 -8.06
C SER A 3 -8.58 12.90 -7.84
N GLY A 4 -8.19 13.41 -6.69
CA GLY A 4 -8.42 14.80 -6.37
C GLY A 4 -8.32 15.09 -4.89
N SER A 5 -7.32 14.50 -4.24
CA SER A 5 -7.12 14.69 -2.81
C SER A 5 -5.71 15.20 -2.52
N SER A 6 -5.57 15.92 -1.41
CA SER A 6 -4.28 16.47 -1.02
C SER A 6 -3.47 15.44 -0.23
N GLY A 7 -2.42 14.93 -0.86
CA GLY A 7 -1.57 13.94 -0.20
C GLY A 7 -2.09 12.53 -0.36
N PHE A 8 -2.42 12.15 -1.59
CA PHE A 8 -2.95 10.82 -1.88
C PHE A 8 -1.91 9.75 -1.56
N LEU A 9 -0.64 10.07 -1.80
CA LEU A 9 0.45 9.14 -1.53
C LEU A 9 0.64 8.94 -0.03
N THR A 10 0.68 10.04 0.71
CA THR A 10 0.86 9.98 2.15
C THR A 10 -0.32 9.29 2.83
N GLU A 11 -1.53 9.67 2.42
CA GLU A 11 -2.75 9.08 2.99
C GLU A 11 -2.88 7.61 2.58
N PHE A 12 -2.44 7.31 1.36
CA PHE A 12 -2.51 5.94 0.84
C PHE A 12 -1.65 5.00 1.68
N ILE A 13 -0.41 5.42 1.95
CA ILE A 13 0.52 4.62 2.74
C ILE A 13 0.05 4.49 4.18
N ASN A 14 -0.44 5.59 4.74
CA ASN A 14 -0.93 5.61 6.12
C ASN A 14 -1.96 4.51 6.34
N TYR A 15 -2.67 4.14 5.27
CA TYR A 15 -3.69 3.10 5.36
C TYR A 15 -3.05 1.71 5.40
N ILE A 16 -1.93 1.57 4.72
CA ILE A 16 -1.22 0.30 4.69
C ILE A 16 -0.69 -0.07 6.08
N LYS A 17 -0.14 0.90 6.78
CA LYS A 17 0.39 0.69 8.12
C LYS A 17 -0.66 0.05 9.02
N LYS A 18 -1.84 0.64 9.04
CA LYS A 18 -2.94 0.13 9.87
C LYS A 18 -3.49 -1.17 9.29
N SER A 19 -3.64 -1.21 7.97
CA SER A 19 -4.16 -2.39 7.30
C SER A 19 -3.16 -3.53 7.35
N LYS A 20 -3.44 -4.53 8.19
CA LYS A 20 -2.57 -5.69 8.33
C LYS A 20 -2.39 -6.41 7.01
N VAL A 21 -3.51 -6.66 6.33
CA VAL A 21 -3.48 -7.35 5.04
C VAL A 21 -4.25 -6.57 3.98
N VAL A 22 -3.55 -6.09 2.97
CA VAL A 22 -4.16 -5.33 1.89
C VAL A 22 -4.01 -6.04 0.56
N LEU A 23 -5.11 -6.16 -0.17
CA LEU A 23 -5.11 -6.83 -1.47
C LEU A 23 -5.05 -5.81 -2.60
N LEU A 24 -4.32 -6.15 -3.66
CA LEU A 24 -4.20 -5.26 -4.81
C LEU A 24 -5.53 -5.10 -5.53
N GLU A 25 -6.25 -6.19 -5.68
CA GLU A 25 -7.55 -6.18 -6.35
C GLU A 25 -8.56 -5.34 -5.56
N ASP A 26 -8.56 -5.53 -4.24
CA ASP A 26 -9.47 -4.80 -3.37
C ASP A 26 -9.02 -3.35 -3.20
N LEU A 27 -7.70 -3.15 -3.17
CA LEU A 27 -7.14 -1.81 -3.01
C LEU A 27 -7.54 -0.90 -4.18
N ALA A 28 -7.47 -1.45 -5.38
CA ALA A 28 -7.81 -0.70 -6.59
C ALA A 28 -9.29 -0.32 -6.58
N PHE A 29 -10.15 -1.28 -6.23
CA PHE A 29 -11.59 -1.05 -6.18
C PHE A 29 -11.95 -0.11 -5.04
N GLN A 30 -11.28 -0.29 -3.90
CA GLN A 30 -11.53 0.54 -2.73
C GLN A 30 -11.35 2.01 -3.06
N MET A 31 -10.28 2.34 -3.77
CA MET A 31 -9.99 3.72 -4.15
C MET A 31 -10.49 4.00 -5.56
N GLY A 32 -10.76 2.94 -6.32
CA GLY A 32 -11.23 3.10 -7.68
C GLY A 32 -10.12 3.02 -8.69
N LEU A 33 -8.91 3.40 -8.28
CA LEU A 33 -7.75 3.37 -9.17
C LEU A 33 -7.61 2.00 -9.84
N ARG A 34 -7.11 2.00 -11.06
CA ARG A 34 -6.93 0.76 -11.81
C ARG A 34 -6.04 -0.21 -11.04
N THR A 35 -6.22 -1.51 -11.29
CA THR A 35 -5.45 -2.54 -10.61
C THR A 35 -3.96 -2.35 -10.86
N GLN A 36 -3.59 -2.16 -12.12
CA GLN A 36 -2.19 -1.96 -12.49
C GLN A 36 -1.67 -0.63 -11.96
N ASP A 37 -2.44 0.43 -12.15
CA ASP A 37 -2.06 1.76 -11.68
C ASP A 37 -1.82 1.76 -10.17
N ALA A 38 -2.73 1.11 -9.44
CA ALA A 38 -2.61 1.04 -7.98
C ALA A 38 -1.36 0.29 -7.57
N ILE A 39 -1.09 -0.82 -8.25
CA ILE A 39 0.08 -1.65 -7.95
C ILE A 39 1.37 -0.87 -8.22
N ASN A 40 1.41 -0.16 -9.34
CA ASN A 40 2.59 0.63 -9.70
C ASN A 40 2.95 1.61 -8.59
N ARG A 41 1.93 2.11 -7.88
CA ARG A 41 2.15 3.06 -6.81
C ARG A 41 2.97 2.42 -5.68
N ILE A 42 2.59 1.22 -5.29
CA ILE A 42 3.28 0.50 -4.22
C ILE A 42 4.67 0.06 -4.68
N GLN A 43 4.75 -0.46 -5.90
CA GLN A 43 6.01 -0.92 -6.46
C GLN A 43 7.06 0.20 -6.42
N ASP A 44 6.63 1.41 -6.75
CA ASP A 44 7.53 2.56 -6.76
C ASP A 44 8.02 2.88 -5.36
N LEU A 45 7.10 2.88 -4.40
CA LEU A 45 7.43 3.17 -3.00
C LEU A 45 8.38 2.12 -2.45
N LEU A 46 8.10 0.86 -2.76
CA LEU A 46 8.93 -0.25 -2.28
C LEU A 46 10.34 -0.17 -2.88
N THR A 47 10.42 0.34 -4.11
CA THR A 47 11.70 0.47 -4.79
C THR A 47 12.55 1.57 -4.16
N GLU A 48 11.94 2.72 -3.93
CA GLU A 48 12.64 3.85 -3.34
C GLU A 48 12.99 3.56 -1.87
N GLY A 49 12.32 2.59 -1.28
CA GLY A 49 12.57 2.23 0.10
C GLY A 49 11.49 2.74 1.03
N THR A 50 10.76 3.75 0.59
CA THR A 50 9.69 4.33 1.40
C THR A 50 8.90 3.24 2.13
N LEU A 51 8.78 2.09 1.49
CA LEU A 51 8.06 0.96 2.09
C LEU A 51 8.81 -0.35 1.87
N THR A 52 8.55 -1.32 2.74
CA THR A 52 9.19 -2.63 2.64
C THR A 52 8.17 -3.75 2.69
N GLY A 53 8.16 -4.58 1.65
CA GLY A 53 7.23 -5.69 1.60
C GLY A 53 7.65 -6.75 0.62
N VAL A 54 6.91 -7.86 0.58
CA VAL A 54 7.22 -8.96 -0.32
C VAL A 54 5.98 -9.41 -1.08
N ILE A 55 6.17 -9.87 -2.31
CA ILE A 55 5.07 -10.33 -3.14
C ILE A 55 5.18 -11.83 -3.42
N ASP A 56 4.08 -12.55 -3.24
CA ASP A 56 4.05 -13.98 -3.47
C ASP A 56 3.58 -14.29 -4.89
N ASP A 57 3.66 -15.56 -5.28
CA ASP A 57 3.24 -15.99 -6.61
C ASP A 57 1.74 -15.78 -6.80
N ARG A 58 1.05 -15.40 -5.72
CA ARG A 58 -0.38 -15.16 -5.78
C ARG A 58 -0.68 -13.67 -5.91
N GLY A 59 0.30 -12.92 -6.39
CA GLY A 59 0.11 -11.49 -6.55
C GLY A 59 -0.55 -10.84 -5.35
N LYS A 60 -0.10 -11.23 -4.16
CA LYS A 60 -0.66 -10.69 -2.92
C LYS A 60 0.32 -9.74 -2.26
N PHE A 61 -0.21 -8.79 -1.49
CA PHE A 61 0.63 -7.81 -0.80
C PHE A 61 0.66 -8.09 0.70
N ILE A 62 1.86 -8.29 1.23
CA ILE A 62 2.04 -8.57 2.65
C ILE A 62 3.00 -7.58 3.29
N TYR A 63 2.48 -6.78 4.22
CA TYR A 63 3.28 -5.78 4.91
C TYR A 63 3.54 -6.19 6.36
N ILE A 64 4.79 -6.06 6.79
CA ILE A 64 5.18 -6.42 8.15
C ILE A 64 5.27 -5.18 9.04
N THR A 65 4.38 -5.10 10.03
CA THR A 65 4.37 -3.97 10.95
C THR A 65 4.21 -4.44 12.39
N PRO A 66 4.96 -3.80 13.30
CA PRO A 66 4.93 -4.14 14.73
C PRO A 66 3.61 -3.73 15.38
N SER A 67 2.81 -4.72 15.76
CA SER A 67 1.52 -4.46 16.39
C SER A 67 1.70 -3.71 17.70
N GLY A 68 0.84 -2.73 17.94
CA GLY A 68 0.92 -1.95 19.16
C GLY A 68 -0.42 -1.80 19.84
N PRO A 69 -1.12 -0.68 19.54
CA PRO A 69 -2.44 -0.40 20.13
C PRO A 69 -3.51 -1.34 19.61
N SER A 70 -4.69 -1.29 20.23
CA SER A 70 -5.81 -2.14 19.83
C SER A 70 -6.58 -1.50 18.68
N SER A 71 -6.21 -1.86 17.45
CA SER A 71 -6.87 -1.33 16.27
C SER A 71 -8.20 -2.01 16.03
N GLY A 72 -9.12 -1.31 15.37
CA GLY A 72 -10.43 -1.87 15.10
C GLY A 72 -11.37 -0.87 14.45
N GLY A 1 10.01 14.96 -6.68
CA GLY A 1 9.28 15.94 -7.44
C GLY A 1 7.95 16.30 -6.80
N SER A 2 8.00 16.99 -5.67
CA SER A 2 6.79 17.38 -4.95
C SER A 2 5.82 18.10 -5.89
N SER A 3 4.59 17.62 -5.91
CA SER A 3 3.55 18.21 -6.78
C SER A 3 2.36 18.68 -5.94
N GLY A 4 1.50 19.47 -6.56
CA GLY A 4 0.33 19.99 -5.87
C GLY A 4 -0.46 18.88 -5.19
N SER A 5 -0.37 17.67 -5.74
CA SER A 5 -1.09 16.52 -5.19
C SER A 5 -0.24 15.79 -4.17
N SER A 6 0.20 16.50 -3.14
CA SER A 6 1.04 15.91 -2.10
C SER A 6 0.19 15.50 -0.90
N GLY A 7 -0.40 14.31 -0.96
CA GLY A 7 -1.23 13.83 0.12
C GLY A 7 -1.75 12.42 -0.12
N PHE A 8 -2.09 12.14 -1.38
CA PHE A 8 -2.61 10.82 -1.74
C PHE A 8 -1.67 9.72 -1.27
N LEU A 9 -0.37 9.91 -1.49
CA LEU A 9 0.63 8.93 -1.10
C LEU A 9 0.64 8.74 0.41
N THR A 10 0.59 9.86 1.15
CA THR A 10 0.58 9.81 2.60
C THR A 10 -0.65 9.11 3.14
N GLU A 11 -1.81 9.45 2.58
CA GLU A 11 -3.06 8.84 3.01
C GLU A 11 -3.08 7.34 2.69
N PHE A 12 -2.47 6.97 1.56
CA PHE A 12 -2.42 5.58 1.16
C PHE A 12 -1.52 4.77 2.09
N ILE A 13 -0.35 5.32 2.39
CA ILE A 13 0.59 4.65 3.28
C ILE A 13 -0.01 4.42 4.66
N ASN A 14 -0.68 5.44 5.18
CA ASN A 14 -1.31 5.36 6.49
C ASN A 14 -2.29 4.21 6.55
N TYR A 15 -3.02 4.00 5.46
CA TYR A 15 -4.00 2.92 5.38
C TYR A 15 -3.32 1.56 5.36
N ILE A 16 -2.16 1.49 4.71
CA ILE A 16 -1.41 0.25 4.62
C ILE A 16 -0.86 -0.16 5.99
N LYS A 17 -0.38 0.82 6.75
CA LYS A 17 0.17 0.56 8.07
C LYS A 17 -0.85 -0.14 8.95
N LYS A 18 -2.06 0.40 9.00
CA LYS A 18 -3.12 -0.18 9.81
C LYS A 18 -3.64 -1.48 9.19
N SER A 19 -3.79 -1.48 7.87
CA SER A 19 -4.27 -2.65 7.16
C SER A 19 -3.22 -3.75 7.16
N LYS A 20 -3.49 -4.82 7.90
CA LYS A 20 -2.58 -5.95 7.99
C LYS A 20 -2.41 -6.63 6.64
N VAL A 21 -3.52 -6.83 5.94
CA VAL A 21 -3.49 -7.46 4.62
C VAL A 21 -4.21 -6.62 3.58
N VAL A 22 -3.48 -6.17 2.58
CA VAL A 22 -4.05 -5.35 1.52
C VAL A 22 -3.88 -6.01 0.15
N LEU A 23 -4.99 -6.20 -0.55
CA LEU A 23 -4.96 -6.82 -1.86
C LEU A 23 -4.99 -5.77 -2.97
N LEU A 24 -4.25 -6.03 -4.04
CA LEU A 24 -4.19 -5.10 -5.17
C LEU A 24 -5.56 -4.91 -5.79
N GLU A 25 -6.31 -6.01 -5.91
CA GLU A 25 -7.64 -5.97 -6.50
C GLU A 25 -8.59 -5.14 -5.64
N ASP A 26 -8.50 -5.33 -4.32
CA ASP A 26 -9.36 -4.60 -3.39
C ASP A 26 -8.95 -3.13 -3.33
N LEU A 27 -7.65 -2.88 -3.35
CA LEU A 27 -7.14 -1.52 -3.30
C LEU A 27 -7.62 -0.70 -4.50
N ALA A 28 -7.65 -1.34 -5.66
CA ALA A 28 -8.08 -0.69 -6.89
C ALA A 28 -9.55 -0.28 -6.80
N PHE A 29 -10.39 -1.19 -6.32
CA PHE A 29 -11.81 -0.92 -6.19
C PHE A 29 -12.07 0.08 -5.07
N GLN A 30 -11.39 -0.11 -3.94
CA GLN A 30 -11.55 0.78 -2.80
C GLN A 30 -11.27 2.23 -3.19
N MET A 31 -10.17 2.44 -3.90
CA MET A 31 -9.79 3.77 -4.34
C MET A 31 -10.29 4.05 -5.75
N GLY A 32 -10.79 3.01 -6.41
CA GLY A 32 -11.29 3.16 -7.76
C GLY A 32 -10.21 3.01 -8.81
N LEU A 33 -9.01 3.45 -8.48
CA LEU A 33 -7.88 3.35 -9.40
C LEU A 33 -7.76 1.95 -9.98
N ARG A 34 -7.19 1.85 -11.18
CA ARG A 34 -7.03 0.57 -11.85
C ARG A 34 -6.10 -0.35 -11.04
N THR A 35 -6.16 -1.64 -11.34
CA THR A 35 -5.33 -2.62 -10.64
C THR A 35 -3.85 -2.39 -10.93
N GLN A 36 -3.53 -2.23 -12.21
CA GLN A 36 -2.15 -2.00 -12.61
C GLN A 36 -1.63 -0.65 -12.11
N ASP A 37 -2.47 0.37 -12.24
CA ASP A 37 -2.11 1.71 -11.80
C ASP A 37 -1.81 1.73 -10.31
N ALA A 38 -2.71 1.15 -9.53
CA ALA A 38 -2.56 1.09 -8.08
C ALA A 38 -1.32 0.30 -7.69
N ILE A 39 -1.09 -0.81 -8.38
CA ILE A 39 0.07 -1.66 -8.11
C ILE A 39 1.37 -0.91 -8.34
N ASN A 40 1.42 -0.14 -9.43
CA ASN A 40 2.61 0.63 -9.77
C ASN A 40 2.98 1.59 -8.64
N ARG A 41 1.97 2.07 -7.93
CA ARG A 41 2.18 2.99 -6.81
C ARG A 41 2.97 2.31 -5.70
N ILE A 42 2.56 1.11 -5.33
CA ILE A 42 3.23 0.35 -4.28
C ILE A 42 4.63 -0.06 -4.70
N GLN A 43 4.73 -0.63 -5.91
CA GLN A 43 6.02 -1.08 -6.44
C GLN A 43 7.03 0.07 -6.46
N ASP A 44 6.54 1.27 -6.78
CA ASP A 44 7.41 2.44 -6.84
C ASP A 44 7.90 2.83 -5.45
N LEU A 45 7.00 2.76 -4.47
CA LEU A 45 7.35 3.10 -3.10
C LEU A 45 8.30 2.05 -2.50
N LEU A 46 8.00 0.78 -2.75
CA LEU A 46 8.82 -0.31 -2.24
C LEU A 46 10.22 -0.27 -2.84
N THR A 47 10.31 0.20 -4.08
CA THR A 47 11.59 0.30 -4.78
C THR A 47 12.47 1.37 -4.16
N GLU A 48 11.88 2.54 -3.90
CA GLU A 48 12.62 3.64 -3.31
C GLU A 48 12.96 3.35 -1.85
N GLY A 49 12.26 2.39 -1.27
CA GLY A 49 12.49 2.02 0.12
C GLY A 49 11.44 2.58 1.05
N THR A 50 10.70 3.58 0.59
CA THR A 50 9.65 4.19 1.38
C THR A 50 8.83 3.14 2.13
N LEU A 51 8.79 1.94 1.58
CA LEU A 51 8.06 0.85 2.20
C LEU A 51 8.77 -0.49 1.99
N THR A 52 8.56 -1.42 2.93
CA THR A 52 9.20 -2.73 2.84
C THR A 52 8.15 -3.84 2.90
N GLY A 53 8.20 -4.75 1.93
CA GLY A 53 7.26 -5.86 1.90
C GLY A 53 7.65 -6.92 0.89
N VAL A 54 6.91 -8.02 0.88
CA VAL A 54 7.18 -9.11 -0.04
C VAL A 54 5.93 -9.48 -0.84
N ILE A 55 6.15 -9.92 -2.08
CA ILE A 55 5.03 -10.31 -2.94
C ILE A 55 5.07 -11.80 -3.25
N ASP A 56 3.91 -12.45 -3.13
CA ASP A 56 3.82 -13.88 -3.39
C ASP A 56 3.37 -14.14 -4.83
N ASP A 57 3.40 -15.40 -5.25
CA ASP A 57 2.99 -15.77 -6.59
C ASP A 57 1.51 -15.46 -6.81
N ARG A 58 0.82 -15.09 -5.75
CA ARG A 58 -0.60 -14.78 -5.82
C ARG A 58 -0.82 -13.27 -5.83
N GLY A 59 0.21 -12.53 -6.25
CA GLY A 59 0.11 -11.08 -6.30
C GLY A 59 -0.39 -10.49 -4.99
N LYS A 60 -0.17 -11.21 -3.90
CA LYS A 60 -0.60 -10.75 -2.58
C LYS A 60 0.45 -9.85 -1.94
N PHE A 61 0.00 -8.82 -1.24
CA PHE A 61 0.91 -7.89 -0.59
C PHE A 61 0.94 -8.13 0.91
N ILE A 62 2.12 -8.40 1.45
CA ILE A 62 2.29 -8.65 2.87
C ILE A 62 3.24 -7.64 3.50
N TYR A 63 2.71 -6.80 4.38
CA TYR A 63 3.50 -5.79 5.06
C TYR A 63 3.72 -6.15 6.52
N ILE A 64 4.89 -5.78 7.05
CA ILE A 64 5.22 -6.07 8.43
C ILE A 64 5.51 -4.77 9.21
N THR A 65 4.53 -4.34 9.98
CA THR A 65 4.67 -3.12 10.78
C THR A 65 5.05 -3.44 12.22
N PRO A 66 5.97 -2.65 12.79
CA PRO A 66 6.44 -2.83 14.16
C PRO A 66 5.36 -2.48 15.19
N SER A 67 4.93 -3.49 15.95
CA SER A 67 3.90 -3.29 16.97
C SER A 67 3.88 -4.46 17.95
N GLY A 68 3.43 -4.19 19.17
CA GLY A 68 3.37 -5.22 20.19
C GLY A 68 4.65 -6.03 20.27
N PRO A 69 4.55 -7.24 20.82
CA PRO A 69 5.70 -8.14 20.97
C PRO A 69 6.19 -8.68 19.64
N SER A 70 7.41 -8.31 19.27
CA SER A 70 7.99 -8.77 18.02
C SER A 70 8.62 -10.15 18.18
N SER A 71 9.14 -10.42 19.36
CA SER A 71 9.77 -11.71 19.65
C SER A 71 10.56 -12.20 18.43
N GLY A 72 11.25 -11.29 17.76
CA GLY A 72 12.03 -11.64 16.59
C GLY A 72 11.18 -11.76 15.35
N GLY A 1 4.43 7.65 -14.67
CA GLY A 1 3.79 8.18 -13.48
C GLY A 1 2.85 9.32 -13.79
N SER A 2 1.60 9.19 -13.34
CA SER A 2 0.59 10.22 -13.57
C SER A 2 0.72 11.34 -12.55
N SER A 3 0.07 12.47 -12.84
CA SER A 3 0.11 13.62 -11.95
C SER A 3 -1.15 13.70 -11.10
N GLY A 4 -1.00 14.17 -9.87
CA GLY A 4 -2.14 14.29 -8.98
C GLY A 4 -1.79 15.01 -7.68
N SER A 5 -2.52 14.68 -6.62
CA SER A 5 -2.29 15.30 -5.32
C SER A 5 -1.33 14.45 -4.48
N SER A 6 -0.46 15.12 -3.72
CA SER A 6 0.51 14.44 -2.87
C SER A 6 -0.18 13.75 -1.70
N GLY A 7 -1.19 14.42 -1.15
CA GLY A 7 -1.92 13.86 -0.02
C GLY A 7 -2.31 12.41 -0.24
N PHE A 8 -2.67 12.08 -1.47
CA PHE A 8 -3.06 10.72 -1.81
C PHE A 8 -1.97 9.72 -1.41
N LEU A 9 -0.71 10.14 -1.53
CA LEU A 9 0.42 9.30 -1.19
C LEU A 9 0.50 9.08 0.32
N THR A 10 0.40 10.17 1.07
CA THR A 10 0.46 10.10 2.52
C THR A 10 -0.71 9.32 3.09
N GLU A 11 -1.91 9.62 2.60
CA GLU A 11 -3.11 8.93 3.05
C GLU A 11 -3.11 7.46 2.62
N PHE A 12 -2.56 7.21 1.44
CA PHE A 12 -2.50 5.85 0.91
C PHE A 12 -1.55 4.99 1.74
N ILE A 13 -0.40 5.55 2.09
CA ILE A 13 0.60 4.83 2.88
C ILE A 13 0.07 4.53 4.28
N ASN A 14 -0.52 5.54 4.92
CA ASN A 14 -1.06 5.38 6.25
C ASN A 14 -2.03 4.21 6.31
N TYR A 15 -2.91 4.12 5.31
CA TYR A 15 -3.89 3.04 5.24
C TYR A 15 -3.21 1.68 5.16
N ILE A 16 -2.16 1.61 4.33
CA ILE A 16 -1.42 0.36 4.16
C ILE A 16 -0.77 -0.07 5.46
N LYS A 17 -0.28 0.90 6.23
CA LYS A 17 0.37 0.62 7.49
C LYS A 17 -0.62 0.04 8.50
N LYS A 18 -1.76 0.70 8.65
CA LYS A 18 -2.79 0.23 9.58
C LYS A 18 -3.40 -1.09 9.11
N SER A 19 -3.64 -1.19 7.81
CA SER A 19 -4.22 -2.40 7.23
C SER A 19 -3.21 -3.54 7.24
N LYS A 20 -3.51 -4.58 8.03
CA LYS A 20 -2.64 -5.73 8.13
C LYS A 20 -2.47 -6.43 6.78
N VAL A 21 -3.59 -6.90 6.23
CA VAL A 21 -3.58 -7.58 4.94
C VAL A 21 -4.41 -6.82 3.91
N VAL A 22 -3.75 -6.29 2.89
CA VAL A 22 -4.43 -5.54 1.85
C VAL A 22 -4.26 -6.22 0.50
N LEU A 23 -5.36 -6.35 -0.24
CA LEU A 23 -5.34 -6.99 -1.55
C LEU A 23 -5.23 -5.95 -2.66
N LEU A 24 -4.36 -6.22 -3.63
CA LEU A 24 -4.16 -5.31 -4.75
C LEU A 24 -5.46 -5.10 -5.53
N GLU A 25 -6.18 -6.19 -5.75
CA GLU A 25 -7.44 -6.13 -6.49
C GLU A 25 -8.48 -5.32 -5.72
N ASP A 26 -8.45 -5.43 -4.39
CA ASP A 26 -9.39 -4.70 -3.55
C ASP A 26 -9.01 -3.22 -3.46
N LEU A 27 -7.70 -2.95 -3.45
CA LEU A 27 -7.21 -1.58 -3.38
C LEU A 27 -7.67 -0.77 -4.58
N ALA A 28 -7.65 -1.39 -5.75
CA ALA A 28 -8.08 -0.72 -6.98
C ALA A 28 -9.54 -0.30 -6.91
N PHE A 29 -10.38 -1.22 -6.46
CA PHE A 29 -11.81 -0.95 -6.33
C PHE A 29 -12.09 0.04 -5.21
N GLN A 30 -11.47 -0.20 -4.06
CA GLN A 30 -11.65 0.67 -2.90
C GLN A 30 -11.29 2.11 -3.25
N MET A 31 -10.16 2.29 -3.90
CA MET A 31 -9.69 3.62 -4.30
C MET A 31 -10.09 3.93 -5.74
N GLY A 32 -10.73 2.96 -6.40
CA GLY A 32 -11.15 3.16 -7.78
C GLY A 32 -10.02 2.91 -8.76
N LEU A 33 -8.84 3.44 -8.45
CA LEU A 33 -7.67 3.28 -9.32
C LEU A 33 -7.59 1.85 -9.85
N ARG A 34 -6.94 1.70 -11.00
CA ARG A 34 -6.79 0.38 -11.61
C ARG A 34 -5.81 -0.48 -10.83
N THR A 35 -6.00 -1.79 -10.89
CA THR A 35 -5.13 -2.73 -10.18
C THR A 35 -3.67 -2.51 -10.56
N GLN A 36 -3.40 -2.41 -11.85
CA GLN A 36 -2.05 -2.20 -12.34
C GLN A 36 -1.52 -0.83 -11.92
N ASP A 37 -2.37 0.19 -12.04
CA ASP A 37 -1.99 1.55 -11.67
C ASP A 37 -1.59 1.62 -10.21
N ALA A 38 -2.43 1.06 -9.33
CA ALA A 38 -2.15 1.07 -7.91
C ALA A 38 -0.87 0.32 -7.59
N ILE A 39 -0.70 -0.86 -8.20
CA ILE A 39 0.48 -1.67 -7.98
C ILE A 39 1.74 -0.92 -8.40
N ASN A 40 1.67 -0.25 -9.54
CA ASN A 40 2.81 0.50 -10.06
C ASN A 40 3.30 1.52 -9.03
N ARG A 41 2.35 2.20 -8.39
CA ARG A 41 2.69 3.21 -7.38
C ARG A 41 3.27 2.54 -6.13
N ILE A 42 2.68 1.43 -5.72
CA ILE A 42 3.14 0.70 -4.55
C ILE A 42 4.56 0.19 -4.74
N GLN A 43 4.84 -0.33 -5.92
CA GLN A 43 6.16 -0.86 -6.25
C GLN A 43 7.21 0.23 -6.16
N ASP A 44 6.87 1.41 -6.67
CA ASP A 44 7.80 2.55 -6.66
C ASP A 44 8.11 2.97 -5.22
N LEU A 45 7.08 3.02 -4.39
CA LEU A 45 7.24 3.41 -3.00
C LEU A 45 8.12 2.41 -2.24
N LEU A 46 7.98 1.14 -2.59
CA LEU A 46 8.76 0.08 -1.96
C LEU A 46 10.23 0.16 -2.37
N THR A 47 10.47 0.61 -3.60
CA THR A 47 11.82 0.73 -4.12
C THR A 47 12.61 1.81 -3.37
N GLU A 48 11.95 2.93 -3.10
CA GLU A 48 12.59 4.03 -2.39
C GLU A 48 12.77 3.69 -0.92
N GLY A 49 12.03 2.70 -0.45
CA GLY A 49 12.13 2.30 0.95
C GLY A 49 10.92 2.71 1.76
N THR A 50 10.21 3.73 1.28
CA THR A 50 9.03 4.23 1.97
C THR A 50 8.19 3.08 2.53
N LEU A 51 8.30 1.92 1.91
CA LEU A 51 7.55 0.74 2.36
C LEU A 51 8.37 -0.54 2.12
N THR A 52 8.32 -1.44 3.09
CA THR A 52 9.05 -2.70 2.99
C THR A 52 8.10 -3.89 3.14
N GLY A 53 8.09 -4.76 2.14
CA GLY A 53 7.22 -5.92 2.18
C GLY A 53 7.54 -6.91 1.08
N VAL A 54 6.86 -8.05 1.09
CA VAL A 54 7.06 -9.09 0.08
C VAL A 54 5.76 -9.43 -0.62
N ILE A 55 5.88 -9.91 -1.86
CA ILE A 55 4.71 -10.28 -2.65
C ILE A 55 4.82 -11.71 -3.17
N ASP A 56 3.88 -12.55 -2.77
CA ASP A 56 3.87 -13.95 -3.20
C ASP A 56 3.35 -14.07 -4.63
N ASP A 57 3.36 -15.30 -5.15
CA ASP A 57 2.89 -15.55 -6.50
C ASP A 57 1.36 -15.59 -6.55
N ARG A 58 0.73 -15.35 -5.40
CA ARG A 58 -0.73 -15.35 -5.30
C ARG A 58 -1.30 -13.96 -5.56
N GLY A 59 -0.51 -13.11 -6.20
CA GLY A 59 -0.95 -11.76 -6.49
C GLY A 59 -1.50 -11.06 -5.27
N LYS A 60 -0.85 -11.27 -4.12
CA LYS A 60 -1.29 -10.65 -2.87
C LYS A 60 -0.17 -9.80 -2.28
N PHE A 61 -0.56 -8.72 -1.62
CA PHE A 61 0.40 -7.81 -1.00
C PHE A 61 0.44 -8.00 0.51
N ILE A 62 1.62 -8.33 1.03
CA ILE A 62 1.80 -8.54 2.46
C ILE A 62 2.80 -7.55 3.05
N TYR A 63 2.31 -6.65 3.90
CA TYR A 63 3.16 -5.66 4.53
C TYR A 63 3.58 -6.10 5.93
N ILE A 64 4.88 -6.06 6.19
CA ILE A 64 5.41 -6.45 7.49
C ILE A 64 6.02 -5.27 8.21
N THR A 65 5.38 -4.83 9.29
CA THR A 65 5.86 -3.70 10.07
C THR A 65 6.40 -4.15 11.42
N PRO A 66 7.51 -3.53 11.85
CA PRO A 66 8.15 -3.86 13.13
C PRO A 66 7.32 -3.43 14.33
N SER A 67 7.25 -4.29 15.34
CA SER A 67 6.48 -4.00 16.54
C SER A 67 5.02 -3.73 16.19
N GLY A 68 4.53 -4.39 15.14
CA GLY A 68 3.16 -4.21 14.73
C GLY A 68 2.29 -5.40 15.07
N PRO A 69 2.12 -6.31 14.09
CA PRO A 69 1.30 -7.52 14.26
C PRO A 69 1.95 -8.52 15.21
N SER A 70 3.15 -8.18 15.70
CA SER A 70 3.86 -9.06 16.61
C SER A 70 2.92 -9.65 17.66
N SER A 71 2.90 -10.98 17.74
CA SER A 71 2.04 -11.66 18.70
C SER A 71 2.12 -11.02 20.08
N GLY A 72 0.96 -10.74 20.66
CA GLY A 72 0.93 -10.11 21.97
C GLY A 72 1.03 -8.60 21.91
N GLY A 1 -3.43 29.33 -2.07
CA GLY A 1 -2.66 28.65 -1.05
C GLY A 1 -2.14 27.30 -1.51
N SER A 2 -2.95 26.28 -1.35
CA SER A 2 -2.57 24.93 -1.75
C SER A 2 -3.34 24.47 -2.98
N SER A 3 -2.61 24.00 -3.99
CA SER A 3 -3.23 23.55 -5.22
C SER A 3 -2.52 22.32 -5.77
N GLY A 4 -3.21 21.18 -5.74
CA GLY A 4 -2.63 19.95 -6.23
C GLY A 4 -1.34 19.59 -5.52
N SER A 5 -1.38 19.57 -4.20
CA SER A 5 -0.20 19.25 -3.40
C SER A 5 -0.32 17.84 -2.80
N SER A 6 0.78 17.37 -2.22
CA SER A 6 0.81 16.04 -1.61
C SER A 6 -0.48 15.76 -0.86
N GLY A 7 -0.90 14.50 -0.85
CA GLY A 7 -2.12 14.12 -0.16
C GLY A 7 -2.46 12.66 -0.36
N PHE A 8 -2.70 12.27 -1.61
CA PHE A 8 -3.05 10.89 -1.92
C PHE A 8 -1.89 9.94 -1.57
N LEU A 9 -0.67 10.40 -1.79
CA LEU A 9 0.51 9.60 -1.49
C LEU A 9 0.67 9.39 0.01
N THR A 10 0.55 10.48 0.77
CA THR A 10 0.68 10.41 2.22
C THR A 10 -0.43 9.56 2.84
N GLU A 11 -1.66 9.79 2.38
CA GLU A 11 -2.81 9.04 2.89
C GLU A 11 -2.74 7.58 2.45
N PHE A 12 -2.25 7.36 1.25
CA PHE A 12 -2.13 6.01 0.70
C PHE A 12 -1.13 5.19 1.52
N ILE A 13 0.00 5.80 1.87
CA ILE A 13 1.02 5.13 2.65
C ILE A 13 0.55 4.87 4.08
N ASN A 14 0.08 5.92 4.74
CA ASN A 14 -0.41 5.79 6.12
C ASN A 14 -1.49 4.73 6.22
N TYR A 15 -2.31 4.63 5.18
CA TYR A 15 -3.39 3.65 5.15
C TYR A 15 -2.85 2.23 5.07
N ILE A 16 -1.82 2.05 4.25
CA ILE A 16 -1.19 0.75 4.08
C ILE A 16 -0.60 0.25 5.39
N LYS A 17 -0.04 1.17 6.17
CA LYS A 17 0.56 0.82 7.45
C LYS A 17 -0.48 0.28 8.41
N LYS A 18 -1.61 0.98 8.53
CA LYS A 18 -2.68 0.56 9.42
C LYS A 18 -3.28 -0.77 8.95
N SER A 19 -3.48 -0.90 7.65
CA SER A 19 -4.06 -2.11 7.08
C SER A 19 -3.06 -3.26 7.16
N LYS A 20 -3.29 -4.16 8.12
CA LYS A 20 -2.42 -5.32 8.31
C LYS A 20 -2.17 -6.03 6.98
N VAL A 21 -3.25 -6.42 6.31
CA VAL A 21 -3.14 -7.11 5.03
C VAL A 21 -3.96 -6.41 3.96
N VAL A 22 -3.28 -5.92 2.92
CA VAL A 22 -3.94 -5.22 1.83
C VAL A 22 -3.77 -5.97 0.51
N LEU A 23 -4.87 -6.15 -0.20
CA LEU A 23 -4.84 -6.86 -1.49
C LEU A 23 -4.82 -5.87 -2.64
N LEU A 24 -4.05 -6.19 -3.68
CA LEU A 24 -3.96 -5.33 -4.86
C LEU A 24 -5.30 -5.19 -5.55
N GLU A 25 -6.03 -6.30 -5.66
CA GLU A 25 -7.34 -6.31 -6.29
C GLU A 25 -8.34 -5.47 -5.49
N ASP A 26 -8.30 -5.63 -4.17
CA ASP A 26 -9.20 -4.88 -3.29
C ASP A 26 -8.80 -3.41 -3.23
N LEU A 27 -7.50 -3.15 -3.25
CA LEU A 27 -7.00 -1.78 -3.18
C LEU A 27 -7.50 -0.97 -4.38
N ALA A 28 -7.54 -1.61 -5.55
CA ALA A 28 -8.00 -0.94 -6.75
C ALA A 28 -9.46 -0.52 -6.63
N PHE A 29 -10.30 -1.43 -6.15
CA PHE A 29 -11.72 -1.16 -5.99
C PHE A 29 -11.96 -0.16 -4.86
N GLN A 30 -11.26 -0.35 -3.75
CA GLN A 30 -11.39 0.53 -2.60
C GLN A 30 -11.10 1.98 -2.99
N MET A 31 -10.03 2.17 -3.74
CA MET A 31 -9.65 3.51 -4.20
C MET A 31 -10.18 3.79 -5.59
N GLY A 32 -10.81 2.79 -6.19
CA GLY A 32 -11.36 2.95 -7.53
C GLY A 32 -10.32 2.72 -8.61
N LEU A 33 -9.13 3.26 -8.41
CA LEU A 33 -8.05 3.12 -9.38
C LEU A 33 -7.99 1.69 -9.92
N ARG A 34 -7.31 1.52 -11.04
CA ARG A 34 -7.18 0.20 -11.67
C ARG A 34 -6.12 -0.64 -10.94
N THR A 35 -6.21 -1.96 -11.11
CA THR A 35 -5.27 -2.87 -10.48
C THR A 35 -3.82 -2.50 -10.82
N GLN A 36 -3.58 -2.24 -12.10
CA GLN A 36 -2.24 -1.87 -12.54
C GLN A 36 -1.84 -0.50 -12.02
N ASP A 37 -2.80 0.42 -11.97
CA ASP A 37 -2.55 1.78 -11.49
C ASP A 37 -2.10 1.75 -10.03
N ALA A 38 -2.84 1.03 -9.21
CA ALA A 38 -2.52 0.93 -7.78
C ALA A 38 -1.15 0.28 -7.58
N ILE A 39 -0.87 -0.77 -8.35
CA ILE A 39 0.40 -1.47 -8.26
C ILE A 39 1.57 -0.54 -8.55
N ASN A 40 1.41 0.30 -9.57
CA ASN A 40 2.46 1.24 -9.95
C ASN A 40 2.85 2.12 -8.77
N ARG A 41 1.85 2.62 -8.05
CA ARG A 41 2.10 3.47 -6.89
C ARG A 41 2.85 2.71 -5.81
N ILE A 42 2.42 1.49 -5.53
CA ILE A 42 3.05 0.66 -4.51
C ILE A 42 4.49 0.34 -4.88
N GLN A 43 4.71 0.01 -6.15
CA GLN A 43 6.05 -0.32 -6.63
C GLN A 43 7.01 0.82 -6.37
N ASP A 44 6.52 2.05 -6.48
CA ASP A 44 7.35 3.24 -6.26
C ASP A 44 7.73 3.35 -4.79
N LEU A 45 6.82 2.95 -3.91
CA LEU A 45 7.07 3.02 -2.47
C LEU A 45 8.09 1.97 -2.05
N LEU A 46 7.92 0.75 -2.54
CA LEU A 46 8.83 -0.34 -2.21
C LEU A 46 10.23 -0.07 -2.75
N THR A 47 10.29 0.58 -3.91
CA THR A 47 11.56 0.92 -4.53
C THR A 47 12.35 1.92 -3.69
N GLU A 48 11.66 2.97 -3.24
CA GLU A 48 12.29 3.99 -2.42
C GLU A 48 12.55 3.49 -1.00
N GLY A 49 11.88 2.40 -0.65
CA GLY A 49 12.04 1.83 0.68
C GLY A 49 10.95 2.26 1.64
N THR A 50 10.20 3.29 1.25
CA THR A 50 9.12 3.81 2.09
C THR A 50 8.32 2.66 2.71
N LEU A 51 8.23 1.55 1.98
CA LEU A 51 7.49 0.38 2.47
C LEU A 51 8.30 -0.89 2.26
N THR A 52 8.07 -1.88 3.12
CA THR A 52 8.77 -3.15 3.02
C THR A 52 7.80 -4.33 3.15
N GLY A 53 7.87 -5.23 2.18
CA GLY A 53 6.99 -6.39 2.20
C GLY A 53 7.39 -7.44 1.18
N VAL A 54 6.71 -8.58 1.21
CA VAL A 54 6.99 -9.66 0.27
C VAL A 54 5.75 -10.03 -0.54
N ILE A 55 5.95 -10.28 -1.83
CA ILE A 55 4.85 -10.65 -2.71
C ILE A 55 5.02 -12.07 -3.25
N ASP A 56 4.06 -12.93 -2.94
CA ASP A 56 4.11 -14.32 -3.39
C ASP A 56 3.77 -14.41 -4.88
N ASP A 57 3.84 -15.63 -5.41
CA ASP A 57 3.54 -15.85 -6.83
C ASP A 57 2.05 -16.05 -7.04
N ARG A 58 1.24 -15.50 -6.14
CA ARG A 58 -0.21 -15.61 -6.22
C ARG A 58 -0.83 -14.29 -6.64
N GLY A 59 -0.06 -13.20 -6.51
CA GLY A 59 -0.55 -11.89 -6.88
C GLY A 59 -1.18 -11.16 -5.71
N LYS A 60 -0.54 -11.27 -4.55
CA LYS A 60 -1.04 -10.61 -3.34
C LYS A 60 0.06 -9.77 -2.68
N PHE A 61 -0.35 -8.80 -1.87
CA PHE A 61 0.60 -7.94 -1.18
C PHE A 61 0.64 -8.23 0.31
N ILE A 62 1.83 -8.49 0.84
CA ILE A 62 2.00 -8.79 2.25
C ILE A 62 2.86 -7.74 2.94
N TYR A 63 2.24 -6.99 3.86
CA TYR A 63 2.96 -5.95 4.58
C TYR A 63 3.19 -6.36 6.04
N ILE A 64 4.34 -5.98 6.58
CA ILE A 64 4.68 -6.30 7.96
C ILE A 64 5.10 -5.06 8.73
N THR A 65 4.85 -5.07 10.04
CA THR A 65 5.20 -3.94 10.89
C THR A 65 5.23 -4.36 12.36
N PRO A 66 6.21 -3.81 13.10
CA PRO A 66 6.38 -4.11 14.53
C PRO A 66 5.26 -3.50 15.38
N SER A 67 5.43 -3.57 16.70
CA SER A 67 4.44 -3.04 17.62
C SER A 67 3.07 -3.68 17.38
N GLY A 68 3.09 -4.93 16.92
CA GLY A 68 1.85 -5.64 16.67
C GLY A 68 1.97 -7.14 16.87
N PRO A 69 0.86 -7.86 16.71
CA PRO A 69 0.83 -9.31 16.89
C PRO A 69 1.58 -10.05 15.78
N SER A 70 1.27 -9.69 14.53
CA SER A 70 1.92 -10.32 13.38
C SER A 70 3.43 -10.29 13.53
N SER A 71 4.05 -11.47 13.45
CA SER A 71 5.50 -11.60 13.59
C SER A 71 6.07 -12.52 12.52
N GLY A 72 7.18 -12.11 11.93
CA GLY A 72 7.82 -12.91 10.89
C GLY A 72 7.38 -12.51 9.49
N GLY A 1 -17.98 15.12 -6.05
CA GLY A 1 -17.30 14.25 -5.11
C GLY A 1 -15.93 14.76 -4.71
N SER A 2 -14.93 13.89 -4.79
CA SER A 2 -13.57 14.27 -4.43
C SER A 2 -12.72 14.50 -5.68
N SER A 3 -12.44 15.77 -5.97
CA SER A 3 -11.65 16.14 -7.14
C SER A 3 -10.25 15.53 -7.07
N GLY A 4 -9.62 15.66 -5.89
CA GLY A 4 -8.29 15.12 -5.71
C GLY A 4 -7.64 15.61 -4.42
N SER A 5 -8.02 14.99 -3.31
CA SER A 5 -7.47 15.36 -2.01
C SER A 5 -5.94 15.37 -2.04
N SER A 6 -5.36 16.46 -1.55
CA SER A 6 -3.91 16.59 -1.53
C SER A 6 -3.30 15.69 -0.45
N GLY A 7 -2.45 14.76 -0.88
CA GLY A 7 -1.81 13.85 0.05
C GLY A 7 -2.25 12.41 -0.15
N PHE A 8 -2.36 12.00 -1.41
CA PHE A 8 -2.76 10.64 -1.73
C PHE A 8 -1.67 9.65 -1.38
N LEU A 9 -0.42 10.06 -1.53
CA LEU A 9 0.72 9.21 -1.22
C LEU A 9 0.81 8.92 0.27
N THR A 10 0.69 9.98 1.08
CA THR A 10 0.76 9.84 2.52
C THR A 10 -0.44 9.06 3.05
N GLU A 11 -1.63 9.41 2.58
CA GLU A 11 -2.85 8.74 3.01
C GLU A 11 -2.88 7.29 2.52
N PHE A 12 -2.39 7.08 1.30
CA PHE A 12 -2.35 5.75 0.70
C PHE A 12 -1.46 4.81 1.50
N ILE A 13 -0.28 5.32 1.88
CA ILE A 13 0.67 4.53 2.66
C ILE A 13 0.15 4.27 4.07
N ASN A 14 -0.47 5.28 4.66
CA ASN A 14 -1.01 5.17 6.01
C ASN A 14 -1.96 3.97 6.12
N TYR A 15 -2.82 3.82 5.12
CA TYR A 15 -3.79 2.73 5.10
C TYR A 15 -3.06 1.38 5.05
N ILE A 16 -1.98 1.32 4.28
CA ILE A 16 -1.21 0.09 4.13
C ILE A 16 -0.52 -0.27 5.44
N LYS A 17 -0.06 0.75 6.17
CA LYS A 17 0.62 0.54 7.44
C LYS A 17 -0.33 -0.05 8.47
N LYS A 18 -1.50 0.58 8.63
CA LYS A 18 -2.50 0.11 9.58
C LYS A 18 -3.15 -1.17 9.09
N SER A 19 -3.41 -1.25 7.79
CA SER A 19 -4.04 -2.42 7.20
C SER A 19 -3.10 -3.62 7.22
N LYS A 20 -3.38 -4.58 8.08
CA LYS A 20 -2.56 -5.77 8.21
C LYS A 20 -2.42 -6.48 6.86
N VAL A 21 -3.55 -6.68 6.19
CA VAL A 21 -3.56 -7.35 4.89
C VAL A 21 -4.31 -6.51 3.85
N VAL A 22 -3.60 -6.10 2.81
CA VAL A 22 -4.20 -5.30 1.75
C VAL A 22 -4.16 -6.04 0.41
N LEU A 23 -5.32 -6.16 -0.23
CA LEU A 23 -5.42 -6.83 -1.51
C LEU A 23 -5.42 -5.84 -2.66
N LEU A 24 -4.79 -6.22 -3.76
CA LEU A 24 -4.72 -5.36 -4.94
C LEU A 24 -6.11 -5.18 -5.57
N GLU A 25 -6.87 -6.26 -5.61
CA GLU A 25 -8.22 -6.22 -6.19
C GLU A 25 -9.13 -5.32 -5.36
N ASP A 26 -9.05 -5.44 -4.05
CA ASP A 26 -9.87 -4.63 -3.15
C ASP A 26 -9.36 -3.20 -3.09
N LEU A 27 -8.04 -3.04 -3.11
CA LEU A 27 -7.42 -1.72 -3.05
C LEU A 27 -7.84 -0.88 -4.26
N ALA A 28 -7.82 -1.49 -5.43
CA ALA A 28 -8.20 -0.79 -6.65
C ALA A 28 -9.64 -0.31 -6.59
N PHE A 29 -10.53 -1.19 -6.15
CA PHE A 29 -11.95 -0.86 -6.03
C PHE A 29 -12.18 0.17 -4.93
N GLN A 30 -11.50 -0.02 -3.81
CA GLN A 30 -11.63 0.89 -2.67
C GLN A 30 -11.25 2.32 -3.06
N MET A 31 -10.13 2.45 -3.77
CA MET A 31 -9.67 3.76 -4.21
C MET A 31 -10.02 4.00 -5.67
N GLY A 32 -10.76 3.07 -6.26
CA GLY A 32 -11.16 3.19 -7.65
C GLY A 32 -10.03 2.86 -8.61
N LEU A 33 -8.85 3.41 -8.35
CA LEU A 33 -7.70 3.17 -9.20
C LEU A 33 -7.66 1.72 -9.68
N ARG A 34 -7.02 1.50 -10.83
CA ARG A 34 -6.92 0.16 -11.38
C ARG A 34 -5.92 -0.69 -10.60
N THR A 35 -6.07 -2.01 -10.69
CA THR A 35 -5.19 -2.93 -9.98
C THR A 35 -3.73 -2.69 -10.37
N GLN A 36 -3.47 -2.58 -11.67
CA GLN A 36 -2.12 -2.35 -12.16
C GLN A 36 -1.62 -0.96 -11.77
N ASP A 37 -2.55 0.00 -11.74
CA ASP A 37 -2.21 1.37 -11.38
C ASP A 37 -1.70 1.45 -9.95
N ALA A 38 -2.43 0.81 -9.03
CA ALA A 38 -2.05 0.80 -7.62
C ALA A 38 -0.69 0.15 -7.43
N ILE A 39 -0.45 -0.94 -8.13
CA ILE A 39 0.82 -1.66 -8.04
C ILE A 39 1.99 -0.76 -8.42
N ASN A 40 1.81 0.02 -9.48
CA ASN A 40 2.86 0.91 -9.95
C ASN A 40 3.30 1.86 -8.84
N ARG A 41 2.33 2.40 -8.10
CA ARG A 41 2.62 3.32 -7.01
C ARG A 41 3.39 2.61 -5.90
N ILE A 42 2.93 1.43 -5.53
CA ILE A 42 3.59 0.66 -4.48
C ILE A 42 5.00 0.28 -4.87
N GLN A 43 5.19 -0.08 -6.15
CA GLN A 43 6.50 -0.46 -6.64
C GLN A 43 7.49 0.70 -6.51
N ASP A 44 7.02 1.90 -6.79
CA ASP A 44 7.87 3.09 -6.71
C ASP A 44 8.25 3.38 -5.26
N LEU A 45 7.28 3.22 -4.36
CA LEU A 45 7.52 3.46 -2.94
C LEU A 45 8.44 2.41 -2.34
N LEU A 46 8.20 1.15 -2.71
CA LEU A 46 9.02 0.04 -2.22
C LEU A 46 10.46 0.17 -2.70
N THR A 47 10.63 0.71 -3.90
CA THR A 47 11.96 0.89 -4.47
C THR A 47 12.75 1.93 -3.71
N GLU A 48 12.10 3.05 -3.40
CA GLU A 48 12.74 4.14 -2.67
C GLU A 48 13.00 3.74 -1.21
N GLY A 49 12.26 2.74 -0.75
CA GLY A 49 12.42 2.28 0.63
C GLY A 49 11.29 2.72 1.53
N THR A 50 10.66 3.84 1.18
CA THR A 50 9.56 4.37 1.96
C THR A 50 8.70 3.25 2.54
N LEU A 51 8.59 2.16 1.78
CA LEU A 51 7.79 1.02 2.22
C LEU A 51 8.56 -0.28 2.03
N THR A 52 8.35 -1.24 2.93
CA THR A 52 9.03 -2.52 2.86
C THR A 52 8.03 -3.68 2.91
N GLY A 53 8.04 -4.52 1.88
CA GLY A 53 7.13 -5.64 1.83
C GLY A 53 7.48 -6.62 0.73
N VAL A 54 6.76 -7.74 0.68
CA VAL A 54 7.00 -8.77 -0.33
C VAL A 54 5.70 -9.20 -0.99
N ILE A 55 5.80 -9.65 -2.24
CA ILE A 55 4.62 -10.11 -2.98
C ILE A 55 4.80 -11.54 -3.46
N ASP A 56 3.91 -12.43 -3.01
CA ASP A 56 3.97 -13.83 -3.39
C ASP A 56 3.48 -14.02 -4.82
N ASP A 57 3.69 -15.22 -5.37
CA ASP A 57 3.27 -15.53 -6.73
C ASP A 57 1.77 -15.73 -6.80
N ARG A 58 1.10 -15.59 -5.65
CA ARG A 58 -0.35 -15.76 -5.59
C ARG A 58 -1.06 -14.46 -5.92
N GLY A 59 -0.29 -13.39 -6.06
CA GLY A 59 -0.87 -12.09 -6.38
C GLY A 59 -1.43 -11.39 -5.15
N LYS A 60 -0.78 -11.58 -4.01
CA LYS A 60 -1.22 -10.96 -2.77
C LYS A 60 -0.14 -10.04 -2.21
N PHE A 61 -0.56 -9.01 -1.48
CA PHE A 61 0.37 -8.06 -0.89
C PHE A 61 0.50 -8.29 0.62
N ILE A 62 1.72 -8.49 1.07
CA ILE A 62 1.99 -8.72 2.49
C ILE A 62 2.97 -7.69 3.04
N TYR A 63 2.49 -6.83 3.94
CA TYR A 63 3.34 -5.81 4.54
C TYR A 63 3.84 -6.26 5.91
N ILE A 64 5.02 -5.76 6.28
CA ILE A 64 5.61 -6.11 7.57
C ILE A 64 5.68 -4.89 8.48
N THR A 65 4.58 -4.61 9.19
CA THR A 65 4.52 -3.48 10.09
C THR A 65 4.46 -3.93 11.54
N PRO A 66 5.16 -3.21 12.43
CA PRO A 66 5.20 -3.53 13.86
C PRO A 66 3.87 -3.25 14.54
N SER A 67 3.47 -4.15 15.45
CA SER A 67 2.22 -4.00 16.18
C SER A 67 2.15 -2.65 16.88
N GLY A 68 0.98 -2.33 17.42
CA GLY A 68 0.80 -1.07 18.12
C GLY A 68 -0.21 -0.17 17.45
N PRO A 69 0.23 0.56 16.41
CA PRO A 69 -0.64 1.48 15.66
C PRO A 69 -1.67 0.74 14.82
N SER A 70 -1.62 -0.59 14.86
CA SER A 70 -2.55 -1.41 14.09
C SER A 70 -3.96 -0.84 14.17
N SER A 71 -4.45 -0.64 15.40
CA SER A 71 -5.79 -0.11 15.61
C SER A 71 -5.74 1.39 15.89
N GLY A 72 -6.85 2.08 15.60
CA GLY A 72 -6.91 3.51 15.83
C GLY A 72 -7.56 4.25 14.68
N GLY A 1 -3.76 24.19 -4.69
CA GLY A 1 -2.59 24.38 -3.86
C GLY A 1 -1.29 24.10 -4.59
N SER A 2 -0.61 23.03 -4.21
CA SER A 2 0.65 22.66 -4.84
C SER A 2 0.41 22.03 -6.20
N SER A 3 1.38 22.21 -7.10
CA SER A 3 1.27 21.66 -8.45
C SER A 3 0.81 20.21 -8.41
N GLY A 4 1.60 19.36 -7.77
CA GLY A 4 1.25 17.95 -7.67
C GLY A 4 0.18 17.68 -6.65
N SER A 5 -0.38 16.47 -6.66
CA SER A 5 -1.43 16.11 -5.72
C SER A 5 -0.84 15.39 -4.51
N SER A 6 -0.29 16.17 -3.58
CA SER A 6 0.31 15.62 -2.37
C SER A 6 -0.77 15.25 -1.35
N GLY A 7 -0.79 13.98 -0.97
CA GLY A 7 -1.77 13.53 0.00
C GLY A 7 -2.18 12.08 -0.21
N PHE A 8 -2.43 11.72 -1.46
CA PHE A 8 -2.82 10.35 -1.80
C PHE A 8 -1.75 9.35 -1.39
N LEU A 9 -0.49 9.78 -1.49
CA LEU A 9 0.63 8.91 -1.12
C LEU A 9 0.69 8.70 0.38
N THR A 10 0.57 9.79 1.14
CA THR A 10 0.60 9.72 2.59
C THR A 10 -0.60 8.97 3.14
N GLU A 11 -1.78 9.29 2.61
CA GLU A 11 -3.02 8.65 3.05
C GLU A 11 -3.03 7.17 2.63
N PHE A 12 -2.44 6.88 1.48
CA PHE A 12 -2.39 5.52 0.97
C PHE A 12 -1.48 4.65 1.84
N ILE A 13 -0.28 5.15 2.12
CA ILE A 13 0.68 4.42 2.93
C ILE A 13 0.14 4.18 4.34
N ASN A 14 -0.35 5.25 4.97
CA ASN A 14 -0.89 5.16 6.31
C ASN A 14 -1.96 4.07 6.39
N TYR A 15 -2.79 3.97 5.35
CA TYR A 15 -3.85 2.98 5.30
C TYR A 15 -3.28 1.57 5.32
N ILE A 16 -2.24 1.35 4.51
CA ILE A 16 -1.60 0.05 4.43
C ILE A 16 -0.98 -0.34 5.76
N LYS A 17 -0.36 0.62 6.43
CA LYS A 17 0.28 0.39 7.72
C LYS A 17 -0.70 -0.24 8.70
N LYS A 18 -1.88 0.37 8.83
CA LYS A 18 -2.91 -0.14 9.73
C LYS A 18 -3.52 -1.43 9.19
N SER A 19 -3.79 -1.45 7.88
CA SER A 19 -4.37 -2.62 7.24
C SER A 19 -3.38 -3.77 7.21
N LYS A 20 -3.69 -4.84 7.94
CA LYS A 20 -2.83 -6.02 7.98
C LYS A 20 -2.62 -6.59 6.58
N VAL A 21 -3.73 -6.90 5.92
CA VAL A 21 -3.68 -7.46 4.57
C VAL A 21 -4.55 -6.67 3.60
N VAL A 22 -3.94 -6.19 2.52
CA VAL A 22 -4.67 -5.42 1.52
C VAL A 22 -4.62 -6.10 0.15
N LEU A 23 -5.79 -6.33 -0.43
CA LEU A 23 -5.87 -6.97 -1.74
C LEU A 23 -5.79 -5.93 -2.86
N LEU A 24 -5.02 -6.24 -3.90
CA LEU A 24 -4.85 -5.34 -5.03
C LEU A 24 -6.19 -5.09 -5.72
N GLU A 25 -6.98 -6.15 -5.88
CA GLU A 25 -8.29 -6.03 -6.52
C GLU A 25 -9.23 -5.16 -5.68
N ASP A 26 -9.14 -5.31 -4.36
CA ASP A 26 -9.98 -4.54 -3.46
C ASP A 26 -9.50 -3.09 -3.36
N LEU A 27 -8.19 -2.91 -3.39
CA LEU A 27 -7.59 -1.58 -3.29
C LEU A 27 -8.06 -0.71 -4.46
N ALA A 28 -8.04 -1.27 -5.66
CA ALA A 28 -8.46 -0.54 -6.86
C ALA A 28 -9.95 -0.21 -6.80
N PHE A 29 -10.73 -1.13 -6.25
CA PHE A 29 -12.17 -0.93 -6.13
C PHE A 29 -12.50 0.14 -5.11
N GLN A 30 -11.91 0.03 -3.93
CA GLN A 30 -12.14 1.00 -2.86
C GLN A 30 -11.60 2.37 -3.25
N MET A 31 -10.37 2.39 -3.77
CA MET A 31 -9.74 3.65 -4.18
C MET A 31 -10.07 3.97 -5.63
N GLY A 32 -10.83 3.08 -6.28
CA GLY A 32 -11.19 3.29 -7.67
C GLY A 32 -10.04 3.02 -8.61
N LEU A 33 -8.88 3.57 -8.31
CA LEU A 33 -7.70 3.39 -9.15
C LEU A 33 -7.65 1.98 -9.72
N ARG A 34 -7.00 1.84 -10.87
CA ARG A 34 -6.88 0.54 -11.53
C ARG A 34 -5.97 -0.39 -10.73
N THR A 35 -6.16 -1.69 -10.92
CA THR A 35 -5.36 -2.69 -10.21
C THR A 35 -3.88 -2.52 -10.52
N GLN A 36 -3.55 -2.40 -11.80
CA GLN A 36 -2.17 -2.23 -12.23
C GLN A 36 -1.59 -0.92 -11.70
N ASP A 37 -2.40 0.13 -11.74
CA ASP A 37 -1.96 1.44 -11.25
C ASP A 37 -1.53 1.36 -9.79
N ALA A 38 -2.36 0.72 -8.97
CA ALA A 38 -2.07 0.58 -7.55
C ALA A 38 -0.78 -0.20 -7.32
N ILE A 39 -0.62 -1.29 -8.07
CA ILE A 39 0.57 -2.12 -7.96
C ILE A 39 1.83 -1.34 -8.31
N ASN A 40 1.78 -0.60 -9.42
CA ASN A 40 2.91 0.20 -9.85
C ASN A 40 3.33 1.20 -8.76
N ARG A 41 2.35 1.78 -8.09
CA ARG A 41 2.62 2.75 -7.03
C ARG A 41 3.35 2.09 -5.88
N ILE A 42 2.87 0.93 -5.45
CA ILE A 42 3.49 0.20 -4.35
C ILE A 42 4.90 -0.24 -4.71
N GLN A 43 5.05 -0.82 -5.89
CA GLN A 43 6.35 -1.30 -6.35
C GLN A 43 7.36 -0.16 -6.35
N ASP A 44 6.91 1.03 -6.74
CA ASP A 44 7.78 2.20 -6.79
C ASP A 44 8.21 2.62 -5.39
N LEU A 45 7.25 2.68 -4.48
CA LEU A 45 7.52 3.07 -3.10
C LEU A 45 8.45 2.07 -2.42
N LEU A 46 8.20 0.78 -2.67
CA LEU A 46 9.02 -0.28 -2.09
C LEU A 46 10.44 -0.22 -2.62
N THR A 47 10.58 0.14 -3.89
CA THR A 47 11.89 0.23 -4.52
C THR A 47 12.71 1.38 -3.93
N GLU A 48 12.05 2.52 -3.74
CA GLU A 48 12.71 3.70 -3.18
C GLU A 48 13.05 3.49 -1.71
N GLY A 49 12.39 2.51 -1.09
CA GLY A 49 12.64 2.23 0.31
C GLY A 49 11.56 2.77 1.22
N THR A 50 10.88 3.83 0.76
CA THR A 50 9.82 4.44 1.55
C THR A 50 8.99 3.39 2.27
N LEU A 51 8.83 2.23 1.64
CA LEU A 51 8.06 1.14 2.23
C LEU A 51 8.79 -0.19 2.08
N THR A 52 8.49 -1.13 2.96
CA THR A 52 9.11 -2.45 2.92
C THR A 52 8.06 -3.55 2.97
N GLY A 53 8.09 -4.42 1.96
CA GLY A 53 7.14 -5.52 1.90
C GLY A 53 7.56 -6.60 0.93
N VAL A 54 6.82 -7.71 0.92
CA VAL A 54 7.12 -8.82 0.04
C VAL A 54 5.95 -9.13 -0.89
N ILE A 55 6.26 -9.66 -2.07
CA ILE A 55 5.22 -9.99 -3.04
C ILE A 55 5.29 -11.47 -3.43
N ASP A 56 4.16 -12.16 -3.29
CA ASP A 56 4.09 -13.58 -3.63
C ASP A 56 3.73 -13.77 -5.09
N ASP A 57 3.73 -15.02 -5.54
CA ASP A 57 3.40 -15.34 -6.93
C ASP A 57 1.94 -15.03 -7.23
N ARG A 58 1.13 -14.91 -6.18
CA ARG A 58 -0.28 -14.61 -6.32
C ARG A 58 -0.52 -13.11 -6.41
N GLY A 59 0.56 -12.34 -6.30
CA GLY A 59 0.45 -10.89 -6.36
C GLY A 59 -0.23 -10.31 -5.14
N LYS A 60 -0.03 -10.96 -3.99
CA LYS A 60 -0.62 -10.49 -2.75
C LYS A 60 0.30 -9.51 -2.04
N PHE A 61 -0.29 -8.54 -1.33
CA PHE A 61 0.48 -7.54 -0.61
C PHE A 61 0.47 -7.82 0.89
N ILE A 62 1.66 -7.92 1.47
CA ILE A 62 1.79 -8.19 2.90
C ILE A 62 2.79 -7.23 3.55
N TYR A 63 2.29 -6.37 4.42
CA TYR A 63 3.14 -5.40 5.11
C TYR A 63 3.44 -5.86 6.54
N ILE A 64 4.70 -5.72 6.95
CA ILE A 64 5.11 -6.12 8.29
C ILE A 64 5.55 -4.90 9.11
N THR A 65 4.57 -4.16 9.63
CA THR A 65 4.86 -2.98 10.43
C THR A 65 5.44 -3.37 11.79
N PRO A 66 6.45 -2.61 12.24
CA PRO A 66 7.11 -2.84 13.52
C PRO A 66 6.20 -2.52 14.71
N SER A 67 5.66 -3.56 15.33
CA SER A 67 4.78 -3.39 16.48
C SER A 67 4.77 -4.64 17.35
N GLY A 68 4.47 -4.45 18.63
CA GLY A 68 4.43 -5.57 19.55
C GLY A 68 3.88 -6.83 18.92
N PRO A 69 4.30 -8.00 19.44
CA PRO A 69 3.87 -9.30 18.92
C PRO A 69 2.40 -9.58 19.23
N SER A 70 1.54 -9.40 18.23
CA SER A 70 0.11 -9.62 18.40
C SER A 70 -0.45 -10.42 17.22
N SER A 71 -1.29 -11.41 17.53
CA SER A 71 -1.89 -12.26 16.51
C SER A 71 -3.25 -11.69 16.07
N GLY A 72 -4.12 -11.46 17.04
CA GLY A 72 -5.44 -10.93 16.74
C GLY A 72 -6.55 -11.73 17.40
N GLY A 1 4.12 27.63 0.86
CA GLY A 1 5.43 28.09 0.44
C GLY A 1 6.23 27.01 -0.28
N SER A 2 6.42 27.19 -1.58
CA SER A 2 7.16 26.22 -2.38
C SER A 2 6.83 24.79 -1.94
N SER A 3 5.55 24.53 -1.68
CA SER A 3 5.12 23.21 -1.25
C SER A 3 4.19 22.58 -2.28
N GLY A 4 4.66 21.50 -2.90
CA GLY A 4 3.87 20.81 -3.91
C GLY A 4 2.52 20.36 -3.38
N SER A 5 1.65 19.92 -4.28
CA SER A 5 0.32 19.46 -3.90
C SER A 5 0.28 17.94 -3.79
N SER A 6 0.46 17.43 -2.58
CA SER A 6 0.45 16.00 -2.33
C SER A 6 -0.66 15.61 -1.37
N GLY A 7 -0.85 14.31 -1.17
CA GLY A 7 -1.88 13.84 -0.27
C GLY A 7 -2.25 12.39 -0.52
N PHE A 8 -2.29 12.00 -1.79
CA PHE A 8 -2.64 10.65 -2.17
C PHE A 8 -1.60 9.65 -1.64
N LEU A 9 -0.33 10.02 -1.75
CA LEU A 9 0.75 9.17 -1.28
C LEU A 9 0.77 9.08 0.25
N THR A 10 0.58 10.23 0.89
CA THR A 10 0.58 10.29 2.35
C THR A 10 -0.63 9.55 2.92
N GLU A 11 -1.80 9.79 2.36
CA GLU A 11 -3.02 9.14 2.81
C GLU A 11 -2.99 7.65 2.51
N PHE A 12 -2.45 7.29 1.34
CA PHE A 12 -2.35 5.90 0.93
C PHE A 12 -1.41 5.13 1.84
N ILE A 13 -0.23 5.69 2.06
CA ILE A 13 0.78 5.05 2.91
C ILE A 13 0.26 4.88 4.34
N ASN A 14 -0.34 5.95 4.87
CA ASN A 14 -0.88 5.92 6.22
C ASN A 14 -1.88 4.76 6.39
N TYR A 15 -2.64 4.49 5.34
CA TYR A 15 -3.63 3.43 5.37
C TYR A 15 -2.94 2.05 5.37
N ILE A 16 -1.85 1.95 4.62
CA ILE A 16 -1.10 0.70 4.54
C ILE A 16 -0.45 0.35 5.87
N LYS A 17 0.09 1.37 6.54
CA LYS A 17 0.74 1.18 7.83
C LYS A 17 -0.19 0.47 8.80
N LYS A 18 -1.41 0.98 8.93
CA LYS A 18 -2.39 0.39 9.84
C LYS A 18 -2.90 -0.94 9.28
N SER A 19 -3.17 -0.97 7.98
CA SER A 19 -3.67 -2.18 7.34
C SER A 19 -2.59 -3.26 7.28
N LYS A 20 -2.68 -4.22 8.19
CA LYS A 20 -1.70 -5.31 8.25
C LYS A 20 -1.64 -6.05 6.92
N VAL A 21 -2.81 -6.34 6.35
CA VAL A 21 -2.88 -7.04 5.07
C VAL A 21 -3.75 -6.27 4.08
N VAL A 22 -3.15 -5.88 2.96
CA VAL A 22 -3.87 -5.15 1.93
C VAL A 22 -3.91 -5.94 0.62
N LEU A 23 -5.10 -6.00 0.02
CA LEU A 23 -5.28 -6.73 -1.22
C LEU A 23 -5.26 -5.78 -2.41
N LEU A 24 -4.57 -6.18 -3.48
CA LEU A 24 -4.49 -5.36 -4.69
C LEU A 24 -5.84 -5.26 -5.38
N GLU A 25 -6.55 -6.38 -5.45
CA GLU A 25 -7.86 -6.42 -6.09
C GLU A 25 -8.87 -5.56 -5.32
N ASP A 26 -8.83 -5.66 -3.99
CA ASP A 26 -9.73 -4.89 -3.15
C ASP A 26 -9.29 -3.44 -3.06
N LEU A 27 -7.99 -3.22 -3.00
CA LEU A 27 -7.44 -1.86 -2.92
C LEU A 27 -7.80 -1.06 -4.17
N ALA A 28 -7.76 -1.71 -5.33
CA ALA A 28 -8.08 -1.05 -6.58
C ALA A 28 -9.52 -0.54 -6.58
N PHE A 29 -10.45 -1.40 -6.15
CA PHE A 29 -11.85 -1.04 -6.10
C PHE A 29 -12.11 -0.01 -5.01
N GLN A 30 -11.49 -0.21 -3.85
CA GLN A 30 -11.66 0.70 -2.73
C GLN A 30 -11.30 2.13 -3.12
N MET A 31 -10.16 2.28 -3.80
CA MET A 31 -9.71 3.60 -4.24
C MET A 31 -10.14 3.86 -5.68
N GLY A 32 -10.74 2.86 -6.31
CA GLY A 32 -11.18 3.00 -7.68
C GLY A 32 -10.07 2.76 -8.69
N LEU A 33 -8.86 3.21 -8.34
CA LEU A 33 -7.71 3.03 -9.22
C LEU A 33 -7.66 1.62 -9.78
N ARG A 34 -6.91 1.44 -10.87
CA ARG A 34 -6.78 0.14 -11.51
C ARG A 34 -5.85 -0.76 -10.71
N THR A 35 -6.05 -2.07 -10.83
CA THR A 35 -5.22 -3.05 -10.13
C THR A 35 -3.75 -2.86 -10.47
N GLN A 36 -3.46 -2.66 -11.76
CA GLN A 36 -2.10 -2.48 -12.22
C GLN A 36 -1.52 -1.15 -11.74
N ASP A 37 -2.32 -0.10 -11.85
CA ASP A 37 -1.91 1.23 -11.42
C ASP A 37 -1.54 1.23 -9.93
N ALA A 38 -2.43 0.67 -9.12
CA ALA A 38 -2.20 0.62 -7.68
C ALA A 38 -0.94 -0.19 -7.36
N ILE A 39 -0.79 -1.34 -8.01
CA ILE A 39 0.36 -2.20 -7.79
C ILE A 39 1.65 -1.48 -8.16
N ASN A 40 1.68 -0.90 -9.36
CA ASN A 40 2.85 -0.18 -9.83
C ASN A 40 3.18 0.99 -8.91
N ARG A 41 2.14 1.65 -8.40
CA ARG A 41 2.31 2.79 -7.51
C ARG A 41 2.90 2.36 -6.18
N ILE A 42 2.47 1.19 -5.70
CA ILE A 42 2.94 0.66 -4.43
C ILE A 42 4.40 0.24 -4.52
N GLN A 43 4.73 -0.53 -5.56
CA GLN A 43 6.09 -1.00 -5.77
C GLN A 43 7.07 0.17 -5.80
N ASP A 44 6.62 1.29 -6.35
CA ASP A 44 7.45 2.49 -6.46
C ASP A 44 7.86 2.99 -5.07
N LEU A 45 6.96 2.80 -4.10
CA LEU A 45 7.22 3.24 -2.73
C LEU A 45 8.29 2.36 -2.08
N LEU A 46 8.26 1.07 -2.39
CA LEU A 46 9.23 0.13 -1.83
C LEU A 46 10.65 0.47 -2.28
N THR A 47 10.77 1.00 -3.51
CA THR A 47 12.06 1.37 -4.06
C THR A 47 12.67 2.53 -3.29
N GLU A 48 11.82 3.48 -2.91
CA GLU A 48 12.28 4.66 -2.17
C GLU A 48 12.46 4.33 -0.68
N GLY A 49 12.40 3.05 -0.35
CA GLY A 49 12.55 2.63 1.03
C GLY A 49 11.40 3.09 1.91
N THR A 50 10.28 3.42 1.28
CA THR A 50 9.11 3.89 2.02
C THR A 50 8.34 2.73 2.63
N LEU A 51 8.27 1.62 1.89
CA LEU A 51 7.55 0.43 2.35
C LEU A 51 8.39 -0.83 2.11
N THR A 52 8.24 -1.79 3.01
CA THR A 52 8.97 -3.06 2.88
C THR A 52 8.03 -4.25 2.93
N GLY A 53 8.07 -5.05 1.87
CA GLY A 53 7.21 -6.22 1.80
C GLY A 53 7.58 -7.16 0.67
N VAL A 54 6.92 -8.31 0.60
CA VAL A 54 7.18 -9.29 -0.44
C VAL A 54 5.90 -9.65 -1.19
N ILE A 55 6.03 -9.90 -2.49
CA ILE A 55 4.88 -10.26 -3.32
C ILE A 55 4.98 -11.71 -3.78
N ASP A 56 4.03 -12.53 -3.33
CA ASP A 56 4.00 -13.93 -3.70
C ASP A 56 3.49 -14.12 -5.12
N ASP A 57 3.46 -15.36 -5.58
CA ASP A 57 2.99 -15.67 -6.93
C ASP A 57 1.46 -15.73 -6.96
N ARG A 58 0.83 -15.23 -5.91
CA ARG A 58 -0.62 -15.23 -5.83
C ARG A 58 -1.19 -13.89 -6.29
N GLY A 59 -0.31 -12.98 -6.67
CA GLY A 59 -0.74 -11.67 -7.14
C GLY A 59 -1.36 -10.84 -6.03
N LYS A 60 -0.73 -10.86 -4.85
CA LYS A 60 -1.23 -10.11 -3.71
C LYS A 60 -0.11 -9.28 -3.08
N PHE A 61 -0.50 -8.27 -2.30
CA PHE A 61 0.48 -7.41 -1.64
C PHE A 61 0.59 -7.75 -0.16
N ILE A 62 1.79 -8.10 0.27
CA ILE A 62 2.04 -8.44 1.67
C ILE A 62 2.98 -7.45 2.33
N TYR A 63 2.46 -6.70 3.30
CA TYR A 63 3.26 -5.71 4.01
C TYR A 63 3.49 -6.13 5.45
N ILE A 64 4.71 -5.94 5.94
CA ILE A 64 5.07 -6.30 7.31
C ILE A 64 5.11 -5.07 8.20
N THR A 65 4.29 -5.07 9.24
CA THR A 65 4.24 -3.95 10.18
C THR A 65 4.31 -4.44 11.62
N PRO A 66 5.04 -3.69 12.46
CA PRO A 66 5.20 -4.02 13.88
C PRO A 66 3.92 -3.83 14.67
N SER A 67 3.96 -4.17 15.95
CA SER A 67 2.79 -4.04 16.82
C SER A 67 1.57 -4.66 16.17
N GLY A 68 1.78 -5.71 15.38
CA GLY A 68 0.68 -6.38 14.71
C GLY A 68 -0.11 -7.27 15.65
N PRO A 69 -1.42 -7.36 15.42
CA PRO A 69 -2.33 -8.19 16.23
C PRO A 69 -2.09 -9.67 16.03
N SER A 70 -1.15 -10.01 15.14
CA SER A 70 -0.83 -11.40 14.86
C SER A 70 -0.66 -12.19 16.15
N SER A 71 0.43 -11.92 16.87
CA SER A 71 0.71 -12.61 18.12
C SER A 71 0.55 -11.67 19.30
N GLY A 72 -0.05 -12.18 20.38
CA GLY A 72 -0.26 -11.37 21.57
C GLY A 72 -1.63 -11.60 22.19
N GLY A 1 -3.70 30.70 -6.52
CA GLY A 1 -3.72 29.41 -7.19
C GLY A 1 -3.27 28.28 -6.30
N SER A 2 -4.19 27.77 -5.48
CA SER A 2 -3.86 26.68 -4.57
C SER A 2 -4.24 25.33 -5.18
N SER A 3 -3.38 24.34 -4.97
CA SER A 3 -3.60 23.00 -5.51
C SER A 3 -3.58 21.96 -4.39
N GLY A 4 -4.28 20.85 -4.62
CA GLY A 4 -4.33 19.80 -3.62
C GLY A 4 -3.89 18.46 -4.18
N SER A 5 -2.58 18.25 -4.24
CA SER A 5 -2.02 17.00 -4.76
C SER A 5 -1.55 16.10 -3.62
N SER A 6 -0.63 16.62 -2.81
CA SER A 6 -0.09 15.87 -1.69
C SER A 6 -1.20 15.42 -0.74
N GLY A 7 -1.24 14.13 -0.45
CA GLY A 7 -2.26 13.60 0.44
C GLY A 7 -2.61 12.15 0.13
N PHE A 8 -2.94 11.89 -1.13
CA PHE A 8 -3.29 10.53 -1.55
C PHE A 8 -2.20 9.54 -1.20
N LEU A 9 -0.95 9.93 -1.45
CA LEU A 9 0.19 9.08 -1.16
C LEU A 9 0.31 8.82 0.34
N THR A 10 0.20 9.89 1.13
CA THR A 10 0.30 9.77 2.59
C THR A 10 -0.83 8.90 3.14
N GLU A 11 -2.04 9.14 2.68
CA GLU A 11 -3.20 8.37 3.13
C GLU A 11 -3.11 6.92 2.65
N PHE A 12 -2.67 6.74 1.42
CA PHE A 12 -2.53 5.40 0.85
C PHE A 12 -1.47 4.60 1.58
N ILE A 13 -0.35 5.25 1.90
CA ILE A 13 0.74 4.60 2.60
C ILE A 13 0.36 4.28 4.04
N ASN A 14 -0.27 5.23 4.70
CA ASN A 14 -0.69 5.06 6.09
C ASN A 14 -1.75 3.95 6.20
N TYR A 15 -2.56 3.82 5.15
CA TYR A 15 -3.61 2.81 5.12
C TYR A 15 -3.02 1.40 5.11
N ILE A 16 -1.88 1.25 4.43
CA ILE A 16 -1.22 -0.04 4.34
C ILE A 16 -0.66 -0.47 5.69
N LYS A 17 -0.01 0.47 6.38
CA LYS A 17 0.57 0.19 7.69
C LYS A 17 -0.48 -0.38 8.63
N LYS A 18 -1.63 0.29 8.72
CA LYS A 18 -2.71 -0.15 9.59
C LYS A 18 -3.38 -1.40 9.03
N SER A 19 -3.60 -1.41 7.72
CA SER A 19 -4.24 -2.54 7.05
C SER A 19 -3.31 -3.76 7.05
N LYS A 20 -3.52 -4.65 8.00
CA LYS A 20 -2.72 -5.86 8.11
C LYS A 20 -2.50 -6.50 6.74
N VAL A 21 -3.60 -6.67 6.00
CA VAL A 21 -3.53 -7.27 4.67
C VAL A 21 -4.23 -6.39 3.64
N VAL A 22 -3.59 -6.20 2.49
CA VAL A 22 -4.15 -5.39 1.42
C VAL A 22 -4.01 -6.09 0.08
N LEU A 23 -5.14 -6.23 -0.63
CA LEU A 23 -5.14 -6.88 -1.94
C LEU A 23 -5.11 -5.84 -3.06
N LEU A 24 -4.42 -6.16 -4.14
CA LEU A 24 -4.32 -5.26 -5.28
C LEU A 24 -5.69 -5.03 -5.91
N GLU A 25 -6.47 -6.09 -6.04
CA GLU A 25 -7.80 -6.01 -6.62
C GLU A 25 -8.71 -5.15 -5.75
N ASP A 26 -8.65 -5.36 -4.44
CA ASP A 26 -9.47 -4.61 -3.51
C ASP A 26 -8.99 -3.16 -3.39
N LEU A 27 -7.67 -2.98 -3.45
CA LEU A 27 -7.08 -1.65 -3.34
C LEU A 27 -7.54 -0.76 -4.50
N ALA A 28 -7.66 -1.36 -5.68
CA ALA A 28 -8.11 -0.62 -6.86
C ALA A 28 -9.55 -0.14 -6.71
N PHE A 29 -10.41 -1.05 -6.27
CA PHE A 29 -11.83 -0.72 -6.08
C PHE A 29 -12.02 0.22 -4.89
N GLN A 30 -11.26 -0.01 -3.83
CA GLN A 30 -11.34 0.82 -2.63
C GLN A 30 -11.14 2.28 -2.97
N MET A 31 -10.12 2.57 -3.78
CA MET A 31 -9.82 3.94 -4.17
C MET A 31 -10.28 4.19 -5.61
N GLY A 32 -10.80 3.16 -6.25
CA GLY A 32 -11.27 3.30 -7.62
C GLY A 32 -10.14 3.19 -8.63
N LEU A 33 -8.98 3.72 -8.27
CA LEU A 33 -7.82 3.69 -9.15
C LEU A 33 -7.71 2.33 -9.85
N ARG A 34 -7.08 2.33 -11.03
CA ARG A 34 -6.91 1.10 -11.79
C ARG A 34 -6.01 0.11 -11.04
N THR A 35 -6.24 -1.18 -11.29
CA THR A 35 -5.45 -2.22 -10.64
C THR A 35 -3.96 -2.03 -10.89
N GLN A 36 -3.60 -1.82 -12.15
CA GLN A 36 -2.20 -1.63 -12.52
C GLN A 36 -1.65 -0.33 -11.93
N ASP A 37 -2.49 0.70 -11.92
CA ASP A 37 -2.09 2.00 -11.38
C ASP A 37 -1.70 1.88 -9.91
N ALA A 38 -2.55 1.22 -9.13
CA ALA A 38 -2.29 1.03 -7.71
C ALA A 38 -1.03 0.20 -7.48
N ILE A 39 -0.88 -0.86 -8.26
CA ILE A 39 0.29 -1.72 -8.14
C ILE A 39 1.58 -0.96 -8.42
N ASN A 40 1.55 -0.11 -9.44
CA ASN A 40 2.71 0.69 -9.81
C ASN A 40 3.18 1.53 -8.63
N ARG A 41 2.23 2.06 -7.88
CA ARG A 41 2.56 2.89 -6.72
C ARG A 41 3.24 2.07 -5.63
N ILE A 42 2.76 0.85 -5.44
CA ILE A 42 3.32 -0.04 -4.43
C ILE A 42 4.74 -0.46 -4.80
N GLN A 43 4.92 -0.89 -6.04
CA GLN A 43 6.22 -1.33 -6.52
C GLN A 43 7.22 -0.18 -6.51
N ASP A 44 6.74 1.01 -6.86
CA ASP A 44 7.59 2.20 -6.89
C ASP A 44 8.00 2.62 -5.48
N LEU A 45 7.02 2.64 -4.57
CA LEU A 45 7.28 3.03 -3.20
C LEU A 45 8.20 2.02 -2.52
N LEU A 46 8.03 0.74 -2.85
CA LEU A 46 8.85 -0.31 -2.28
C LEU A 46 10.28 -0.25 -2.81
N THR A 47 10.42 0.19 -4.06
CA THR A 47 11.74 0.30 -4.69
C THR A 47 12.55 1.42 -4.06
N GLU A 48 11.89 2.54 -3.75
CA GLU A 48 12.55 3.68 -3.15
C GLU A 48 12.85 3.42 -1.67
N GLY A 49 12.13 2.46 -1.10
CA GLY A 49 12.33 2.13 0.31
C GLY A 49 11.24 2.69 1.20
N THR A 50 10.51 3.67 0.69
CA THR A 50 9.43 4.30 1.45
C THR A 50 8.56 3.25 2.13
N LEU A 51 8.51 2.06 1.53
CA LEU A 51 7.72 0.96 2.09
C LEU A 51 8.47 -0.37 1.98
N THR A 52 8.30 -1.22 2.98
CA THR A 52 8.96 -2.52 2.99
C THR A 52 7.93 -3.65 2.97
N GLY A 53 8.03 -4.52 1.97
CA GLY A 53 7.11 -5.63 1.86
C GLY A 53 7.57 -6.66 0.84
N VAL A 54 6.84 -7.77 0.76
CA VAL A 54 7.18 -8.83 -0.18
C VAL A 54 5.95 -9.29 -0.95
N ILE A 55 6.16 -9.74 -2.18
CA ILE A 55 5.06 -10.21 -3.02
C ILE A 55 5.22 -11.69 -3.35
N ASP A 56 4.16 -12.45 -3.12
CA ASP A 56 4.17 -13.89 -3.39
C ASP A 56 3.63 -14.18 -4.79
N ASP A 57 3.66 -15.45 -5.17
CA ASP A 57 3.18 -15.87 -6.48
C ASP A 57 1.65 -15.78 -6.55
N ARG A 58 1.04 -15.35 -5.46
CA ARG A 58 -0.40 -15.21 -5.39
C ARG A 58 -0.82 -13.74 -5.47
N GLY A 59 0.05 -12.93 -6.05
CA GLY A 59 -0.24 -11.50 -6.18
C GLY A 59 -0.82 -10.91 -4.91
N LYS A 60 -0.25 -11.29 -3.78
CA LYS A 60 -0.72 -10.79 -2.49
C LYS A 60 0.30 -9.83 -1.87
N PHE A 61 -0.20 -8.86 -1.12
CA PHE A 61 0.66 -7.87 -0.47
C PHE A 61 0.76 -8.13 1.02
N ILE A 62 1.99 -8.29 1.51
CA ILE A 62 2.22 -8.54 2.93
C ILE A 62 3.13 -7.47 3.54
N TYR A 63 2.58 -6.70 4.47
CA TYR A 63 3.34 -5.64 5.12
C TYR A 63 3.65 -6.01 6.57
N ILE A 64 4.84 -5.67 7.02
CA ILE A 64 5.26 -5.96 8.39
C ILE A 64 5.56 -4.68 9.16
N THR A 65 4.61 -4.25 9.99
CA THR A 65 4.77 -3.05 10.79
C THR A 65 4.95 -3.37 12.26
N PRO A 66 5.91 -2.68 12.91
CA PRO A 66 6.20 -2.89 14.33
C PRO A 66 5.09 -2.38 15.23
N SER A 67 4.50 -3.30 16.01
CA SER A 67 3.41 -2.94 16.91
C SER A 67 3.29 -3.96 18.04
N GLY A 68 3.06 -3.47 19.25
CA GLY A 68 2.92 -4.36 20.39
C GLY A 68 4.26 -4.73 21.00
N PRO A 69 4.29 -5.85 21.74
CA PRO A 69 5.50 -6.33 22.39
C PRO A 69 6.53 -6.84 21.40
N SER A 70 7.74 -7.14 21.89
CA SER A 70 8.81 -7.63 21.03
C SER A 70 8.33 -8.79 20.15
N SER A 71 9.07 -9.06 19.09
CA SER A 71 8.71 -10.14 18.17
C SER A 71 9.92 -10.54 17.32
N GLY A 72 10.10 -11.84 17.15
CA GLY A 72 11.21 -12.35 16.36
C GLY A 72 11.45 -13.83 16.58
N GLY A 1 -9.44 15.20 -11.58
CA GLY A 1 -8.68 16.33 -11.07
C GLY A 1 -9.45 17.14 -10.05
N SER A 2 -9.51 16.64 -8.82
CA SER A 2 -10.23 17.32 -7.75
C SER A 2 -9.31 18.27 -7.00
N SER A 3 -9.92 19.25 -6.31
CA SER A 3 -9.15 20.22 -5.56
C SER A 3 -8.15 19.53 -4.63
N GLY A 4 -8.65 18.61 -3.81
CA GLY A 4 -7.79 17.88 -2.89
C GLY A 4 -6.76 17.04 -3.61
N SER A 5 -6.88 15.72 -3.48
CA SER A 5 -5.94 14.80 -4.12
C SER A 5 -4.53 15.33 -4.05
N SER A 6 -4.19 15.97 -2.93
CA SER A 6 -2.86 16.53 -2.74
C SER A 6 -1.92 15.49 -2.15
N GLY A 7 -2.22 15.03 -0.93
CA GLY A 7 -1.39 14.04 -0.28
C GLY A 7 -1.90 12.64 -0.47
N PHE A 8 -2.15 12.26 -1.72
CA PHE A 8 -2.67 10.92 -2.03
C PHE A 8 -1.72 9.85 -1.52
N LEU A 9 -0.42 10.14 -1.57
CA LEU A 9 0.59 9.19 -1.10
C LEU A 9 0.55 9.06 0.42
N THR A 10 0.48 10.19 1.10
CA THR A 10 0.44 10.21 2.56
C THR A 10 -0.76 9.42 3.08
N GLU A 11 -1.93 9.66 2.49
CA GLU A 11 -3.14 8.97 2.90
C GLU A 11 -3.07 7.49 2.55
N PHE A 12 -2.52 7.19 1.38
CA PHE A 12 -2.39 5.81 0.92
C PHE A 12 -1.47 5.02 1.85
N ILE A 13 -0.33 5.60 2.17
CA ILE A 13 0.64 4.95 3.05
C ILE A 13 0.05 4.70 4.43
N ASN A 14 -0.62 5.70 4.97
CA ASN A 14 -1.23 5.60 6.30
C ASN A 14 -2.15 4.37 6.37
N TYR A 15 -2.91 4.14 5.30
CA TYR A 15 -3.82 3.01 5.25
C TYR A 15 -3.06 1.69 5.24
N ILE A 16 -1.92 1.68 4.55
CA ILE A 16 -1.09 0.48 4.47
C ILE A 16 -0.47 0.15 5.82
N LYS A 17 -0.05 1.18 6.54
CA LYS A 17 0.57 1.01 7.85
C LYS A 17 -0.40 0.32 8.82
N LYS A 18 -1.62 0.84 8.90
CA LYS A 18 -2.63 0.26 9.78
C LYS A 18 -3.14 -1.06 9.23
N SER A 19 -3.36 -1.12 7.92
CA SER A 19 -3.85 -2.33 7.28
C SER A 19 -2.77 -3.41 7.27
N LYS A 20 -2.91 -4.38 8.17
CA LYS A 20 -1.96 -5.48 8.27
C LYS A 20 -1.89 -6.27 6.97
N VAL A 21 -3.04 -6.41 6.32
CA VAL A 21 -3.13 -7.14 5.05
C VAL A 21 -3.80 -6.30 3.97
N VAL A 22 -3.03 -5.91 2.96
CA VAL A 22 -3.55 -5.11 1.87
C VAL A 22 -3.44 -5.84 0.54
N LEU A 23 -4.57 -6.00 -0.14
CA LEU A 23 -4.60 -6.69 -1.42
C LEU A 23 -4.60 -5.71 -2.59
N LEU A 24 -3.89 -6.05 -3.65
CA LEU A 24 -3.81 -5.18 -4.83
C LEU A 24 -5.16 -5.10 -5.54
N GLU A 25 -5.83 -6.24 -5.65
CA GLU A 25 -7.13 -6.30 -6.31
C GLU A 25 -8.17 -5.51 -5.53
N ASP A 26 -8.14 -5.65 -4.20
CA ASP A 26 -9.08 -4.94 -3.35
C ASP A 26 -8.72 -3.46 -3.24
N LEU A 27 -7.43 -3.18 -3.14
CA LEU A 27 -6.95 -1.80 -3.03
C LEU A 27 -7.44 -0.96 -4.21
N ALA A 28 -7.40 -1.55 -5.41
CA ALA A 28 -7.86 -0.86 -6.61
C ALA A 28 -9.32 -0.47 -6.51
N PHE A 29 -10.15 -1.42 -6.04
CA PHE A 29 -11.57 -1.17 -5.90
C PHE A 29 -11.85 -0.18 -4.77
N GLN A 30 -11.06 -0.28 -3.70
CA GLN A 30 -11.22 0.61 -2.56
C GLN A 30 -11.13 2.07 -2.98
N MET A 31 -10.11 2.38 -3.79
CA MET A 31 -9.90 3.74 -4.27
C MET A 31 -10.39 3.90 -5.70
N GLY A 32 -10.78 2.78 -6.31
CA GLY A 32 -11.27 2.81 -7.69
C GLY A 32 -10.16 2.65 -8.69
N LEU A 33 -9.00 3.25 -8.41
CA LEU A 33 -7.85 3.17 -9.30
C LEU A 33 -7.74 1.78 -9.93
N ARG A 34 -7.15 1.72 -11.12
CA ARG A 34 -6.98 0.45 -11.82
C ARG A 34 -6.05 -0.47 -11.05
N THR A 35 -6.22 -1.78 -11.26
CA THR A 35 -5.39 -2.77 -10.58
C THR A 35 -3.92 -2.52 -10.84
N GLN A 36 -3.56 -2.28 -12.10
CA GLN A 36 -2.17 -2.02 -12.47
C GLN A 36 -1.71 -0.68 -11.93
N ASP A 37 -2.56 0.33 -12.06
CA ASP A 37 -2.24 1.68 -11.58
C ASP A 37 -1.94 1.66 -10.08
N ALA A 38 -2.82 1.01 -9.32
CA ALA A 38 -2.65 0.93 -7.88
C ALA A 38 -1.37 0.19 -7.51
N ILE A 39 -1.12 -0.93 -8.17
CA ILE A 39 0.07 -1.72 -7.92
C ILE A 39 1.34 -0.92 -8.22
N ASN A 40 1.31 -0.18 -9.32
CA ASN A 40 2.46 0.64 -9.71
C ASN A 40 2.86 1.59 -8.59
N ARG A 41 1.86 2.07 -7.84
CA ARG A 41 2.11 2.99 -6.74
C ARG A 41 2.95 2.33 -5.65
N ILE A 42 2.57 1.12 -5.26
CA ILE A 42 3.30 0.38 -4.24
C ILE A 42 4.69 -0.02 -4.73
N GLN A 43 4.76 -0.47 -5.97
CA GLN A 43 6.03 -0.89 -6.56
C GLN A 43 7.06 0.23 -6.49
N ASP A 44 6.60 1.45 -6.76
CA ASP A 44 7.48 2.61 -6.73
C ASP A 44 7.93 2.92 -5.31
N LEU A 45 7.00 2.82 -4.37
CA LEU A 45 7.29 3.08 -2.96
C LEU A 45 8.28 2.07 -2.41
N LEU A 46 8.03 0.79 -2.69
CA LEU A 46 8.90 -0.28 -2.22
C LEU A 46 10.28 -0.17 -2.85
N THR A 47 10.33 0.28 -4.10
CA THR A 47 11.58 0.42 -4.82
C THR A 47 12.42 1.55 -4.22
N GLU A 48 11.77 2.63 -3.83
CA GLU A 48 12.46 3.78 -3.24
C GLU A 48 12.86 3.49 -1.80
N GLY A 49 12.21 2.49 -1.19
CA GLY A 49 12.51 2.13 0.17
C GLY A 49 11.44 2.58 1.15
N THR A 50 10.75 3.67 0.81
CA THR A 50 9.70 4.21 1.66
C THR A 50 8.93 3.08 2.35
N LEU A 51 8.72 1.98 1.64
CA LEU A 51 8.01 0.84 2.18
C LEU A 51 8.75 -0.46 1.90
N THR A 52 8.50 -1.48 2.71
CA THR A 52 9.14 -2.77 2.55
C THR A 52 8.13 -3.91 2.62
N GLY A 53 8.07 -4.72 1.57
CA GLY A 53 7.13 -5.84 1.53
C GLY A 53 7.51 -6.86 0.49
N VAL A 54 6.77 -7.97 0.47
CA VAL A 54 7.02 -9.04 -0.50
C VAL A 54 5.75 -9.45 -1.21
N ILE A 55 5.90 -9.98 -2.43
CA ILE A 55 4.75 -10.41 -3.22
C ILE A 55 4.89 -11.88 -3.61
N ASP A 56 3.79 -12.63 -3.46
CA ASP A 56 3.78 -14.04 -3.81
C ASP A 56 3.16 -14.26 -5.18
N ASP A 57 3.21 -15.50 -5.65
CA ASP A 57 2.65 -15.85 -6.96
C ASP A 57 1.18 -15.47 -7.03
N ARG A 58 0.57 -15.20 -5.88
CA ARG A 58 -0.83 -14.82 -5.81
C ARG A 58 -1.00 -13.31 -5.80
N GLY A 59 0.00 -12.61 -6.34
CA GLY A 59 -0.05 -11.16 -6.40
C GLY A 59 -0.51 -10.55 -5.08
N LYS A 60 -0.24 -11.25 -3.98
CA LYS A 60 -0.62 -10.77 -2.66
C LYS A 60 0.46 -9.87 -2.07
N PHE A 61 0.04 -8.81 -1.40
CA PHE A 61 0.97 -7.87 -0.79
C PHE A 61 0.96 -8.01 0.74
N ILE A 62 2.13 -8.29 1.30
CA ILE A 62 2.26 -8.46 2.74
C ILE A 62 3.19 -7.40 3.33
N TYR A 63 2.64 -6.55 4.19
CA TYR A 63 3.42 -5.50 4.83
C TYR A 63 3.72 -5.84 6.28
N ILE A 64 5.00 -5.93 6.61
CA ILE A 64 5.43 -6.25 7.97
C ILE A 64 5.33 -5.03 8.88
N THR A 65 4.45 -5.11 9.87
CA THR A 65 4.27 -4.01 10.81
C THR A 65 3.43 -4.45 12.01
N PRO A 66 3.82 -3.96 13.21
CA PRO A 66 3.12 -4.29 14.45
C PRO A 66 1.73 -3.66 14.53
N SER A 67 0.70 -4.50 14.42
CA SER A 67 -0.68 -4.02 14.46
C SER A 67 -1.32 -4.33 15.82
N GLY A 68 -1.44 -3.30 16.64
CA GLY A 68 -2.04 -3.47 17.96
C GLY A 68 -3.23 -4.40 17.93
N PRO A 69 -4.41 -3.86 17.59
CA PRO A 69 -5.65 -4.63 17.52
C PRO A 69 -5.65 -5.63 16.36
N SER A 70 -6.76 -6.36 16.23
CA SER A 70 -6.88 -7.35 15.16
C SER A 70 -5.59 -8.14 15.00
N SER A 71 -4.97 -8.49 16.12
CA SER A 71 -3.72 -9.25 16.10
C SER A 71 -3.95 -10.68 16.59
N GLY A 72 -4.31 -11.57 15.68
CA GLY A 72 -4.55 -12.95 16.05
C GLY A 72 -5.76 -13.12 16.94
N GLY A 1 -1.17 22.83 8.17
CA GLY A 1 -1.45 21.83 7.15
C GLY A 1 -1.80 22.44 5.81
N SER A 2 -1.05 22.06 4.77
CA SER A 2 -1.28 22.58 3.43
C SER A 2 -1.96 21.54 2.54
N SER A 3 -2.46 21.99 1.39
CA SER A 3 -3.13 21.09 0.46
C SER A 3 -2.61 21.30 -0.96
N GLY A 4 -1.77 20.39 -1.41
CA GLY A 4 -1.20 20.49 -2.76
C GLY A 4 -1.35 19.21 -3.54
N SER A 5 -0.49 19.02 -4.55
CA SER A 5 -0.53 17.83 -5.38
C SER A 5 -0.21 16.58 -4.55
N SER A 6 0.81 16.68 -3.71
CA SER A 6 1.22 15.56 -2.87
C SER A 6 0.25 15.37 -1.71
N GLY A 7 -0.19 14.15 -1.50
CA GLY A 7 -1.11 13.86 -0.42
C GLY A 7 -1.73 12.47 -0.53
N PHE A 8 -2.19 12.12 -1.72
CA PHE A 8 -2.80 10.81 -1.95
C PHE A 8 -1.84 9.69 -1.58
N LEU A 9 -0.56 9.93 -1.79
CA LEU A 9 0.47 8.94 -1.48
C LEU A 9 0.60 8.74 0.02
N THR A 10 0.66 9.85 0.76
CA THR A 10 0.78 9.79 2.21
C THR A 10 -0.46 9.18 2.85
N GLU A 11 -1.63 9.62 2.39
CA GLU A 11 -2.89 9.10 2.92
C GLU A 11 -3.08 7.64 2.54
N PHE A 12 -2.61 7.28 1.35
CA PHE A 12 -2.73 5.91 0.86
C PHE A 12 -1.86 4.96 1.70
N ILE A 13 -0.62 5.34 1.91
CA ILE A 13 0.31 4.51 2.69
C ILE A 13 -0.18 4.35 4.12
N ASN A 14 -0.74 5.42 4.69
CA ASN A 14 -1.25 5.39 6.05
C ASN A 14 -2.26 4.25 6.23
N TYR A 15 -3.01 3.97 5.17
CA TYR A 15 -4.02 2.92 5.20
C TYR A 15 -3.37 1.55 5.38
N ILE A 16 -2.32 1.30 4.60
CA ILE A 16 -1.60 0.03 4.66
C ILE A 16 -0.89 -0.13 6.01
N LYS A 17 -0.24 0.94 6.45
CA LYS A 17 0.48 0.92 7.72
C LYS A 17 -0.43 0.49 8.87
N LYS A 18 -1.62 1.09 8.92
CA LYS A 18 -2.59 0.75 9.96
C LYS A 18 -3.18 -0.63 9.74
N SER A 19 -3.49 -0.94 8.49
CA SER A 19 -4.06 -2.24 8.15
C SER A 19 -3.03 -3.35 8.30
N LYS A 20 -3.39 -4.56 7.90
CA LYS A 20 -2.49 -5.71 8.00
C LYS A 20 -2.36 -6.41 6.64
N VAL A 21 -3.48 -6.95 6.15
CA VAL A 21 -3.48 -7.64 4.86
C VAL A 21 -4.25 -6.85 3.82
N VAL A 22 -3.54 -6.31 2.85
CA VAL A 22 -4.16 -5.53 1.77
C VAL A 22 -3.79 -6.09 0.41
N LEU A 23 -4.81 -6.39 -0.40
CA LEU A 23 -4.60 -6.92 -1.74
C LEU A 23 -4.67 -5.81 -2.79
N LEU A 24 -3.85 -5.92 -3.82
CA LEU A 24 -3.83 -4.93 -4.89
C LEU A 24 -5.22 -4.78 -5.51
N GLU A 25 -5.90 -5.90 -5.72
CA GLU A 25 -7.24 -5.88 -6.30
C GLU A 25 -8.23 -5.17 -5.37
N ASP A 26 -8.13 -5.47 -4.08
CA ASP A 26 -9.02 -4.86 -3.10
C ASP A 26 -8.73 -3.37 -2.96
N LEU A 27 -7.46 -3.01 -2.99
CA LEU A 27 -7.05 -1.61 -2.86
C LEU A 27 -7.52 -0.80 -4.07
N ALA A 28 -7.35 -1.37 -5.26
CA ALA A 28 -7.76 -0.71 -6.49
C ALA A 28 -9.27 -0.45 -6.50
N PHE A 29 -10.03 -1.48 -6.15
CA PHE A 29 -11.49 -1.36 -6.12
C PHE A 29 -11.94 -0.43 -5.02
N GLN A 30 -11.31 -0.54 -3.85
CA GLN A 30 -11.66 0.30 -2.71
C GLN A 30 -11.49 1.78 -3.06
N MET A 31 -10.37 2.11 -3.68
CA MET A 31 -10.09 3.49 -4.07
C MET A 31 -10.58 3.77 -5.49
N GLY A 32 -11.08 2.73 -6.15
CA GLY A 32 -11.58 2.88 -7.50
C GLY A 32 -10.49 2.71 -8.54
N LEU A 33 -9.30 3.23 -8.24
CA LEU A 33 -8.17 3.13 -9.15
C LEU A 33 -8.04 1.72 -9.71
N ARG A 34 -7.35 1.61 -10.84
CA ARG A 34 -7.14 0.31 -11.49
C ARG A 34 -6.11 -0.53 -10.73
N THR A 35 -6.17 -1.83 -10.92
CA THR A 35 -5.24 -2.74 -10.26
C THR A 35 -3.80 -2.46 -10.67
N GLN A 36 -3.59 -2.31 -11.97
CA GLN A 36 -2.25 -2.04 -12.50
C GLN A 36 -1.77 -0.66 -12.07
N ASP A 37 -2.69 0.30 -12.03
CA ASP A 37 -2.36 1.67 -11.63
C ASP A 37 -1.81 1.71 -10.21
N ALA A 38 -2.52 1.05 -9.29
CA ALA A 38 -2.11 1.01 -7.90
C ALA A 38 -0.77 0.29 -7.74
N ILE A 39 -0.60 -0.80 -8.48
CA ILE A 39 0.63 -1.58 -8.42
C ILE A 39 1.84 -0.73 -8.83
N ASN A 40 1.66 0.07 -9.87
CA ASN A 40 2.73 0.93 -10.36
C ASN A 40 3.23 1.86 -9.25
N ARG A 41 2.29 2.44 -8.51
CA ARG A 41 2.64 3.34 -7.41
C ARG A 41 3.28 2.58 -6.25
N ILE A 42 2.69 1.45 -5.90
CA ILE A 42 3.21 0.63 -4.82
C ILE A 42 4.63 0.16 -5.10
N GLN A 43 4.86 -0.31 -6.33
CA GLN A 43 6.17 -0.79 -6.73
C GLN A 43 7.22 0.30 -6.53
N ASP A 44 6.86 1.53 -6.83
CA ASP A 44 7.78 2.66 -6.69
C ASP A 44 8.13 2.89 -5.22
N LEU A 45 7.15 2.66 -4.35
CA LEU A 45 7.36 2.84 -2.91
C LEU A 45 8.34 1.80 -2.37
N LEU A 46 8.09 0.54 -2.68
CA LEU A 46 8.96 -0.55 -2.23
C LEU A 46 10.35 -0.42 -2.82
N THR A 47 10.44 0.12 -4.03
CA THR A 47 11.71 0.31 -4.70
C THR A 47 12.54 1.39 -4.02
N GLU A 48 11.92 2.53 -3.73
CA GLU A 48 12.60 3.63 -3.07
C GLU A 48 12.91 3.29 -1.62
N GLY A 49 12.19 2.32 -1.08
CA GLY A 49 12.39 1.92 0.30
C GLY A 49 11.27 2.38 1.21
N THR A 50 10.55 3.42 0.79
CA THR A 50 9.45 3.96 1.57
C THR A 50 8.66 2.85 2.26
N LEU A 51 8.54 1.71 1.58
CA LEU A 51 7.81 0.57 2.13
C LEU A 51 8.61 -0.72 1.93
N THR A 52 8.40 -1.67 2.83
CA THR A 52 9.09 -2.96 2.76
C THR A 52 8.10 -4.11 2.85
N GLY A 53 8.11 -4.97 1.82
CA GLY A 53 7.21 -6.10 1.80
C GLY A 53 7.57 -7.10 0.71
N VAL A 54 6.86 -8.23 0.69
CA VAL A 54 7.09 -9.26 -0.31
C VAL A 54 5.84 -9.52 -1.14
N ILE A 55 6.04 -10.08 -2.33
CA ILE A 55 4.93 -10.39 -3.22
C ILE A 55 4.95 -11.85 -3.65
N ASP A 56 3.79 -12.50 -3.60
CA ASP A 56 3.68 -13.90 -3.98
C ASP A 56 3.05 -14.03 -5.36
N ASP A 57 3.13 -15.23 -5.92
CA ASP A 57 2.56 -15.50 -7.25
C ASP A 57 1.13 -14.98 -7.34
N ARG A 58 0.48 -14.84 -6.18
CA ARG A 58 -0.90 -14.37 -6.13
C ARG A 58 -0.94 -12.84 -6.04
N GLY A 59 0.14 -12.20 -6.46
CA GLY A 59 0.21 -10.75 -6.42
C GLY A 59 -0.33 -10.18 -5.12
N LYS A 60 -0.09 -10.89 -4.02
CA LYS A 60 -0.55 -10.46 -2.71
C LYS A 60 0.49 -9.58 -2.02
N PHE A 61 0.03 -8.57 -1.28
CA PHE A 61 0.93 -7.68 -0.58
C PHE A 61 0.95 -7.99 0.91
N ILE A 62 2.16 -8.00 1.49
CA ILE A 62 2.33 -8.29 2.90
C ILE A 62 3.22 -7.26 3.58
N TYR A 63 2.64 -6.49 4.49
CA TYR A 63 3.39 -5.46 5.21
C TYR A 63 3.67 -5.89 6.64
N ILE A 64 4.92 -5.71 7.07
CA ILE A 64 5.32 -6.08 8.42
C ILE A 64 5.43 -4.85 9.31
N THR A 65 4.48 -4.71 10.25
CA THR A 65 4.47 -3.58 11.16
C THR A 65 4.24 -4.03 12.60
N PRO A 66 4.94 -3.40 13.55
CA PRO A 66 4.81 -3.72 14.97
C PRO A 66 3.47 -3.30 15.54
N SER A 67 2.74 -4.26 16.09
CA SER A 67 1.43 -3.99 16.69
C SER A 67 1.51 -3.92 18.20
N GLY A 68 2.18 -4.90 18.79
CA GLY A 68 2.31 -4.94 20.23
C GLY A 68 2.57 -6.34 20.76
N PRO A 69 1.47 -7.07 21.04
CA PRO A 69 1.55 -8.44 21.55
C PRO A 69 2.08 -9.43 20.51
N SER A 70 1.49 -9.38 19.31
CA SER A 70 1.90 -10.27 18.23
C SER A 70 2.89 -9.57 17.29
N SER A 71 3.60 -10.37 16.50
CA SER A 71 4.59 -9.83 15.56
C SER A 71 4.59 -10.63 14.27
N GLY A 72 4.95 -9.96 13.18
CA GLY A 72 4.99 -10.63 11.88
C GLY A 72 6.06 -11.70 11.82
N GLY A 1 -6.42 22.45 -7.75
CA GLY A 1 -5.05 22.52 -8.22
C GLY A 1 -4.05 22.59 -7.09
N SER A 2 -2.99 21.79 -7.20
CA SER A 2 -1.95 21.75 -6.17
C SER A 2 -0.64 21.21 -6.74
N SER A 3 0.46 21.89 -6.42
CA SER A 3 1.77 21.48 -6.89
C SER A 3 2.56 20.78 -5.79
N GLY A 4 3.22 19.69 -6.14
CA GLY A 4 4.01 18.94 -5.17
C GLY A 4 3.15 18.02 -4.33
N SER A 5 2.96 18.38 -3.07
CA SER A 5 2.16 17.57 -2.16
C SER A 5 0.74 17.37 -2.70
N SER A 6 0.18 16.19 -2.44
CA SER A 6 -1.15 15.86 -2.90
C SER A 6 -2.03 15.38 -1.75
N GLY A 7 -1.52 14.42 -0.99
CA GLY A 7 -2.27 13.90 0.13
C GLY A 7 -2.65 12.43 -0.05
N PHE A 8 -2.99 12.07 -1.28
CA PHE A 8 -3.37 10.69 -1.59
C PHE A 8 -2.23 9.73 -1.28
N LEU A 9 -1.01 10.17 -1.59
CA LEU A 9 0.17 9.34 -1.35
C LEU A 9 0.38 9.08 0.13
N THR A 10 0.28 10.15 0.93
CA THR A 10 0.45 10.05 2.37
C THR A 10 -0.67 9.22 2.99
N GLU A 11 -1.90 9.49 2.57
CA GLU A 11 -3.06 8.76 3.09
C GLU A 11 -3.00 7.30 2.71
N PHE A 12 -2.46 7.01 1.53
CA PHE A 12 -2.34 5.65 1.04
C PHE A 12 -1.38 4.85 1.91
N ILE A 13 -0.24 5.44 2.24
CA ILE A 13 0.76 4.79 3.06
C ILE A 13 0.23 4.51 4.46
N ASN A 14 -0.39 5.53 5.06
CA ASN A 14 -0.95 5.40 6.40
C ASN A 14 -1.93 4.22 6.48
N TYR A 15 -2.72 4.05 5.43
CA TYR A 15 -3.70 2.97 5.38
C TYR A 15 -3.00 1.61 5.37
N ILE A 16 -1.89 1.51 4.64
CA ILE A 16 -1.14 0.28 4.55
C ILE A 16 -0.54 -0.10 5.90
N LYS A 17 -0.09 0.90 6.65
CA LYS A 17 0.49 0.68 7.96
C LYS A 17 -0.49 -0.04 8.88
N LYS A 18 -1.71 0.48 8.96
CA LYS A 18 -2.74 -0.11 9.80
C LYS A 18 -3.24 -1.43 9.20
N SER A 19 -3.43 -1.44 7.89
CA SER A 19 -3.91 -2.63 7.20
C SER A 19 -2.84 -3.72 7.18
N LYS A 20 -3.09 -4.80 7.92
CA LYS A 20 -2.15 -5.91 7.99
C LYS A 20 -2.06 -6.63 6.65
N VAL A 21 -3.19 -6.82 6.00
CA VAL A 21 -3.24 -7.50 4.70
C VAL A 21 -4.00 -6.66 3.67
N VAL A 22 -3.28 -6.21 2.65
CA VAL A 22 -3.89 -5.40 1.60
C VAL A 22 -3.81 -6.11 0.25
N LEU A 23 -4.96 -6.24 -0.41
CA LEU A 23 -5.02 -6.89 -1.71
C LEU A 23 -5.02 -5.87 -2.84
N LEU A 24 -4.20 -6.12 -3.86
CA LEU A 24 -4.11 -5.22 -5.01
C LEU A 24 -5.47 -5.07 -5.70
N GLU A 25 -6.17 -6.18 -5.84
CA GLU A 25 -7.49 -6.17 -6.48
C GLU A 25 -8.48 -5.34 -5.68
N ASP A 26 -8.45 -5.49 -4.36
CA ASP A 26 -9.34 -4.75 -3.49
C ASP A 26 -8.89 -3.29 -3.36
N LEU A 27 -7.58 -3.07 -3.46
CA LEU A 27 -7.02 -1.73 -3.35
C LEU A 27 -7.49 -0.86 -4.51
N ALA A 28 -7.40 -1.39 -5.72
CA ALA A 28 -7.82 -0.66 -6.91
C ALA A 28 -9.31 -0.37 -6.88
N PHE A 29 -10.10 -1.35 -6.46
CA PHE A 29 -11.54 -1.21 -6.39
C PHE A 29 -11.94 -0.24 -5.28
N GLN A 30 -11.29 -0.38 -4.13
CA GLN A 30 -11.58 0.48 -2.98
C GLN A 30 -11.36 1.95 -3.34
N MET A 31 -10.24 2.22 -3.99
CA MET A 31 -9.90 3.59 -4.39
C MET A 31 -10.37 3.86 -5.82
N GLY A 32 -10.87 2.83 -6.48
CA GLY A 32 -11.33 2.98 -7.85
C GLY A 32 -10.22 2.84 -8.86
N LEU A 33 -9.07 3.45 -8.57
CA LEU A 33 -7.92 3.40 -9.46
C LEU A 33 -7.78 2.02 -10.08
N ARG A 34 -7.22 1.97 -11.29
CA ARG A 34 -7.03 0.71 -11.99
C ARG A 34 -6.12 -0.22 -11.20
N THR A 35 -6.18 -1.51 -11.51
CA THR A 35 -5.38 -2.51 -10.83
C THR A 35 -3.89 -2.25 -11.05
N GLN A 36 -3.50 -2.04 -12.30
CA GLN A 36 -2.11 -1.78 -12.64
C GLN A 36 -1.66 -0.43 -12.08
N ASP A 37 -2.54 0.55 -12.13
CA ASP A 37 -2.23 1.89 -11.64
C ASP A 37 -1.93 1.86 -10.15
N ALA A 38 -2.78 1.18 -9.38
CA ALA A 38 -2.60 1.07 -7.94
C ALA A 38 -1.32 0.31 -7.61
N ILE A 39 -1.09 -0.80 -8.31
CA ILE A 39 0.10 -1.60 -8.08
C ILE A 39 1.37 -0.81 -8.38
N ASN A 40 1.35 -0.05 -9.47
CA ASN A 40 2.49 0.75 -9.87
C ASN A 40 2.90 1.70 -8.76
N ARG A 41 1.91 2.16 -7.98
CA ARG A 41 2.17 3.08 -6.89
C ARG A 41 3.01 2.42 -5.80
N ILE A 42 2.61 1.22 -5.39
CA ILE A 42 3.32 0.48 -4.36
C ILE A 42 4.73 0.12 -4.83
N GLN A 43 4.85 -0.24 -6.10
CA GLN A 43 6.15 -0.60 -6.66
C GLN A 43 7.16 0.53 -6.46
N ASP A 44 6.73 1.76 -6.69
CA ASP A 44 7.60 2.92 -6.54
C ASP A 44 8.05 3.07 -5.09
N LEU A 45 7.16 2.72 -4.16
CA LEU A 45 7.45 2.83 -2.73
C LEU A 45 8.49 1.79 -2.33
N LEU A 46 8.28 0.54 -2.73
CA LEU A 46 9.19 -0.55 -2.40
C LEU A 46 10.54 -0.34 -3.08
N THR A 47 10.52 0.26 -4.27
CA THR A 47 11.73 0.51 -5.03
C THR A 47 12.56 1.62 -4.38
N GLU A 48 11.89 2.66 -3.91
CA GLU A 48 12.56 3.78 -3.26
C GLU A 48 12.94 3.43 -1.84
N GLY A 49 12.26 2.44 -1.27
CA GLY A 49 12.55 2.03 0.10
C GLY A 49 11.50 2.51 1.07
N THR A 50 10.78 3.56 0.70
CA THR A 50 9.73 4.12 1.55
C THR A 50 8.96 3.01 2.27
N LEU A 51 8.70 1.92 1.56
CA LEU A 51 7.98 0.79 2.13
C LEU A 51 8.71 -0.51 1.87
N THR A 52 8.52 -1.48 2.76
CA THR A 52 9.18 -2.78 2.64
C THR A 52 8.16 -3.91 2.77
N GLY A 53 8.15 -4.80 1.78
CA GLY A 53 7.23 -5.92 1.81
C GLY A 53 7.57 -6.98 0.79
N VAL A 54 6.84 -8.10 0.82
CA VAL A 54 7.08 -9.20 -0.11
C VAL A 54 5.80 -9.59 -0.83
N ILE A 55 5.93 -9.99 -2.09
CA ILE A 55 4.79 -10.39 -2.89
C ILE A 55 4.84 -11.89 -3.21
N ASP A 56 3.71 -12.57 -3.03
CA ASP A 56 3.62 -13.99 -3.31
C ASP A 56 3.04 -14.25 -4.69
N ASP A 57 3.09 -15.50 -5.12
CA ASP A 57 2.57 -15.89 -6.44
C ASP A 57 1.09 -15.55 -6.55
N ARG A 58 0.47 -15.23 -5.41
CA ARG A 58 -0.95 -14.90 -5.39
C ARG A 58 -1.15 -13.38 -5.50
N GLY A 59 -0.16 -12.70 -6.07
CA GLY A 59 -0.25 -11.26 -6.23
C GLY A 59 -0.76 -10.57 -4.97
N LYS A 60 -0.38 -11.09 -3.81
CA LYS A 60 -0.80 -10.52 -2.55
C LYS A 60 0.31 -9.65 -1.94
N PHE A 61 -0.10 -8.59 -1.25
CA PHE A 61 0.86 -7.68 -0.63
C PHE A 61 0.87 -7.86 0.88
N ILE A 62 2.05 -8.15 1.41
CA ILE A 62 2.21 -8.36 2.85
C ILE A 62 3.18 -7.34 3.46
N TYR A 63 2.66 -6.46 4.30
CA TYR A 63 3.48 -5.45 4.94
C TYR A 63 3.75 -5.80 6.40
N ILE A 64 4.99 -5.56 6.84
CA ILE A 64 5.38 -5.85 8.21
C ILE A 64 5.34 -4.59 9.07
N THR A 65 4.91 -4.75 10.32
CA THR A 65 4.83 -3.63 11.24
C THR A 65 4.63 -4.11 12.68
N PRO A 66 5.30 -3.43 13.62
CA PRO A 66 5.21 -3.77 15.05
C PRO A 66 3.84 -3.45 15.64
N SER A 67 3.68 -3.73 16.94
CA SER A 67 2.42 -3.47 17.62
C SER A 67 1.81 -2.16 17.16
N GLY A 68 0.60 -2.24 16.59
CA GLY A 68 -0.07 -1.04 16.11
C GLY A 68 -1.39 -0.80 16.82
N PRO A 69 -2.27 -0.01 16.19
CA PRO A 69 -3.59 0.32 16.74
C PRO A 69 -4.53 -0.88 16.75
N SER A 70 -4.02 -2.03 16.31
CA SER A 70 -4.81 -3.26 16.26
C SER A 70 -5.67 -3.39 17.51
N SER A 71 -6.76 -4.14 17.39
CA SER A 71 -7.68 -4.34 18.51
C SER A 71 -6.91 -4.42 19.83
N GLY A 72 -7.46 -3.79 20.87
CA GLY A 72 -6.82 -3.79 22.16
C GLY A 72 -7.49 -2.87 23.15
N GLY A 1 -5.91 25.53 3.63
CA GLY A 1 -4.90 26.50 4.01
C GLY A 1 -3.50 26.02 3.75
N SER A 2 -3.14 25.87 2.47
CA SER A 2 -1.82 25.41 2.09
C SER A 2 -1.39 24.22 2.95
N SER A 3 -2.32 23.31 3.21
CA SER A 3 -2.04 22.14 4.03
C SER A 3 -1.93 20.88 3.15
N GLY A 4 -1.22 21.02 2.02
CA GLY A 4 -1.04 19.89 1.13
C GLY A 4 -2.10 19.84 0.04
N SER A 5 -1.79 20.44 -1.10
CA SER A 5 -2.72 20.47 -2.23
C SER A 5 -3.37 19.10 -2.44
N SER A 6 -2.62 18.05 -2.12
CA SER A 6 -3.11 16.68 -2.26
C SER A 6 -2.13 15.68 -1.67
N GLY A 7 -2.55 15.02 -0.59
CA GLY A 7 -1.69 14.04 0.05
C GLY A 7 -2.16 12.63 -0.18
N PHE A 8 -2.30 12.25 -1.46
CA PHE A 8 -2.74 10.91 -1.82
C PHE A 8 -1.68 9.87 -1.44
N LEU A 9 -0.42 10.27 -1.52
CA LEU A 9 0.69 9.38 -1.19
C LEU A 9 0.71 9.07 0.30
N THR A 10 0.61 10.11 1.11
CA THR A 10 0.63 9.96 2.56
C THR A 10 -0.61 9.21 3.05
N GLU A 11 -1.77 9.60 2.54
CA GLU A 11 -3.02 8.96 2.93
C GLU A 11 -3.08 7.53 2.40
N PHE A 12 -2.48 7.30 1.24
CA PHE A 12 -2.46 5.97 0.65
C PHE A 12 -1.69 4.99 1.52
N ILE A 13 -0.55 5.42 2.03
CA ILE A 13 0.28 4.59 2.89
C ILE A 13 -0.38 4.33 4.23
N ASN A 14 -1.05 5.36 4.75
CA ASN A 14 -1.74 5.25 6.03
C ASN A 14 -2.69 4.06 6.05
N TYR A 15 -3.18 3.69 4.86
CA TYR A 15 -4.10 2.57 4.75
C TYR A 15 -3.34 1.24 4.82
N ILE A 16 -2.22 1.17 4.13
CA ILE A 16 -1.40 -0.04 4.11
C ILE A 16 -0.77 -0.30 5.47
N LYS A 17 -0.21 0.76 6.06
CA LYS A 17 0.44 0.66 7.36
C LYS A 17 -0.51 0.05 8.38
N LYS A 18 -1.72 0.60 8.46
CA LYS A 18 -2.72 0.11 9.40
C LYS A 18 -3.27 -1.24 8.96
N SER A 19 -3.52 -1.39 7.67
CA SER A 19 -4.05 -2.62 7.12
C SER A 19 -3.00 -3.72 7.16
N LYS A 20 -3.28 -4.78 7.93
CA LYS A 20 -2.36 -5.90 8.06
C LYS A 20 -2.11 -6.56 6.71
N VAL A 21 -3.19 -6.92 6.03
CA VAL A 21 -3.09 -7.56 4.72
C VAL A 21 -3.94 -6.83 3.68
N VAL A 22 -3.28 -6.29 2.67
CA VAL A 22 -3.98 -5.57 1.60
C VAL A 22 -3.79 -6.26 0.25
N LEU A 23 -4.89 -6.39 -0.48
CA LEU A 23 -4.86 -7.04 -1.79
C LEU A 23 -4.81 -6.00 -2.90
N LEU A 24 -4.03 -6.30 -3.94
CA LEU A 24 -3.88 -5.39 -5.08
C LEU A 24 -5.22 -5.23 -5.81
N GLU A 25 -5.93 -6.34 -5.98
CA GLU A 25 -7.21 -6.32 -6.67
C GLU A 25 -8.24 -5.51 -5.87
N ASP A 26 -8.25 -5.71 -4.56
CA ASP A 26 -9.18 -5.01 -3.69
C ASP A 26 -8.76 -3.55 -3.51
N LEU A 27 -7.45 -3.32 -3.48
CA LEU A 27 -6.92 -1.97 -3.31
C LEU A 27 -7.38 -1.05 -4.45
N ALA A 28 -7.45 -1.62 -5.65
CA ALA A 28 -7.87 -0.85 -6.82
C ALA A 28 -9.34 -0.44 -6.70
N PHE A 29 -10.19 -1.38 -6.32
CA PHE A 29 -11.61 -1.11 -6.16
C PHE A 29 -11.86 -0.20 -4.97
N GLN A 30 -11.14 -0.44 -3.89
CA GLN A 30 -11.28 0.35 -2.67
C GLN A 30 -11.12 1.84 -2.97
N MET A 31 -10.08 2.17 -3.73
CA MET A 31 -9.82 3.56 -4.09
C MET A 31 -10.34 3.87 -5.49
N GLY A 32 -10.79 2.84 -6.19
CA GLY A 32 -11.30 3.02 -7.53
C GLY A 32 -10.22 2.95 -8.58
N LEU A 33 -9.04 3.46 -8.25
CA LEU A 33 -7.91 3.45 -9.17
C LEU A 33 -7.81 2.12 -9.90
N ARG A 34 -7.02 2.08 -10.96
CA ARG A 34 -6.83 0.86 -11.75
C ARG A 34 -5.88 -0.08 -11.04
N THR A 35 -5.99 -1.37 -11.36
CA THR A 35 -5.15 -2.40 -10.75
C THR A 35 -3.68 -2.09 -10.99
N GLN A 36 -3.34 -1.77 -12.24
CA GLN A 36 -1.96 -1.46 -12.60
C GLN A 36 -1.51 -0.15 -11.96
N ASP A 37 -2.40 0.83 -11.97
CA ASP A 37 -2.11 2.14 -11.40
C ASP A 37 -1.75 2.02 -9.92
N ALA A 38 -2.56 1.27 -9.18
CA ALA A 38 -2.33 1.07 -7.75
C ALA A 38 -0.99 0.39 -7.50
N ILE A 39 -0.72 -0.67 -8.27
CA ILE A 39 0.53 -1.41 -8.13
C ILE A 39 1.73 -0.52 -8.41
N ASN A 40 1.62 0.32 -9.44
CA ASN A 40 2.70 1.23 -9.81
C ASN A 40 3.09 2.11 -8.64
N ARG A 41 2.10 2.57 -7.88
CA ARG A 41 2.34 3.42 -6.74
C ARG A 41 3.08 2.67 -5.64
N ILE A 42 2.61 1.47 -5.34
CA ILE A 42 3.23 0.64 -4.31
C ILE A 42 4.66 0.28 -4.68
N GLN A 43 4.84 -0.16 -5.92
CA GLN A 43 6.16 -0.54 -6.41
C GLN A 43 7.15 0.61 -6.27
N ASP A 44 6.69 1.83 -6.56
CA ASP A 44 7.53 3.02 -6.47
C ASP A 44 7.91 3.28 -5.02
N LEU A 45 6.94 3.19 -4.12
CA LEU A 45 7.19 3.43 -2.70
C LEU A 45 8.12 2.36 -2.12
N LEU A 46 7.85 1.11 -2.45
CA LEU A 46 8.66 0.00 -1.97
C LEU A 46 10.08 0.08 -2.51
N THR A 47 10.21 0.54 -3.76
CA THR A 47 11.51 0.68 -4.39
C THR A 47 12.39 1.66 -3.65
N GLU A 48 11.82 2.81 -3.30
CA GLU A 48 12.55 3.84 -2.57
C GLU A 48 12.82 3.41 -1.13
N GLY A 49 12.06 2.43 -0.66
CA GLY A 49 12.23 1.94 0.69
C GLY A 49 11.11 2.40 1.62
N THR A 50 10.35 3.39 1.18
CA THR A 50 9.26 3.92 1.98
C THR A 50 8.46 2.80 2.63
N LEU A 51 8.43 1.64 1.97
CA LEU A 51 7.71 0.48 2.49
C LEU A 51 8.47 -0.81 2.22
N THR A 52 8.19 -1.84 3.00
CA THR A 52 8.85 -3.14 2.84
C THR A 52 7.84 -4.27 2.87
N GLY A 53 7.82 -5.07 1.81
CA GLY A 53 6.90 -6.19 1.75
C GLY A 53 7.27 -7.19 0.67
N VAL A 54 6.58 -8.32 0.65
CA VAL A 54 6.85 -9.37 -0.33
C VAL A 54 5.57 -9.79 -1.05
N ILE A 55 5.71 -10.25 -2.29
CA ILE A 55 4.57 -10.70 -3.07
C ILE A 55 4.59 -12.21 -3.28
N ASP A 56 3.45 -12.85 -3.03
CA ASP A 56 3.35 -14.30 -3.19
C ASP A 56 2.75 -14.66 -4.55
N ASP A 57 2.70 -15.94 -4.85
CA ASP A 57 2.16 -16.41 -6.11
C ASP A 57 0.68 -16.05 -6.24
N ARG A 58 0.10 -15.57 -5.14
CA ARG A 58 -1.30 -15.17 -5.12
C ARG A 58 -1.44 -13.66 -5.32
N GLY A 59 -0.41 -13.04 -5.86
CA GLY A 59 -0.44 -11.60 -6.08
C GLY A 59 -0.87 -10.83 -4.85
N LYS A 60 -0.59 -11.39 -3.68
CA LYS A 60 -0.96 -10.75 -2.41
C LYS A 60 0.20 -9.91 -1.89
N PHE A 61 -0.12 -8.78 -1.27
CA PHE A 61 0.89 -7.90 -0.72
C PHE A 61 0.93 -7.99 0.81
N ILE A 62 2.09 -8.32 1.35
CA ILE A 62 2.25 -8.44 2.79
C ILE A 62 3.18 -7.37 3.33
N TYR A 63 2.66 -6.54 4.22
CA TYR A 63 3.44 -5.46 4.82
C TYR A 63 3.76 -5.77 6.28
N ILE A 64 5.05 -5.75 6.60
CA ILE A 64 5.50 -6.02 7.96
C ILE A 64 5.75 -4.73 8.73
N THR A 65 4.76 -4.32 9.52
CA THR A 65 4.87 -3.09 10.31
C THR A 65 5.77 -3.31 11.53
N PRO A 66 6.61 -2.31 11.83
CA PRO A 66 7.53 -2.37 12.98
C PRO A 66 6.80 -2.28 14.32
N SER A 67 7.34 -2.94 15.32
CA SER A 67 6.74 -2.95 16.65
C SER A 67 7.63 -2.23 17.66
N GLY A 68 8.95 -2.39 17.50
CA GLY A 68 9.89 -1.75 18.40
C GLY A 68 10.46 -2.72 19.42
N PRO A 69 10.98 -2.19 20.52
CA PRO A 69 11.58 -3.00 21.59
C PRO A 69 10.54 -3.81 22.35
N SER A 70 10.30 -5.03 21.89
CA SER A 70 9.32 -5.91 22.53
C SER A 70 9.51 -7.35 22.07
N SER A 71 9.08 -8.29 22.90
CA SER A 71 9.20 -9.71 22.58
C SER A 71 7.84 -10.38 22.55
N GLY A 72 7.66 -11.33 21.63
CA GLY A 72 6.40 -12.03 21.52
C GLY A 72 6.55 -13.53 21.71
#